data_6J9Q
#
_entry.id   6J9Q
#
_cell.length_a   62.598
_cell.length_b   123.149
_cell.length_c   154.223
_cell.angle_alpha   90.00
_cell.angle_beta   90.00
_cell.angle_gamma   90.00
#
_symmetry.space_group_name_H-M   'P 1 21 1'
#
loop_
_entity.id
_entity.type
_entity.pdbx_description
1 polymer 'Glycerol kinase'
2 non-polymer GLYCEROL
3 non-polymer 'PHOSPHOAMINOPHOSPHONIC ACID-ADENYLATE ESTER'
4 water water
#
_entity_poly.entity_id   1
_entity_poly.type   'polypeptide(L)'
_entity_poly.pdbx_seq_one_letter_code
;GIDPFTMKYVGSIDQGTTSTRFIIFDERQRPVSVHQVPHTQHTPHPGWLEHDPMEIFRSACKCMSVAIAKLRQKDASFRK
IEAIGITNQRETTVAWDRVTKEPLCYAPVWNDLRTYDITKKVTAELGGGDSMFASKITGLPVSTYFAAFKMRWMLENVPA
VADACRRGTLCFGTIDTWLMYKLSGGKAFVTDVTNASRTFLMDLRTRKWSPELCEKLKIPMETLPEIRSNSELFGYVETD
ECGVAAALNERTPIMGSIGDQQSALFGNMCFEKGEAKNTYGTGCFLLMNVGEEARFSKHGLLSTVGFQVGRDGPCYYALE
GAIACAGATVEWMRRNMNLFSHITECEKLARSVPGTQGIVFVPAFSGLLAPYWDPSARGTIVGMTLKTTRAHVIRAALQA
IALQLNDVVGSMKRDAGLNLSSLRVDGGLSKNGLLMEIQASLLGVDILVPSMHETTALGAALCAGLAAGVWTSLEEVKAV
SRRENSWKTVSPSGSAMEREAMIAEWREALKRTKWAKL
;
_entity_poly.pdbx_strand_id   A,B,C,D
#
# COMPACT_ATOMS: atom_id res chain seq x y z
N PHE A 5 4.23 19.83 -42.18
CA PHE A 5 3.07 19.28 -41.42
C PHE A 5 2.14 20.42 -40.94
N THR A 6 0.98 20.07 -40.36
CA THR A 6 0.00 21.04 -39.82
C THR A 6 0.20 21.41 -38.33
N MET A 7 -0.51 22.46 -37.88
CA MET A 7 -0.43 22.96 -36.48
C MET A 7 -0.80 21.87 -35.49
N LYS A 8 -0.07 21.84 -34.38
CA LYS A 8 -0.25 20.80 -33.37
C LYS A 8 -0.61 21.47 -32.06
N TYR A 9 -1.46 20.80 -31.28
CA TYR A 9 -1.95 21.29 -30.01
C TYR A 9 -1.99 20.18 -28.98
N VAL A 10 -1.70 20.58 -27.74
CA VAL A 10 -1.69 19.71 -26.59
C VAL A 10 -2.53 20.38 -25.51
N GLY A 11 -3.30 19.58 -24.80
CA GLY A 11 -4.20 20.08 -23.76
C GLY A 11 -3.70 19.74 -22.37
N SER A 12 -4.05 20.59 -21.39
CA SER A 12 -3.63 20.37 -20.01
C SER A 12 -4.77 20.64 -19.08
N ILE A 13 -5.16 19.62 -18.31
CA ILE A 13 -6.17 19.75 -17.26
C ILE A 13 -5.41 20.07 -15.99
N ASP A 14 -5.68 21.25 -15.42
CA ASP A 14 -4.99 21.74 -14.21
C ASP A 14 -5.94 21.74 -13.02
N GLN A 15 -5.94 20.66 -12.25
CA GLN A 15 -6.93 20.43 -11.22
C GLN A 15 -6.40 20.86 -9.84
N GLY A 16 -6.75 22.09 -9.46
CA GLY A 16 -6.25 22.69 -8.22
C GLY A 16 -7.11 22.43 -7.00
N THR A 17 -6.66 22.98 -5.88
CA THR A 17 -7.37 22.93 -4.62
C THR A 17 -8.72 23.67 -4.67
N THR A 18 -8.79 24.79 -5.36
CA THR A 18 -10.03 25.59 -5.40
C THR A 18 -10.71 25.70 -6.76
N SER A 19 -10.04 25.36 -7.86
CA SER A 19 -10.67 25.28 -9.17
C SER A 19 -9.92 24.33 -10.12
N THR A 20 -10.52 24.10 -11.28
CA THR A 20 -9.92 23.35 -12.37
C THR A 20 -9.86 24.25 -13.59
N ARG A 21 -8.76 24.18 -14.33
CA ARG A 21 -8.62 24.83 -15.62
C ARG A 21 -8.38 23.77 -16.65
N PHE A 22 -8.72 24.07 -17.90
CA PHE A 22 -8.14 23.39 -19.04
C PHE A 22 -7.41 24.45 -19.85
N ILE A 23 -6.17 24.16 -20.21
CA ILE A 23 -5.39 25.05 -21.09
C ILE A 23 -4.92 24.30 -22.33
N ILE A 24 -5.19 24.87 -23.50
CA ILE A 24 -4.71 24.30 -24.75
C ILE A 24 -3.45 25.06 -25.16
N PHE A 25 -2.34 24.35 -25.30
CA PHE A 25 -1.10 24.94 -25.82
C PHE A 25 -0.91 24.56 -27.29
N ASP A 26 -0.36 25.47 -28.10
CA ASP A 26 0.12 25.10 -29.44
C ASP A 26 1.55 24.55 -29.38
N GLU A 27 2.05 24.09 -30.53
CA GLU A 27 3.44 23.59 -30.65
C GLU A 27 4.53 24.59 -30.27
N ARG A 28 4.22 25.89 -30.15
CA ARG A 28 5.17 26.89 -29.65
C ARG A 28 5.13 27.08 -28.14
N GLN A 29 4.38 26.24 -27.44
CA GLN A 29 4.14 26.40 -25.99
C GLN A 29 3.44 27.73 -25.61
N ARG A 30 2.56 28.23 -26.48
CA ARG A 30 1.70 29.37 -26.19
C ARG A 30 0.36 28.86 -25.66
N PRO A 31 -0.12 29.41 -24.52
CA PRO A 31 -1.48 29.16 -24.08
C PRO A 31 -2.44 29.95 -24.95
N VAL A 32 -3.26 29.24 -25.72
CA VAL A 32 -4.13 29.86 -26.71
C VAL A 32 -5.62 29.68 -26.47
N SER A 33 -5.99 28.91 -25.45
CA SER A 33 -7.36 28.91 -24.99
C SER A 33 -7.34 28.41 -23.56
N VAL A 34 -8.26 28.91 -22.75
CA VAL A 34 -8.31 28.61 -21.33
C VAL A 34 -9.71 28.81 -20.76
N HIS A 35 -10.11 27.93 -19.86
CA HIS A 35 -11.35 28.12 -19.11
C HIS A 35 -11.18 27.53 -17.73
N GLN A 36 -11.93 28.08 -16.79
CA GLN A 36 -11.77 27.80 -15.38
C GLN A 36 -13.13 27.65 -14.70
N VAL A 37 -13.30 26.54 -13.96
CA VAL A 37 -14.50 26.27 -13.19
C VAL A 37 -14.10 25.90 -11.76
N PRO A 38 -14.63 26.63 -10.76
CA PRO A 38 -14.36 26.31 -9.36
C PRO A 38 -15.20 25.13 -8.88
N HIS A 39 -14.79 24.53 -7.76
CA HIS A 39 -15.55 23.43 -7.17
C HIS A 39 -15.68 23.75 -5.70
N THR A 40 -16.59 23.04 -5.03
CA THR A 40 -17.09 23.45 -3.72
C THR A 40 -16.12 23.00 -2.62
N GLN A 41 -15.80 23.94 -1.72
CA GLN A 41 -15.00 23.69 -0.53
C GLN A 41 -15.87 23.30 0.69
N HIS A 42 -16.09 22.00 0.87
CA HIS A 42 -16.87 21.47 2.00
C HIS A 42 -16.05 21.31 3.28
N THR A 43 -16.51 21.92 4.37
CA THR A 43 -15.82 21.88 5.67
C THR A 43 -16.77 21.47 6.81
N PRO A 44 -17.05 20.15 6.99
CA PRO A 44 -17.96 19.70 8.06
C PRO A 44 -17.59 20.09 9.49
N HIS A 45 -16.30 19.98 9.84
CA HIS A 45 -15.80 20.40 11.16
C HIS A 45 -14.58 21.31 11.02
N PRO A 46 -14.28 22.14 12.04
CA PRO A 46 -13.09 23.01 11.93
C PRO A 46 -11.83 22.17 11.73
N GLY A 47 -11.02 22.57 10.76
CA GLY A 47 -9.83 21.81 10.36
C GLY A 47 -10.08 20.84 9.21
N TRP A 48 -11.35 20.51 8.94
CA TRP A 48 -11.68 19.51 7.93
C TRP A 48 -11.99 20.19 6.60
N LEU A 49 -11.62 19.51 5.51
CA LEU A 49 -11.75 20.04 4.15
C LEU A 49 -11.87 18.87 3.17
N GLU A 50 -12.95 18.90 2.37
CA GLU A 50 -13.38 17.82 1.50
C GLU A 50 -13.71 18.35 0.12
N HIS A 51 -13.45 17.56 -0.92
CA HIS A 51 -13.94 17.85 -2.26
C HIS A 51 -14.87 16.79 -2.80
N ASP A 52 -15.88 17.22 -3.55
CA ASP A 52 -16.82 16.34 -4.22
C ASP A 52 -16.16 15.85 -5.51
N PRO A 53 -15.81 14.55 -5.60
CA PRO A 53 -15.03 14.09 -6.76
C PRO A 53 -15.75 14.13 -8.08
N MET A 54 -17.07 14.04 -8.05
CA MET A 54 -17.88 14.10 -9.27
C MET A 54 -18.00 15.52 -9.81
N GLU A 55 -18.06 16.49 -8.91
CA GLU A 55 -18.02 17.90 -9.26
C GLU A 55 -16.68 18.20 -9.94
N ILE A 56 -15.59 17.69 -9.38
CA ILE A 56 -14.26 17.91 -9.93
C ILE A 56 -14.15 17.36 -11.35
N PHE A 57 -14.61 16.13 -11.54
CA PHE A 57 -14.61 15.47 -12.85
C PHE A 57 -15.44 16.27 -13.85
N ARG A 58 -16.63 16.67 -13.41
CA ARG A 58 -17.51 17.51 -14.24
C ARG A 58 -16.90 18.85 -14.62
N SER A 59 -16.18 19.46 -13.68
CA SER A 59 -15.54 20.77 -13.92
C SER A 59 -14.52 20.65 -15.03
N ALA A 60 -13.68 19.61 -14.97
CA ALA A 60 -12.66 19.39 -15.99
C ALA A 60 -13.31 19.14 -17.34
N CYS A 61 -14.38 18.36 -17.35
CA CYS A 61 -15.13 18.14 -18.58
C CYS A 61 -15.72 19.43 -19.16
N LYS A 62 -16.26 20.30 -18.31
CA LYS A 62 -16.74 21.63 -18.78
C LYS A 62 -15.62 22.47 -19.37
N CYS A 63 -14.52 22.61 -18.61
CA CYS A 63 -13.35 23.35 -19.04
C CYS A 63 -12.86 22.88 -20.40
N MET A 64 -12.80 21.58 -20.58
CA MET A 64 -12.38 21.03 -21.84
C MET A 64 -13.24 21.48 -23.00
N SER A 65 -14.55 21.39 -22.85
CA SER A 65 -15.44 21.59 -23.99
C SER A 65 -15.65 23.06 -24.32
N VAL A 66 -15.53 23.91 -23.29
CA VAL A 66 -15.64 25.37 -23.45
C VAL A 66 -14.37 25.84 -24.13
N ALA A 67 -13.23 25.55 -23.52
CA ALA A 67 -11.92 25.93 -24.07
C ALA A 67 -11.70 25.46 -25.52
N ILE A 68 -12.17 24.26 -25.84
CA ILE A 68 -12.11 23.73 -27.23
C ILE A 68 -13.01 24.58 -28.14
N ALA A 69 -14.26 24.78 -27.76
CA ALA A 69 -15.20 25.64 -28.54
C ALA A 69 -14.67 27.06 -28.81
N LYS A 70 -14.15 27.70 -27.76
CA LYS A 70 -13.54 29.02 -27.91
C LYS A 70 -12.35 28.96 -28.87
N LEU A 71 -11.52 27.91 -28.79
CA LEU A 71 -10.38 27.77 -29.70
C LEU A 71 -10.82 27.64 -31.17
N ARG A 72 -11.75 26.74 -31.44
CA ARG A 72 -12.16 26.54 -32.84
C ARG A 72 -13.02 27.67 -33.41
N GLN A 73 -13.56 28.52 -32.54
CA GLN A 73 -14.24 29.74 -32.98
C GLN A 73 -13.25 30.84 -33.38
N LYS A 74 -12.02 30.75 -32.88
CA LYS A 74 -11.00 31.80 -33.09
C LYS A 74 -9.66 31.34 -33.74
N ASP A 75 -9.57 30.08 -34.16
CA ASP A 75 -8.34 29.51 -34.75
C ASP A 75 -8.79 28.48 -35.77
N ALA A 76 -8.77 28.85 -37.05
CA ALA A 76 -9.22 27.94 -38.12
C ALA A 76 -8.17 26.88 -38.49
N SER A 77 -6.97 26.95 -37.90
CA SER A 77 -5.95 25.90 -38.07
C SER A 77 -6.01 24.83 -37.00
N PHE A 78 -6.76 25.08 -35.93
CA PHE A 78 -6.98 24.10 -34.86
C PHE A 78 -7.96 23.00 -35.28
N ARG A 79 -7.42 21.81 -35.51
CA ARG A 79 -8.21 20.67 -35.99
C ARG A 79 -8.58 19.76 -34.81
N LYS A 80 -7.58 19.34 -34.03
CA LYS A 80 -7.78 18.47 -32.87
C LYS A 80 -6.73 18.70 -31.78
N ILE A 81 -6.90 18.02 -30.66
CA ILE A 81 -5.90 18.00 -29.58
C ILE A 81 -5.10 16.70 -29.74
N GLU A 82 -3.78 16.80 -29.69
CA GLU A 82 -2.93 15.65 -29.97
C GLU A 82 -2.90 14.69 -28.80
N ALA A 83 -2.79 15.25 -27.60
CA ALA A 83 -2.87 14.52 -26.35
C ALA A 83 -3.23 15.46 -25.22
N ILE A 84 -3.73 14.89 -24.12
CA ILE A 84 -4.05 15.61 -22.92
C ILE A 84 -3.08 15.19 -21.84
N GLY A 85 -2.61 16.15 -21.07
CA GLY A 85 -1.79 15.91 -19.88
C GLY A 85 -2.62 16.38 -18.70
N ILE A 86 -2.32 15.85 -17.51
CA ILE A 86 -3.06 16.18 -16.29
C ILE A 86 -2.09 16.60 -15.19
N THR A 87 -2.41 17.68 -14.51
CA THR A 87 -1.69 18.05 -13.30
C THR A 87 -2.70 18.35 -12.20
N ASN A 88 -2.30 18.09 -10.95
CA ASN A 88 -3.26 18.06 -9.84
C ASN A 88 -2.70 18.46 -8.49
N GLN A 89 -3.59 19.02 -7.67
CA GLN A 89 -3.44 19.04 -6.22
C GLN A 89 -3.06 17.66 -5.70
N ARG A 90 -1.87 17.55 -5.13
CA ARG A 90 -1.34 16.29 -4.62
C ARG A 90 -1.94 15.94 -3.27
N GLU A 91 -1.82 14.66 -2.89
CA GLU A 91 -2.18 14.12 -1.57
C GLU A 91 -3.65 13.96 -1.31
N THR A 92 -4.48 14.88 -1.81
CA THR A 92 -5.93 14.70 -1.88
C THR A 92 -6.28 13.27 -2.40
N THR A 93 -7.09 12.55 -1.62
CA THR A 93 -7.36 11.12 -1.88
C THR A 93 -8.85 10.83 -2.09
N VAL A 94 -9.15 10.10 -3.15
CA VAL A 94 -10.51 9.70 -3.50
C VAL A 94 -10.68 8.19 -3.29
N ALA A 95 -11.81 7.85 -2.70
CA ALA A 95 -12.22 6.48 -2.49
C ALA A 95 -13.46 6.29 -3.35
N TRP A 96 -13.39 5.35 -4.29
CA TRP A 96 -14.53 5.04 -5.14
C TRP A 96 -14.76 3.55 -5.37
N ASP A 97 -15.85 3.26 -6.09
CA ASP A 97 -16.33 1.91 -6.31
C ASP A 97 -16.04 1.43 -7.73
N ARG A 98 -15.46 0.24 -7.82
CA ARG A 98 -15.06 -0.41 -9.08
C ARG A 98 -16.23 -0.77 -10.00
N VAL A 99 -17.47 -0.80 -9.46
CA VAL A 99 -18.67 -1.17 -10.22
C VAL A 99 -19.68 -0.03 -10.36
N THR A 100 -19.95 0.74 -9.30
CA THR A 100 -20.77 1.95 -9.49
C THR A 100 -19.99 3.05 -10.23
N LYS A 101 -18.66 2.93 -10.29
CA LYS A 101 -17.75 3.86 -10.98
C LYS A 101 -17.85 5.27 -10.37
N GLU A 102 -17.96 5.30 -9.04
CA GLU A 102 -18.43 6.47 -8.31
C GLU A 102 -17.90 6.51 -6.87
N PRO A 103 -17.77 7.72 -6.27
CA PRO A 103 -17.23 7.77 -4.90
C PRO A 103 -18.12 7.14 -3.82
N LEU A 104 -17.48 6.66 -2.75
CA LEU A 104 -18.17 6.22 -1.54
C LEU A 104 -18.28 7.34 -0.53
N CYS A 105 -17.68 8.50 -0.83
CA CYS A 105 -17.70 9.68 0.04
C CYS A 105 -16.88 10.78 -0.63
N TYR A 106 -16.92 11.95 -0.04
CA TYR A 106 -16.05 13.05 -0.46
C TYR A 106 -14.57 12.77 -0.20
N ALA A 107 -13.72 13.55 -0.87
CA ALA A 107 -12.28 13.37 -0.84
C ALA A 107 -11.65 14.31 0.18
N PRO A 108 -11.03 13.75 1.25
CA PRO A 108 -10.23 14.59 2.13
C PRO A 108 -9.05 15.21 1.37
N VAL A 109 -8.85 16.50 1.59
CA VAL A 109 -7.94 17.32 0.80
C VAL A 109 -6.55 17.32 1.46
N TRP A 110 -5.51 17.59 0.67
CA TRP A 110 -4.11 17.62 1.17
C TRP A 110 -3.92 18.23 2.56
N ASN A 111 -4.46 19.44 2.79
CA ASN A 111 -4.26 20.16 4.08
C ASN A 111 -5.35 19.91 5.15
N ASP A 112 -6.25 18.95 4.88
CA ASP A 112 -7.23 18.47 5.88
C ASP A 112 -6.54 17.88 7.13
N LEU A 113 -7.05 18.19 8.32
CA LEU A 113 -6.48 17.72 9.60
C LEU A 113 -7.25 16.58 10.31
N ARG A 114 -8.20 15.92 9.65
CA ARG A 114 -8.96 14.82 10.31
C ARG A 114 -8.12 13.59 10.62
N THR A 115 -6.95 13.49 9.99
CA THR A 115 -6.02 12.39 10.21
C THR A 115 -5.04 12.63 11.35
N TYR A 116 -5.22 13.72 12.12
CA TYR A 116 -4.31 14.04 13.23
C TYR A 116 -4.13 12.88 14.20
N ASP A 117 -5.23 12.27 14.66
CA ASP A 117 -5.16 11.17 15.64
C ASP A 117 -4.43 9.93 15.09
N ILE A 118 -4.70 9.58 13.84
CA ILE A 118 -3.98 8.49 13.17
C ILE A 118 -2.48 8.79 13.04
N THR A 119 -2.15 10.06 12.82
CA THR A 119 -0.77 10.53 12.75
C THR A 119 0.00 10.34 14.08
N LYS A 120 -0.63 10.65 15.20
CA LYS A 120 -0.01 10.45 16.52
C LYS A 120 0.27 8.97 16.83
N LYS A 121 -0.66 8.11 16.42
CA LYS A 121 -0.58 6.69 16.75
C LYS A 121 0.36 5.91 15.85
N VAL A 122 0.44 6.26 14.57
CA VAL A 122 1.41 5.64 13.68
C VAL A 122 2.85 5.96 14.14
N THR A 123 3.09 7.23 14.52
CA THR A 123 4.40 7.65 15.04
C THR A 123 4.73 6.95 16.36
N ALA A 124 3.76 6.88 17.27
CA ALA A 124 3.95 6.18 18.53
C ALA A 124 4.10 4.66 18.34
N GLU A 125 3.13 4.03 17.68
CA GLU A 125 3.08 2.55 17.65
C GLU A 125 4.02 1.92 16.66
N LEU A 126 3.99 2.35 15.40
CA LEU A 126 4.92 1.84 14.38
C LEU A 126 6.26 2.55 14.40
N GLY A 127 6.29 3.83 14.77
CA GLY A 127 7.52 4.62 14.69
C GLY A 127 8.41 4.58 15.92
N GLY A 128 7.89 3.98 17.02
CA GLY A 128 8.55 4.02 18.34
C GLY A 128 8.79 5.42 18.89
N GLY A 129 7.95 6.39 18.48
CA GLY A 129 8.17 7.80 18.82
C GLY A 129 8.78 8.62 17.69
N ASP A 130 9.48 7.97 16.76
CA ASP A 130 10.12 8.64 15.62
C ASP A 130 9.19 8.75 14.41
N SER A 131 8.75 9.97 14.09
CA SER A 131 7.95 10.24 12.88
C SER A 131 8.73 10.11 11.55
N MET A 132 10.07 10.05 11.63
CA MET A 132 10.94 9.83 10.46
C MET A 132 11.29 8.37 10.23
N PHE A 133 10.56 7.45 10.86
CA PHE A 133 10.90 6.04 10.76
C PHE A 133 10.90 5.46 9.35
N ALA A 134 10.06 5.99 8.45
CA ALA A 134 9.97 5.49 7.06
C ALA A 134 10.57 6.43 6.01
N SER A 135 11.16 7.53 6.46
CA SER A 135 11.71 8.57 5.58
C SER A 135 12.75 8.10 4.60
N LYS A 136 13.50 7.05 4.91
CA LYS A 136 14.47 6.48 3.97
C LYS A 136 13.80 5.67 2.87
N ILE A 137 12.55 5.27 3.10
CA ILE A 137 11.75 4.53 2.10
C ILE A 137 10.85 5.51 1.32
N THR A 138 10.03 6.26 2.02
CA THR A 138 9.08 7.17 1.40
C THR A 138 9.65 8.52 0.92
N GLY A 139 10.71 8.98 1.59
CA GLY A 139 11.18 10.35 1.48
C GLY A 139 10.39 11.29 2.37
N LEU A 140 9.56 10.73 3.26
CA LEU A 140 8.50 11.50 3.94
C LEU A 140 8.41 11.23 5.45
N PRO A 141 8.01 12.25 6.22
CA PRO A 141 7.71 12.03 7.61
C PRO A 141 6.25 11.66 7.77
N VAL A 142 5.90 11.17 8.95
CA VAL A 142 4.52 10.83 9.25
C VAL A 142 3.79 12.15 9.42
N SER A 143 2.85 12.41 8.52
CA SER A 143 2.16 13.69 8.49
C SER A 143 0.70 13.53 8.05
N THR A 144 -0.10 14.54 8.37
CA THR A 144 -1.51 14.52 8.03
C THR A 144 -1.72 14.65 6.52
N TYR A 145 -0.77 15.25 5.84
CA TYR A 145 -0.84 15.46 4.39
C TYR A 145 -0.97 14.19 3.56
N PHE A 146 -0.17 13.18 3.86
CA PHE A 146 0.09 12.14 2.89
C PHE A 146 -1.06 11.12 2.73
N ALA A 147 -1.16 10.54 1.54
CA ALA A 147 -2.41 9.89 1.10
C ALA A 147 -2.90 8.72 1.95
N ALA A 148 -1.96 7.86 2.38
CA ALA A 148 -2.29 6.63 3.13
C ALA A 148 -3.06 6.86 4.41
N PHE A 149 -2.76 7.96 5.09
CA PHE A 149 -3.37 8.27 6.37
C PHE A 149 -4.81 8.76 6.15
N LYS A 150 -5.10 9.32 4.97
CA LYS A 150 -6.47 9.64 4.55
C LYS A 150 -7.21 8.36 4.11
N MET A 151 -6.50 7.41 3.49
CA MET A 151 -7.07 6.12 3.12
C MET A 151 -7.45 5.36 4.38
N ARG A 152 -6.50 5.30 5.30
CA ARG A 152 -6.69 4.68 6.61
C ARG A 152 -7.94 5.24 7.27
N TRP A 153 -8.07 6.57 7.30
CA TRP A 153 -9.21 7.25 7.94
C TRP A 153 -10.57 6.86 7.36
N MET A 154 -10.65 6.75 6.04
CA MET A 154 -11.90 6.43 5.37
C MET A 154 -12.38 5.03 5.75
N LEU A 155 -11.46 4.07 5.84
CA LEU A 155 -11.82 2.72 6.33
C LEU A 155 -12.29 2.73 7.81
N GLU A 156 -11.70 3.58 8.64
CA GLU A 156 -12.08 3.67 10.04
C GLU A 156 -13.26 4.59 10.34
N ASN A 157 -13.75 5.34 9.37
CA ASN A 157 -14.84 6.28 9.61
C ASN A 157 -15.99 6.32 8.59
N VAL A 158 -15.86 5.60 7.47
CA VAL A 158 -16.87 5.63 6.42
C VAL A 158 -17.27 4.18 6.18
N PRO A 159 -18.47 3.78 6.69
CA PRO A 159 -18.94 2.40 6.57
C PRO A 159 -18.88 1.89 5.13
N ALA A 160 -19.34 2.71 4.18
CA ALA A 160 -19.40 2.33 2.76
C ALA A 160 -18.04 2.07 2.10
N VAL A 161 -16.99 2.76 2.58
CA VAL A 161 -15.60 2.53 2.10
C VAL A 161 -15.11 1.21 2.69
N ALA A 162 -15.21 1.09 4.02
CA ALA A 162 -14.87 -0.15 4.74
C ALA A 162 -15.66 -1.35 4.21
N ASP A 163 -16.91 -1.09 3.81
CA ASP A 163 -17.76 -2.09 3.17
C ASP A 163 -17.11 -2.52 1.87
N ALA A 164 -16.95 -1.56 0.96
CA ALA A 164 -16.41 -1.82 -0.38
C ALA A 164 -15.01 -2.48 -0.36
N CYS A 165 -14.23 -2.18 0.68
CA CYS A 165 -12.95 -2.87 0.93
C CYS A 165 -13.18 -4.38 1.02
N ARG A 166 -14.14 -4.76 1.86
CA ARG A 166 -14.55 -6.17 2.07
C ARG A 166 -14.96 -6.90 0.79
N ARG A 167 -15.78 -6.22 -0.02
CA ARG A 167 -16.33 -6.82 -1.24
C ARG A 167 -15.32 -6.90 -2.42
N GLY A 168 -14.14 -6.29 -2.30
CA GLY A 168 -13.14 -6.29 -3.38
C GLY A 168 -13.42 -5.30 -4.50
N THR A 169 -14.18 -4.24 -4.19
CA THR A 169 -14.60 -3.24 -5.16
C THR A 169 -14.01 -1.84 -4.89
N LEU A 170 -13.09 -1.72 -3.94
CA LEU A 170 -12.61 -0.41 -3.50
C LEU A 170 -11.43 0.02 -4.32
N CYS A 171 -11.50 1.26 -4.80
CA CYS A 171 -10.38 1.96 -5.43
C CYS A 171 -10.04 3.21 -4.61
N PHE A 172 -8.80 3.28 -4.12
CA PHE A 172 -8.23 4.52 -3.59
C PHE A 172 -7.42 5.16 -4.71
N GLY A 173 -7.51 6.47 -4.86
CA GLY A 173 -6.69 7.16 -5.87
C GLY A 173 -6.49 8.62 -5.57
N THR A 174 -5.27 9.11 -5.81
CA THR A 174 -5.04 10.56 -5.89
C THR A 174 -5.74 11.12 -7.14
N ILE A 175 -5.88 12.44 -7.20
CA ILE A 175 -6.71 13.11 -8.24
C ILE A 175 -6.25 12.79 -9.67
N ASP A 176 -4.95 12.63 -9.90
CA ASP A 176 -4.51 12.11 -11.17
C ASP A 176 -5.25 10.80 -11.53
N THR A 177 -5.31 9.87 -10.58
CA THR A 177 -5.83 8.51 -10.79
C THR A 177 -7.33 8.58 -11.05
N TRP A 178 -8.02 9.24 -10.14
CA TRP A 178 -9.46 9.46 -10.24
C TRP A 178 -9.92 10.11 -11.54
N LEU A 179 -9.18 11.12 -11.99
CA LEU A 179 -9.49 11.85 -13.24
C LEU A 179 -9.27 10.93 -14.46
N MET A 180 -8.10 10.33 -14.57
CA MET A 180 -7.81 9.34 -15.63
C MET A 180 -8.76 8.13 -15.60
N TYR A 181 -9.28 7.79 -14.43
CA TYR A 181 -10.33 6.75 -14.32
C TYR A 181 -11.65 7.20 -14.99
N LYS A 182 -12.23 8.30 -14.52
CA LYS A 182 -13.50 8.76 -15.06
C LYS A 182 -13.40 9.32 -16.49
N LEU A 183 -12.24 9.85 -16.88
CA LEU A 183 -11.97 10.19 -18.30
C LEU A 183 -11.99 8.97 -19.20
N SER A 184 -11.43 7.86 -18.70
CA SER A 184 -11.37 6.58 -19.43
C SER A 184 -12.71 5.89 -19.63
N GLY A 185 -13.69 6.22 -18.79
CA GLY A 185 -14.90 5.45 -18.66
C GLY A 185 -14.74 4.28 -17.73
N GLY A 186 -13.68 4.28 -16.92
CA GLY A 186 -13.35 3.17 -16.03
C GLY A 186 -12.30 2.22 -16.56
N LYS A 187 -11.81 2.43 -17.78
CA LYS A 187 -10.78 1.54 -18.36
C LYS A 187 -9.34 1.67 -17.83
N ALA A 188 -9.00 2.76 -17.13
CA ALA A 188 -7.61 2.97 -16.67
C ALA A 188 -7.52 3.23 -15.17
N PHE A 189 -6.63 2.47 -14.52
CA PHE A 189 -6.36 2.61 -13.09
C PHE A 189 -4.84 2.74 -12.88
N VAL A 190 -4.38 3.97 -13.11
CA VAL A 190 -2.96 4.33 -13.18
C VAL A 190 -2.63 5.52 -12.27
N THR A 191 -1.38 5.62 -11.89
CA THR A 191 -0.86 6.82 -11.25
C THR A 191 0.54 7.03 -11.75
N ASP A 192 0.98 8.29 -11.75
CA ASP A 192 2.36 8.61 -12.13
C ASP A 192 3.26 8.56 -10.89
N VAL A 193 4.55 8.33 -11.10
CA VAL A 193 5.50 8.29 -10.01
C VAL A 193 5.42 9.49 -9.04
N THR A 194 5.20 10.71 -9.55
CA THR A 194 5.27 11.90 -8.69
C THR A 194 4.12 11.92 -7.71
N ASN A 195 2.92 11.66 -8.21
CA ASN A 195 1.76 11.49 -7.32
C ASN A 195 1.90 10.32 -6.35
N ALA A 196 2.32 9.17 -6.87
CA ALA A 196 2.62 7.95 -6.06
C ALA A 196 3.56 8.22 -4.89
N SER A 197 4.56 9.07 -5.11
CA SER A 197 5.55 9.44 -4.10
C SER A 197 5.01 10.28 -2.95
N ARG A 198 3.71 10.61 -2.97
CA ARG A 198 3.07 11.44 -1.93
C ARG A 198 2.04 10.70 -1.11
N THR A 199 2.09 9.36 -1.20
CA THR A 199 1.12 8.51 -0.56
C THR A 199 1.59 7.99 0.79
N PHE A 200 2.91 7.95 1.02
CA PHE A 200 3.53 7.23 2.13
C PHE A 200 3.49 5.68 1.92
N LEU A 201 3.14 5.23 0.71
CA LEU A 201 3.10 3.81 0.38
C LEU A 201 4.07 3.40 -0.71
N MET A 202 4.82 4.34 -1.28
CA MET A 202 5.76 4.03 -2.36
C MET A 202 7.18 4.03 -1.81
N ASP A 203 8.02 3.24 -2.45
CA ASP A 203 9.43 3.16 -2.12
C ASP A 203 10.15 4.00 -3.18
N LEU A 204 10.95 4.98 -2.74
CA LEU A 204 11.69 5.86 -3.67
C LEU A 204 12.75 5.13 -4.49
N ARG A 205 13.42 4.14 -3.89
CA ARG A 205 14.49 3.38 -4.56
C ARG A 205 13.99 2.51 -5.76
N THR A 206 12.82 1.91 -5.59
CA THR A 206 12.19 1.08 -6.63
C THR A 206 11.13 1.85 -7.45
N ARG A 207 10.56 2.89 -6.85
CA ARG A 207 9.39 3.60 -7.39
C ARG A 207 8.25 2.63 -7.54
N LYS A 208 8.11 1.76 -6.55
CA LYS A 208 7.08 0.72 -6.54
C LYS A 208 6.42 0.74 -5.20
N TRP A 209 5.21 0.21 -5.14
CA TRP A 209 4.52 0.10 -3.88
C TRP A 209 5.37 -0.76 -2.94
N SER A 210 5.39 -0.35 -1.67
CA SER A 210 6.12 -1.04 -0.60
C SER A 210 5.16 -1.99 0.07
N PRO A 211 5.36 -3.31 -0.10
CA PRO A 211 4.47 -4.27 0.58
C PRO A 211 4.48 -4.10 2.11
N GLU A 212 5.66 -3.86 2.68
CA GLU A 212 5.82 -3.64 4.13
C GLU A 212 4.91 -2.54 4.63
N LEU A 213 5.08 -1.34 4.09
CA LEU A 213 4.36 -0.16 4.54
C LEU A 213 2.85 -0.29 4.34
N CYS A 214 2.44 -0.83 3.19
CA CYS A 214 1.04 -1.21 3.01
C CYS A 214 0.52 -2.13 4.11
N GLU A 215 1.32 -3.14 4.45
CA GLU A 215 0.99 -4.09 5.50
C GLU A 215 0.91 -3.39 6.85
N LYS A 216 1.98 -2.71 7.26
CA LYS A 216 1.99 -2.06 8.58
C LYS A 216 0.89 -0.98 8.73
N LEU A 217 0.56 -0.28 7.62
CA LEU A 217 -0.56 0.70 7.60
C LEU A 217 -1.93 0.10 7.22
N LYS A 218 -1.96 -1.20 6.93
CA LYS A 218 -3.20 -1.96 6.80
C LYS A 218 -4.03 -1.38 5.67
N ILE A 219 -3.39 -1.25 4.51
CA ILE A 219 -4.02 -0.73 3.29
C ILE A 219 -3.76 -1.81 2.26
N PRO A 220 -4.83 -2.45 1.74
CA PRO A 220 -4.68 -3.57 0.81
C PRO A 220 -4.12 -3.11 -0.54
N MET A 221 -3.11 -3.81 -1.04
CA MET A 221 -2.50 -3.44 -2.32
C MET A 221 -3.42 -3.46 -3.54
N GLU A 222 -4.56 -4.15 -3.46
CA GLU A 222 -5.46 -4.26 -4.61
C GLU A 222 -6.20 -2.94 -4.83
N THR A 223 -6.55 -2.26 -3.73
CA THR A 223 -7.11 -0.90 -3.79
C THR A 223 -6.23 0.12 -4.54
N LEU A 224 -4.92 -0.09 -4.60
CA LEU A 224 -4.02 0.86 -5.24
C LEU A 224 -3.94 0.69 -6.76
N PRO A 225 -3.66 1.77 -7.50
CA PRO A 225 -3.44 1.70 -8.93
C PRO A 225 -2.00 1.37 -9.30
N GLU A 226 -1.77 1.22 -10.60
CA GLU A 226 -0.47 0.88 -11.15
C GLU A 226 0.38 2.15 -11.39
N ILE A 227 1.64 2.09 -10.96
CA ILE A 227 2.54 3.21 -11.08
C ILE A 227 3.21 3.23 -12.44
N ARG A 228 3.08 4.36 -13.14
CA ARG A 228 3.71 4.56 -14.43
C ARG A 228 4.51 5.85 -14.37
N SER A 229 5.18 6.19 -15.45
CA SER A 229 5.94 7.45 -15.51
C SER A 229 5.01 8.69 -15.60
N ASN A 230 5.60 9.87 -15.81
CA ASN A 230 4.86 11.10 -16.07
C ASN A 230 4.43 11.29 -17.50
N SER A 231 5.17 10.69 -18.42
CA SER A 231 4.97 10.90 -19.86
C SER A 231 5.02 9.53 -20.56
N GLU A 232 3.85 9.10 -21.04
CA GLU A 232 3.60 7.85 -21.79
C GLU A 232 2.07 7.70 -21.96
N LEU A 233 1.61 6.67 -22.65
CA LEU A 233 0.19 6.46 -22.86
C LEU A 233 -0.47 5.95 -21.61
N PHE A 234 -1.40 6.72 -21.04
CA PHE A 234 -2.19 6.27 -19.88
C PHE A 234 -3.55 5.71 -20.25
N GLY A 235 -4.03 6.01 -21.45
CA GLY A 235 -5.40 5.68 -21.84
C GLY A 235 -5.97 6.68 -22.83
N TYR A 236 -7.29 6.68 -22.97
CA TYR A 236 -7.98 7.60 -23.87
C TYR A 236 -9.16 8.27 -23.16
N VAL A 237 -9.58 9.42 -23.67
CA VAL A 237 -10.85 10.06 -23.26
C VAL A 237 -12.00 9.37 -24.01
N GLU A 238 -12.99 8.88 -23.27
CA GLU A 238 -14.07 8.07 -23.79
C GLU A 238 -15.32 8.32 -22.96
N THR A 239 -15.72 9.57 -22.85
CA THR A 239 -16.79 9.96 -21.93
C THR A 239 -17.51 11.17 -22.51
N ASP A 240 -18.83 11.18 -22.38
CA ASP A 240 -19.65 12.26 -22.90
C ASP A 240 -20.28 12.92 -21.70
N GLU A 241 -19.44 13.53 -20.86
CA GLU A 241 -19.91 14.06 -19.58
C GLU A 241 -20.42 15.51 -19.71
N CYS A 242 -19.72 16.34 -20.48
CA CYS A 242 -20.27 17.66 -20.86
C CYS A 242 -19.99 17.87 -22.33
N GLY A 243 -20.18 16.81 -23.12
CA GLY A 243 -19.88 16.84 -24.54
C GLY A 243 -18.40 16.99 -24.81
N VAL A 244 -17.59 16.36 -23.97
CA VAL A 244 -16.14 16.50 -24.07
C VAL A 244 -15.57 15.67 -25.21
N ALA A 245 -16.12 14.47 -25.44
CA ALA A 245 -15.75 13.66 -26.62
C ALA A 245 -16.37 14.22 -27.92
N ALA A 246 -17.49 14.93 -27.78
CA ALA A 246 -18.08 15.68 -28.89
C ALA A 246 -17.19 16.86 -29.28
N ALA A 247 -16.64 17.55 -28.28
CA ALA A 247 -15.74 18.70 -28.49
C ALA A 247 -14.39 18.25 -29.05
N LEU A 248 -13.83 17.22 -28.44
CA LEU A 248 -12.58 16.64 -28.89
C LEU A 248 -12.68 16.06 -30.29
N ASN A 249 -13.89 15.64 -30.69
CA ASN A 249 -14.22 15.18 -32.05
C ASN A 249 -13.59 13.83 -32.39
N GLU A 250 -12.26 13.79 -32.44
CA GLU A 250 -11.50 12.57 -32.71
C GLU A 250 -11.09 11.91 -31.38
N ARG A 251 -10.48 10.73 -31.50
CA ARG A 251 -10.05 9.94 -30.34
C ARG A 251 -8.77 10.55 -29.78
N THR A 252 -8.80 10.98 -28.52
CA THR A 252 -7.70 11.76 -27.91
C THR A 252 -7.05 11.00 -26.73
N PRO A 253 -5.76 10.64 -26.85
CA PRO A 253 -5.07 9.91 -25.79
C PRO A 253 -4.64 10.79 -24.63
N ILE A 254 -4.70 10.24 -23.42
CA ILE A 254 -4.17 10.88 -22.24
C ILE A 254 -2.74 10.38 -22.10
N MET A 255 -1.77 11.26 -22.32
CA MET A 255 -0.35 10.87 -22.39
C MET A 255 0.57 11.62 -21.42
N GLY A 256 0.00 12.26 -20.41
CA GLY A 256 0.76 13.08 -19.44
C GLY A 256 0.05 13.12 -18.11
N SER A 257 0.80 12.94 -17.03
CA SER A 257 0.25 13.01 -15.68
C SER A 257 1.37 13.35 -14.69
N ILE A 258 1.21 14.45 -13.96
CA ILE A 258 2.26 14.93 -13.07
C ILE A 258 1.65 15.77 -11.93
N GLY A 259 2.11 15.54 -10.70
CA GLY A 259 1.66 16.35 -9.55
C GLY A 259 2.07 17.82 -9.71
N ASP A 260 1.23 18.73 -9.20
CA ASP A 260 1.34 20.18 -9.52
C ASP A 260 2.70 20.80 -9.27
N GLN A 261 3.30 20.61 -8.10
CA GLN A 261 4.59 21.25 -7.84
C GLN A 261 5.65 20.70 -8.78
N GLN A 262 5.65 19.37 -8.96
CA GLN A 262 6.54 18.73 -9.92
C GLN A 262 6.29 19.25 -11.34
N SER A 263 5.01 19.52 -11.65
CA SER A 263 4.64 20.08 -12.94
C SER A 263 5.26 21.45 -13.15
N ALA A 264 5.23 22.29 -12.13
CA ALA A 264 5.94 23.59 -12.21
C ALA A 264 7.46 23.41 -12.37
N LEU A 265 8.03 22.41 -11.70
CA LEU A 265 9.46 22.07 -11.92
C LEU A 265 9.74 21.77 -13.40
N PHE A 266 8.93 20.89 -13.94
CA PHE A 266 9.07 20.45 -15.32
C PHE A 266 8.77 21.54 -16.34
N GLY A 267 7.69 22.30 -16.15
CA GLY A 267 7.37 23.42 -17.04
C GLY A 267 8.34 24.62 -16.99
N ASN A 268 9.13 24.72 -15.92
CA ASN A 268 10.22 25.67 -15.85
C ASN A 268 11.56 25.13 -16.38
N MET A 269 11.54 23.98 -17.06
CA MET A 269 12.73 23.40 -17.69
C MET A 269 13.85 23.05 -16.68
N CYS A 270 13.49 22.73 -15.43
CA CYS A 270 14.48 22.36 -14.41
C CYS A 270 14.97 20.89 -14.59
N PHE A 271 15.62 20.63 -15.72
CA PHE A 271 15.94 19.26 -16.13
C PHE A 271 17.26 18.77 -15.59
N GLU A 272 18.26 19.65 -15.49
CA GLU A 272 19.58 19.34 -14.91
C GLU A 272 19.52 19.43 -13.41
N LYS A 273 20.36 18.64 -12.73
CA LYS A 273 20.48 18.73 -11.26
C LYS A 273 21.06 20.08 -10.86
N GLY A 274 20.50 20.65 -9.78
CA GLY A 274 20.88 21.97 -9.32
C GLY A 274 19.96 23.08 -9.82
N GLU A 275 19.03 22.74 -10.72
CA GLU A 275 17.99 23.67 -11.16
C GLU A 275 16.77 23.54 -10.23
N ALA A 276 16.14 24.67 -9.93
CA ALA A 276 15.04 24.71 -8.98
C ALA A 276 13.97 25.66 -9.43
N LYS A 277 12.74 25.40 -9.01
CA LYS A 277 11.64 26.35 -9.15
C LYS A 277 11.16 26.74 -7.76
N ASN A 278 10.68 27.97 -7.65
CA ASN A 278 9.84 28.39 -6.53
C ASN A 278 8.55 28.97 -7.06
N THR A 279 7.43 28.52 -6.50
CA THR A 279 6.15 29.16 -6.75
C THR A 279 5.83 30.13 -5.62
N TYR A 280 5.87 31.43 -5.93
CA TYR A 280 5.48 32.48 -4.98
C TYR A 280 3.97 32.66 -5.04
N GLY A 281 3.25 31.84 -4.26
CA GLY A 281 1.78 31.87 -4.16
C GLY A 281 1.32 32.44 -2.83
N THR A 282 0.29 31.84 -2.24
CA THR A 282 -0.16 32.17 -0.88
C THR A 282 0.95 31.76 0.10
N GLY A 283 1.41 30.53 -0.04
CA GLY A 283 2.69 30.12 0.51
C GLY A 283 3.68 29.93 -0.62
N CYS A 284 4.83 29.36 -0.27
CA CYS A 284 5.88 29.03 -1.22
C CYS A 284 6.14 27.52 -1.21
N PHE A 285 6.31 26.95 -2.40
CA PHE A 285 6.77 25.59 -2.55
C PHE A 285 7.99 25.71 -3.41
N LEU A 286 9.16 25.36 -2.85
CA LEU A 286 10.41 25.32 -3.63
C LEU A 286 10.77 23.87 -3.87
N LEU A 287 10.99 23.52 -5.14
CA LEU A 287 11.56 22.23 -5.54
C LEU A 287 12.89 22.41 -6.27
N MET A 288 13.90 21.64 -5.88
CA MET A 288 15.15 21.56 -6.63
C MET A 288 15.41 20.15 -7.16
N ASN A 289 15.68 20.04 -8.46
CA ASN A 289 16.16 18.82 -9.10
C ASN A 289 17.54 18.43 -8.53
N VAL A 290 17.60 17.33 -7.78
CA VAL A 290 18.85 16.82 -7.19
C VAL A 290 19.52 15.72 -8.00
N GLY A 291 19.08 15.49 -9.24
CA GLY A 291 19.65 14.45 -10.11
C GLY A 291 19.10 13.04 -9.93
N GLU A 292 19.75 12.06 -10.55
CA GLU A 292 19.19 10.71 -10.67
C GLU A 292 19.24 9.88 -9.40
N GLU A 293 20.09 10.29 -8.45
CA GLU A 293 20.21 9.61 -7.17
C GLU A 293 19.38 10.40 -6.19
N ALA A 294 18.43 9.73 -5.56
CA ALA A 294 17.64 10.28 -4.45
C ALA A 294 18.54 10.84 -3.35
N ARG A 295 18.04 11.87 -2.67
CA ARG A 295 18.74 12.53 -1.58
C ARG A 295 17.80 12.76 -0.43
N PHE A 296 18.31 12.53 0.77
CA PHE A 296 17.54 12.62 1.98
C PHE A 296 17.98 13.82 2.83
N SER A 297 17.03 14.33 3.61
CA SER A 297 17.16 15.59 4.33
C SER A 297 17.48 15.31 5.78
N LYS A 298 18.48 16.01 6.32
CA LYS A 298 18.73 16.03 7.78
C LYS A 298 18.00 17.20 8.45
N HIS A 299 17.26 17.99 7.67
CA HIS A 299 16.65 19.24 8.11
C HIS A 299 15.13 19.22 7.90
N GLY A 300 14.54 18.03 7.78
CA GLY A 300 13.08 17.91 7.65
C GLY A 300 12.47 18.27 6.30
N LEU A 301 13.29 18.58 5.30
CA LEU A 301 12.77 18.80 3.95
C LEU A 301 12.27 17.47 3.39
N LEU A 302 11.36 17.52 2.43
CA LEU A 302 10.86 16.29 1.83
C LEU A 302 11.72 15.87 0.63
N SER A 303 11.95 14.56 0.49
CA SER A 303 12.55 13.97 -0.71
C SER A 303 11.40 13.41 -1.50
N THR A 304 11.46 13.55 -2.82
CA THR A 304 10.35 13.17 -3.68
C THR A 304 10.85 13.00 -5.11
N VAL A 305 9.98 12.54 -5.99
CA VAL A 305 10.32 12.36 -7.39
C VAL A 305 10.05 13.69 -8.10
N GLY A 306 11.04 14.18 -8.85
CA GLY A 306 10.90 15.36 -9.64
C GLY A 306 10.13 15.01 -10.88
N PHE A 307 10.74 14.22 -11.76
CA PHE A 307 10.06 13.73 -12.96
C PHE A 307 10.66 12.45 -13.57
N GLN A 308 9.91 11.86 -14.51
CA GLN A 308 10.31 10.64 -15.19
C GLN A 308 9.64 10.64 -16.58
N VAL A 309 10.44 10.79 -17.62
CA VAL A 309 9.93 10.88 -18.98
C VAL A 309 10.11 9.55 -19.65
N GLY A 310 9.01 8.84 -19.87
CA GLY A 310 9.02 7.51 -20.46
C GLY A 310 8.90 6.42 -19.41
N ARG A 311 8.19 5.35 -19.75
CA ARG A 311 8.05 4.19 -18.86
C ARG A 311 9.42 3.58 -18.61
N ASP A 312 9.76 3.42 -17.32
CA ASP A 312 11.10 3.04 -16.85
C ASP A 312 12.24 3.91 -17.45
N GLY A 313 11.94 5.18 -17.74
CA GLY A 313 12.93 6.15 -18.29
C GLY A 313 13.72 6.74 -17.13
N PRO A 314 14.70 7.61 -17.42
CA PRO A 314 15.46 8.25 -16.34
C PRO A 314 14.51 8.97 -15.37
N CYS A 315 14.77 8.80 -14.09
CA CYS A 315 13.92 9.34 -13.05
C CYS A 315 14.76 10.28 -12.24
N TYR A 316 14.42 11.57 -12.31
CA TYR A 316 15.08 12.62 -11.55
C TYR A 316 14.33 12.86 -10.24
N TYR A 317 15.07 12.77 -9.14
CA TYR A 317 14.53 13.05 -7.81
C TYR A 317 14.65 14.55 -7.47
N ALA A 318 13.96 14.95 -6.41
CA ALA A 318 13.96 16.32 -5.96
C ALA A 318 13.86 16.40 -4.45
N LEU A 319 14.14 17.60 -3.95
CA LEU A 319 13.87 17.97 -2.57
C LEU A 319 12.87 19.12 -2.65
N GLU A 320 12.08 19.25 -1.61
CA GLU A 320 10.94 20.12 -1.58
C GLU A 320 10.85 20.77 -0.19
N GLY A 321 10.59 22.06 -0.17
CA GLY A 321 10.40 22.79 1.08
C GLY A 321 9.29 23.78 0.87
N ALA A 322 8.73 24.28 1.96
CA ALA A 322 7.61 25.22 1.90
C ALA A 322 7.74 26.35 2.93
N ILE A 323 7.31 27.56 2.58
CA ILE A 323 6.97 28.58 3.59
C ILE A 323 5.46 28.80 3.50
N ALA A 324 4.81 28.98 4.64
CA ALA A 324 3.34 28.98 4.72
C ALA A 324 2.73 30.31 4.34
N CYS A 325 3.38 31.40 4.75
CA CYS A 325 2.83 32.76 4.53
C CYS A 325 3.75 33.65 3.67
N ALA A 326 3.57 33.55 2.35
CA ALA A 326 4.24 34.43 1.41
C ALA A 326 3.25 35.48 0.93
N GLY A 327 2.34 35.09 0.02
CA GLY A 327 1.29 35.98 -0.46
C GLY A 327 0.29 36.30 0.63
N ALA A 328 0.02 35.32 1.50
CA ALA A 328 -0.80 35.58 2.70
C ALA A 328 -0.29 36.77 3.51
N THR A 329 1.03 36.87 3.68
CA THR A 329 1.66 37.98 4.45
C THR A 329 1.46 39.30 3.76
N VAL A 330 1.51 39.29 2.44
CA VAL A 330 1.25 40.49 1.67
C VAL A 330 -0.20 40.90 1.83
N GLU A 331 -1.09 39.91 1.80
CA GLU A 331 -2.54 40.12 1.94
C GLU A 331 -2.88 40.65 3.34
N TRP A 332 -2.26 40.06 4.37
CA TRP A 332 -2.39 40.50 5.76
C TRP A 332 -2.00 41.97 5.97
N MET A 333 -1.01 42.44 5.23
CA MET A 333 -0.59 43.83 5.35
C MET A 333 -1.63 44.78 4.74
N ARG A 334 -2.29 44.34 3.68
CA ARG A 334 -3.33 45.10 3.03
C ARG A 334 -4.62 45.09 3.87
N ARG A 335 -5.23 43.92 4.05
CA ARG A 335 -6.54 43.87 4.71
C ARG A 335 -6.48 44.12 6.22
N ASN A 336 -5.71 43.33 6.95
CA ASN A 336 -5.73 43.41 8.42
C ASN A 336 -5.07 44.64 9.02
N MET A 337 -4.16 45.28 8.29
CA MET A 337 -3.36 46.39 8.82
C MET A 337 -3.49 47.72 8.09
N ASN A 338 -4.16 47.77 6.93
CA ASN A 338 -4.28 49.01 6.14
C ASN A 338 -2.93 49.65 5.75
N LEU A 339 -1.92 48.82 5.45
CA LEU A 339 -0.59 49.31 5.05
C LEU A 339 -0.57 49.76 3.59
N PHE A 340 -1.47 49.22 2.77
CA PHE A 340 -1.72 49.74 1.41
C PHE A 340 -3.08 49.27 0.88
N SER A 341 -3.47 49.76 -0.30
CA SER A 341 -4.68 49.31 -1.00
C SER A 341 -4.35 48.42 -2.21
N HIS A 342 -4.25 48.95 -3.43
CA HIS A 342 -4.04 48.07 -4.60
C HIS A 342 -2.66 47.42 -4.51
N ILE A 343 -2.57 46.19 -4.99
CA ILE A 343 -1.43 45.30 -4.71
C ILE A 343 -0.12 45.83 -5.33
N THR A 344 -0.27 46.73 -6.31
CA THR A 344 0.84 47.48 -6.91
C THR A 344 1.56 48.44 -5.94
N GLU A 345 0.88 48.84 -4.86
CA GLU A 345 1.50 49.72 -3.83
C GLU A 345 2.52 49.01 -2.94
N CYS A 346 2.30 47.72 -2.68
CA CYS A 346 3.22 46.92 -1.88
C CYS A 346 4.66 47.12 -2.34
N GLU A 347 4.90 46.93 -3.63
CA GLU A 347 6.23 47.11 -4.22
C GLU A 347 6.68 48.57 -4.28
N LYS A 348 5.76 49.48 -4.58
CA LYS A 348 6.11 50.91 -4.65
C LYS A 348 6.59 51.46 -3.28
N LEU A 349 5.82 51.18 -2.22
CA LEU A 349 6.19 51.56 -0.83
C LEU A 349 7.51 50.95 -0.37
N ALA A 350 7.70 49.67 -0.67
CA ALA A 350 8.96 48.96 -0.35
C ALA A 350 10.15 49.57 -1.07
N ARG A 351 9.94 50.03 -2.29
CA ARG A 351 11.01 50.67 -3.07
C ARG A 351 11.42 52.05 -2.53
N SER A 352 10.48 52.74 -1.88
CA SER A 352 10.66 54.12 -1.41
C SER A 352 11.63 54.29 -0.25
N VAL A 353 12.07 53.20 0.37
CA VAL A 353 13.15 53.23 1.37
C VAL A 353 14.29 52.31 0.91
N PRO A 354 15.55 52.74 1.07
CA PRO A 354 16.65 51.95 0.53
C PRO A 354 16.93 50.63 1.29
N GLY A 355 16.56 50.57 2.56
CA GLY A 355 16.67 49.34 3.36
C GLY A 355 15.61 49.32 4.44
N THR A 356 15.75 48.39 5.37
CA THR A 356 14.87 48.28 6.53
C THR A 356 15.39 49.00 7.79
N GLN A 357 16.58 49.63 7.72
CA GLN A 357 17.19 50.39 8.85
C GLN A 357 17.01 49.73 10.24
N GLY A 358 17.29 48.43 10.30
CA GLY A 358 17.33 47.69 11.57
C GLY A 358 16.20 46.71 11.85
N ILE A 359 15.00 46.94 11.30
CA ILE A 359 13.87 46.09 11.68
C ILE A 359 13.89 44.74 10.96
N VAL A 360 13.34 43.72 11.63
CA VAL A 360 13.06 42.41 11.04
C VAL A 360 11.60 42.08 11.33
N PHE A 361 10.88 41.68 10.29
CA PHE A 361 9.49 41.22 10.39
C PHE A 361 9.51 39.75 9.97
N VAL A 362 9.46 38.85 10.96
CA VAL A 362 9.29 37.40 10.72
C VAL A 362 7.79 37.06 10.65
N PRO A 363 7.22 36.82 9.44
CA PRO A 363 5.77 36.58 9.37
C PRO A 363 5.38 35.11 9.60
N ALA A 364 5.64 34.61 10.82
CA ALA A 364 5.37 33.21 11.18
C ALA A 364 3.97 33.04 11.79
N PHE A 365 2.97 33.60 11.12
CA PHE A 365 1.60 33.68 11.66
C PHE A 365 1.02 32.33 12.06
N SER A 366 1.27 31.31 11.24
CA SER A 366 0.82 29.96 11.53
C SER A 366 2.03 29.04 11.67
N GLY A 367 3.01 29.49 12.47
CA GLY A 367 4.21 28.71 12.75
C GLY A 367 5.34 28.96 11.77
N LEU A 368 6.48 28.32 12.05
CA LEU A 368 7.65 28.32 11.15
C LEU A 368 7.77 26.92 10.57
N LEU A 369 8.15 26.82 9.30
CA LEU A 369 8.24 25.54 8.59
C LEU A 369 9.67 25.33 8.09
N ALA A 370 9.93 25.38 6.78
CA ALA A 370 11.28 25.61 6.22
C ALA A 370 12.27 24.56 6.79
N PRO A 371 13.54 24.91 7.12
CA PRO A 371 14.29 23.89 7.86
C PRO A 371 14.34 24.10 9.38
N TYR A 372 13.43 24.91 9.93
CA TYR A 372 13.33 25.16 11.38
C TYR A 372 11.87 25.08 11.79
N TRP A 373 11.31 23.88 11.65
CA TRP A 373 9.93 23.62 12.05
C TRP A 373 9.74 23.98 13.51
N ASP A 374 8.80 24.89 13.75
CA ASP A 374 8.50 25.37 15.08
C ASP A 374 7.07 25.93 15.02
N PRO A 375 6.08 25.10 15.41
CA PRO A 375 4.68 25.59 15.38
C PRO A 375 4.34 26.56 16.50
N SER A 376 5.26 26.78 17.45
CA SER A 376 5.11 27.80 18.48
C SER A 376 5.46 29.23 18.02
N ALA A 377 6.25 29.37 16.96
CA ALA A 377 6.64 30.71 16.46
C ALA A 377 5.42 31.44 15.91
N ARG A 378 5.30 32.71 16.28
CA ARG A 378 4.20 33.52 15.80
C ARG A 378 4.74 34.70 15.00
N GLY A 379 3.86 35.51 14.46
CA GLY A 379 4.27 36.72 13.77
C GLY A 379 4.95 37.70 14.71
N THR A 380 6.09 38.25 14.30
CA THR A 380 6.88 39.12 15.17
C THR A 380 7.75 40.14 14.48
N ILE A 381 7.68 41.37 14.98
CA ILE A 381 8.45 42.49 14.46
C ILE A 381 9.34 43.00 15.58
N VAL A 382 10.63 43.18 15.28
CA VAL A 382 11.59 43.70 16.24
C VAL A 382 12.40 44.83 15.65
N GLY A 383 12.85 45.74 16.50
CA GLY A 383 13.81 46.77 16.12
C GLY A 383 13.26 48.11 15.69
N MET A 384 11.95 48.33 15.88
CA MET A 384 11.29 49.53 15.35
C MET A 384 11.69 50.80 16.13
N THR A 385 11.83 51.92 15.41
CA THR A 385 12.10 53.25 16.01
C THR A 385 10.94 54.18 15.61
N LEU A 386 11.01 55.43 16.04
CA LEU A 386 10.08 56.45 15.58
C LEU A 386 10.31 56.84 14.10
N LYS A 387 11.49 56.54 13.56
CA LYS A 387 11.74 56.67 12.11
C LYS A 387 11.16 55.53 11.23
N THR A 388 10.79 54.41 11.85
CA THR A 388 10.16 53.30 11.13
C THR A 388 8.76 53.64 10.64
N THR A 389 8.44 53.16 9.44
CA THR A 389 7.18 53.45 8.72
C THR A 389 6.63 52.16 8.11
N ARG A 390 5.45 52.24 7.53
CA ARG A 390 4.87 51.11 6.78
C ARG A 390 5.77 50.64 5.65
N ALA A 391 6.43 51.60 4.99
CA ALA A 391 7.39 51.31 3.93
C ALA A 391 8.44 50.31 4.41
N HIS A 392 8.97 50.56 5.60
CA HIS A 392 10.04 49.76 6.16
C HIS A 392 9.58 48.34 6.49
N VAL A 393 8.34 48.23 6.98
CA VAL A 393 7.76 46.97 7.40
C VAL A 393 7.39 46.14 6.18
N ILE A 394 6.93 46.79 5.12
CA ILE A 394 6.59 46.08 3.88
C ILE A 394 7.85 45.48 3.29
N ARG A 395 8.88 46.30 3.12
CA ARG A 395 10.17 45.83 2.64
C ARG A 395 10.73 44.65 3.49
N ALA A 396 10.58 44.76 4.82
CA ALA A 396 11.01 43.71 5.74
C ALA A 396 10.25 42.39 5.54
N ALA A 397 8.95 42.49 5.28
CA ALA A 397 8.13 41.31 4.97
C ALA A 397 8.67 40.62 3.72
N LEU A 398 9.01 41.43 2.71
CA LEU A 398 9.59 40.89 1.49
C LEU A 398 10.98 40.30 1.74
N GLN A 399 11.79 40.98 2.54
CA GLN A 399 13.07 40.44 2.95
C GLN A 399 12.91 39.11 3.63
N ALA A 400 11.94 39.02 4.52
CA ALA A 400 11.66 37.77 5.24
C ALA A 400 11.43 36.59 4.31
N ILE A 401 10.48 36.76 3.41
CA ILE A 401 10.13 35.73 2.44
C ILE A 401 11.37 35.25 1.69
N ALA A 402 12.20 36.18 1.24
CA ALA A 402 13.45 35.85 0.55
C ALA A 402 14.49 35.18 1.46
N LEU A 403 14.52 35.57 2.74
CA LEU A 403 15.43 34.97 3.71
C LEU A 403 15.07 33.52 4.02
N GLN A 404 13.77 33.21 4.14
CA GLN A 404 13.35 31.83 4.37
C GLN A 404 13.74 30.96 3.21
N LEU A 405 13.47 31.43 1.98
CA LEU A 405 13.92 30.68 0.80
C LEU A 405 15.41 30.43 0.83
N ASN A 406 16.17 31.47 1.18
CA ASN A 406 17.61 31.35 1.28
C ASN A 406 18.03 30.27 2.30
N ASP A 407 17.41 30.26 3.49
CA ASP A 407 17.64 29.19 4.48
C ASP A 407 17.22 27.83 3.95
N VAL A 408 16.09 27.80 3.23
CA VAL A 408 15.56 26.58 2.63
C VAL A 408 16.51 26.03 1.57
N VAL A 409 17.00 26.90 0.69
CA VAL A 409 17.99 26.50 -0.32
C VAL A 409 19.32 26.04 0.31
N GLY A 410 19.72 26.67 1.42
CA GLY A 410 20.93 26.30 2.14
C GLY A 410 20.91 24.86 2.59
N SER A 411 19.79 24.46 3.20
CA SER A 411 19.56 23.08 3.59
C SER A 411 19.65 22.15 2.38
N MET A 412 18.92 22.48 1.32
CA MET A 412 18.93 21.65 0.11
C MET A 412 20.35 21.44 -0.45
N LYS A 413 21.14 22.51 -0.50
CA LYS A 413 22.50 22.44 -1.06
C LYS A 413 23.42 21.47 -0.32
N ARG A 414 23.20 21.34 0.99
CA ARG A 414 24.02 20.48 1.86
C ARG A 414 23.50 19.06 1.85
N ASP A 415 22.17 18.90 1.92
CA ASP A 415 21.54 17.60 1.75
C ASP A 415 21.88 16.99 0.38
N ALA A 416 21.70 17.78 -0.68
CA ALA A 416 21.90 17.30 -2.07
C ALA A 416 23.35 17.13 -2.44
N GLY A 417 24.23 17.88 -1.78
CA GLY A 417 25.62 17.94 -2.16
C GLY A 417 25.79 18.56 -3.53
N LEU A 418 25.09 19.67 -3.77
CA LEU A 418 25.31 20.46 -4.99
C LEU A 418 24.90 21.92 -4.79
N ASN A 419 25.21 22.78 -5.76
CA ASN A 419 24.87 24.21 -5.70
C ASN A 419 23.61 24.52 -6.47
N LEU A 420 22.98 25.65 -6.13
CA LEU A 420 21.85 26.14 -6.90
C LEU A 420 22.39 26.79 -8.17
N SER A 421 21.94 26.29 -9.32
CA SER A 421 22.38 26.74 -10.64
C SER A 421 21.65 28.02 -11.07
N SER A 422 20.33 27.97 -11.00
CA SER A 422 19.50 29.18 -11.11
C SER A 422 18.14 28.88 -10.49
N LEU A 423 17.33 29.91 -10.29
CA LEU A 423 16.00 29.74 -9.73
C LEU A 423 14.95 30.28 -10.69
N ARG A 424 14.18 29.39 -11.29
CA ARG A 424 13.04 29.78 -12.10
C ARG A 424 11.91 30.07 -11.12
N VAL A 425 11.06 31.03 -11.43
CA VAL A 425 10.01 31.50 -10.49
C VAL A 425 8.68 31.74 -11.20
N ASP A 426 7.59 31.60 -10.47
CA ASP A 426 6.24 31.79 -10.99
C ASP A 426 5.31 31.96 -9.81
N GLY A 427 4.02 32.10 -10.04
CA GLY A 427 3.04 32.16 -8.95
C GLY A 427 2.10 33.34 -9.04
N GLY A 428 2.65 34.54 -8.91
CA GLY A 428 1.83 35.74 -8.67
C GLY A 428 2.64 36.77 -7.92
N LEU A 429 3.17 36.39 -6.75
CA LEU A 429 4.16 37.23 -6.06
C LEU A 429 5.49 37.38 -6.83
N SER A 430 5.75 36.50 -7.79
CA SER A 430 6.86 36.70 -8.74
C SER A 430 6.70 37.93 -9.66
N LYS A 431 5.50 38.49 -9.76
CA LYS A 431 5.35 39.80 -10.42
C LYS A 431 5.98 40.94 -9.63
N ASN A 432 6.22 40.75 -8.32
CA ASN A 432 6.93 41.76 -7.47
C ASN A 432 8.46 41.80 -7.77
N GLY A 433 8.85 42.72 -8.65
CA GLY A 433 10.24 42.88 -9.06
C GLY A 433 11.26 43.07 -7.96
N LEU A 434 10.91 43.84 -6.92
CA LEU A 434 11.83 44.10 -5.80
C LEU A 434 12.05 42.85 -4.94
N LEU A 435 11.02 42.01 -4.79
CA LEU A 435 11.19 40.72 -4.12
C LEU A 435 12.18 39.87 -4.89
N MET A 436 11.99 39.78 -6.22
CA MET A 436 12.87 38.99 -7.09
C MET A 436 14.33 39.46 -7.01
N GLU A 437 14.55 40.77 -6.97
CA GLU A 437 15.90 41.32 -6.75
C GLU A 437 16.50 40.94 -5.38
N ILE A 438 15.74 41.07 -4.30
CA ILE A 438 16.25 40.68 -2.98
C ILE A 438 16.58 39.18 -2.95
N GLN A 439 15.74 38.37 -3.60
CA GLN A 439 15.96 36.94 -3.63
C GLN A 439 17.26 36.57 -4.34
N ALA A 440 17.53 37.18 -5.50
CA ALA A 440 18.77 36.90 -6.25
C ALA A 440 20.03 37.36 -5.50
N SER A 441 19.92 38.54 -4.90
CA SER A 441 21.00 39.13 -4.12
C SER A 441 21.38 38.26 -2.93
N LEU A 442 20.38 37.75 -2.22
CA LEU A 442 20.63 36.81 -1.11
C LEU A 442 21.25 35.50 -1.59
N LEU A 443 20.73 34.93 -2.68
CA LEU A 443 21.17 33.61 -3.17
C LEU A 443 22.49 33.61 -3.96
N GLY A 444 22.82 34.75 -4.60
CA GLY A 444 23.99 34.86 -5.45
C GLY A 444 23.84 34.16 -6.79
N VAL A 445 22.61 33.99 -7.27
CA VAL A 445 22.34 33.33 -8.55
C VAL A 445 21.24 34.05 -9.32
N ASP A 446 21.23 33.85 -10.63
CA ASP A 446 20.26 34.51 -11.50
C ASP A 446 18.89 33.91 -11.29
N ILE A 447 17.89 34.79 -11.22
CA ILE A 447 16.51 34.37 -11.09
C ILE A 447 15.83 34.58 -12.44
N LEU A 448 15.28 33.49 -12.99
CA LEU A 448 14.64 33.52 -14.31
C LEU A 448 13.13 33.64 -14.15
N VAL A 449 12.54 34.65 -14.78
CA VAL A 449 11.09 34.88 -14.73
C VAL A 449 10.50 34.63 -16.12
N PRO A 450 9.83 33.48 -16.33
CA PRO A 450 9.18 33.28 -17.62
C PRO A 450 8.02 34.23 -17.77
N SER A 451 7.84 34.79 -18.97
CA SER A 451 6.73 35.72 -19.21
C SER A 451 5.41 35.00 -19.51
N MET A 452 5.48 33.84 -20.15
CA MET A 452 4.36 32.87 -20.17
C MET A 452 4.39 32.18 -18.79
N HIS A 453 3.49 32.61 -17.90
CA HIS A 453 3.57 32.23 -16.46
C HIS A 453 2.53 31.17 -16.05
N GLU A 454 2.15 30.34 -17.02
CA GLU A 454 1.19 29.28 -16.85
C GLU A 454 2.00 27.97 -16.81
N THR A 455 3.03 27.96 -15.95
CA THR A 455 4.06 26.92 -15.93
C THR A 455 3.54 25.60 -15.35
N THR A 456 2.57 25.66 -14.44
CA THR A 456 2.08 24.45 -13.80
C THR A 456 1.29 23.66 -14.84
N ALA A 457 0.43 24.34 -15.59
CA ALA A 457 -0.32 23.70 -16.65
C ALA A 457 0.61 23.20 -17.72
N LEU A 458 1.74 23.89 -17.91
CA LEU A 458 2.68 23.63 -19.02
C LEU A 458 3.44 22.33 -18.83
N GLY A 459 3.93 22.11 -17.61
CA GLY A 459 4.57 20.83 -17.25
C GLY A 459 3.80 19.60 -17.73
N ALA A 460 2.51 19.59 -17.45
CA ALA A 460 1.64 18.50 -17.90
C ALA A 460 1.61 18.41 -19.41
N ALA A 461 1.48 19.57 -20.08
CA ALA A 461 1.39 19.60 -21.55
C ALA A 461 2.67 19.08 -22.22
N LEU A 462 3.84 19.40 -21.64
CA LEU A 462 5.14 18.94 -22.16
C LEU A 462 5.28 17.41 -22.08
N CYS A 463 4.96 16.84 -20.91
CA CYS A 463 4.87 15.39 -20.75
C CYS A 463 3.99 14.74 -21.85
N ALA A 464 2.77 15.24 -22.00
CA ALA A 464 1.88 14.74 -23.05
C ALA A 464 2.44 14.92 -24.47
N GLY A 465 2.94 16.11 -24.77
CA GLY A 465 3.45 16.40 -26.11
C GLY A 465 4.74 15.67 -26.42
N LEU A 466 5.56 15.41 -25.39
CA LEU A 466 6.75 14.57 -25.52
C LEU A 466 6.33 13.17 -25.92
N ALA A 467 5.48 12.56 -25.11
CA ALA A 467 4.93 11.23 -25.37
C ALA A 467 4.24 11.11 -26.71
N ALA A 468 3.65 12.20 -27.20
CA ALA A 468 2.95 12.19 -28.49
C ALA A 468 3.77 12.66 -29.69
N GLY A 469 5.05 12.99 -29.51
CA GLY A 469 5.88 13.46 -30.62
C GLY A 469 5.74 14.92 -31.04
N VAL A 470 4.93 15.72 -30.33
CA VAL A 470 4.81 17.15 -30.61
C VAL A 470 6.18 17.81 -30.43
N TRP A 471 6.80 17.54 -29.29
CA TRP A 471 8.22 17.83 -29.08
C TRP A 471 8.92 16.47 -28.91
N THR A 472 10.15 16.39 -29.40
CA THR A 472 10.87 15.12 -29.51
C THR A 472 11.99 14.90 -28.48
N SER A 473 12.40 15.96 -27.78
CA SER A 473 13.37 15.82 -26.71
C SER A 473 13.31 17.00 -25.75
N LEU A 474 13.96 16.86 -24.60
CA LEU A 474 14.09 17.94 -23.63
C LEU A 474 14.93 19.11 -24.15
N GLU A 475 15.86 18.84 -25.07
CA GLU A 475 16.67 19.92 -25.60
C GLU A 475 15.85 20.70 -26.63
N GLU A 476 14.97 20.02 -27.37
CA GLU A 476 14.02 20.72 -28.28
C GLU A 476 12.97 21.55 -27.53
N VAL A 477 12.48 21.04 -26.38
CA VAL A 477 11.54 21.75 -25.51
C VAL A 477 12.14 23.05 -24.97
N LYS A 478 13.39 23.00 -24.51
CA LYS A 478 14.10 24.22 -24.11
C LYS A 478 14.29 25.20 -25.28
N ALA A 479 14.68 24.69 -26.46
CA ALA A 479 14.86 25.56 -27.65
C ALA A 479 13.56 26.26 -28.00
N VAL A 480 12.47 25.51 -28.13
CA VAL A 480 11.18 26.10 -28.46
C VAL A 480 10.84 27.20 -27.45
N SER A 481 11.03 26.93 -26.16
CA SER A 481 10.79 27.92 -25.12
C SER A 481 11.60 29.20 -25.27
N ARG A 482 12.91 29.05 -25.47
CA ARG A 482 13.80 30.23 -25.57
C ARG A 482 13.42 31.07 -26.78
N ARG A 483 13.28 30.39 -27.92
CA ARG A 483 12.84 30.99 -29.18
C ARG A 483 11.49 31.71 -29.14
N GLU A 484 10.49 31.12 -28.49
CA GLU A 484 9.09 31.56 -28.62
C GLU A 484 8.56 32.37 -27.45
N ASN A 485 8.98 32.03 -26.23
CA ASN A 485 8.53 32.72 -25.03
C ASN A 485 9.67 33.48 -24.37
N SER A 486 9.38 34.64 -23.81
CA SER A 486 10.42 35.51 -23.26
C SER A 486 10.72 35.12 -21.80
N TRP A 487 11.96 35.38 -21.39
CA TRP A 487 12.43 35.08 -20.03
C TRP A 487 13.20 36.30 -19.46
N LYS A 488 12.54 37.07 -18.60
CA LYS A 488 13.18 38.16 -17.84
C LYS A 488 14.16 37.58 -16.82
N THR A 489 15.43 37.95 -16.92
CA THR A 489 16.46 37.37 -16.03
C THR A 489 16.99 38.42 -15.04
N VAL A 490 16.95 38.10 -13.75
CA VAL A 490 17.18 39.04 -12.64
C VAL A 490 18.49 38.66 -11.91
N SER A 491 19.53 39.42 -12.16
CA SER A 491 20.86 39.10 -11.63
C SER A 491 21.02 39.64 -10.22
N PRO A 492 21.88 38.98 -9.40
CA PRO A 492 22.12 39.51 -8.04
C PRO A 492 22.60 40.97 -8.07
N SER A 493 22.16 41.78 -7.10
CA SER A 493 22.62 43.15 -7.02
C SER A 493 22.54 43.61 -5.57
N GLY A 494 23.66 44.07 -5.04
CA GLY A 494 23.72 44.53 -3.68
C GLY A 494 25.17 44.55 -3.28
N SER A 495 25.49 43.80 -2.25
CA SER A 495 26.83 43.81 -1.70
C SER A 495 26.94 42.76 -0.61
N ALA A 496 28.14 42.19 -0.49
CA ALA A 496 28.45 41.26 0.59
C ALA A 496 28.19 41.85 1.98
N MET A 497 28.35 43.17 2.13
CA MET A 497 28.09 43.85 3.41
C MET A 497 26.60 43.79 3.73
N GLU A 498 25.76 44.16 2.76
CA GLU A 498 24.30 44.23 2.95
C GLU A 498 23.75 42.83 3.23
N ARG A 499 24.19 41.86 2.43
CA ARG A 499 23.76 40.47 2.53
C ARG A 499 24.07 39.84 3.89
N GLU A 500 25.29 40.02 4.41
CA GLU A 500 25.66 39.42 5.69
C GLU A 500 24.86 40.02 6.84
N ALA A 501 24.77 41.34 6.84
CA ALA A 501 23.95 42.08 7.82
C ALA A 501 22.54 41.52 7.89
N MET A 502 21.90 41.42 6.73
CA MET A 502 20.52 41.00 6.62
C MET A 502 20.33 39.58 7.17
N ILE A 503 21.28 38.69 6.86
CA ILE A 503 21.22 37.31 7.36
C ILE A 503 21.53 37.25 8.86
N ALA A 504 22.51 38.02 9.31
CA ALA A 504 22.84 38.11 10.74
C ALA A 504 21.63 38.61 11.55
N GLU A 505 20.98 39.65 11.05
CA GLU A 505 19.79 40.23 11.70
C GLU A 505 18.64 39.22 11.72
N TRP A 506 18.47 38.52 10.59
CA TRP A 506 17.48 37.46 10.46
C TRP A 506 17.65 36.38 11.55
N ARG A 507 18.88 35.86 11.68
CA ARG A 507 19.19 34.84 12.70
C ARG A 507 18.88 35.29 14.12
N GLU A 508 19.22 36.52 14.46
CA GLU A 508 18.86 37.04 15.79
C GLU A 508 17.37 37.06 15.95
N ALA A 509 16.67 37.65 14.99
CA ALA A 509 15.23 37.85 15.07
C ALA A 509 14.46 36.55 15.28
N LEU A 510 14.88 35.49 14.60
CA LEU A 510 14.26 34.16 14.75
C LEU A 510 14.27 33.66 16.19
N LYS A 511 15.34 33.99 16.94
CA LYS A 511 15.45 33.68 18.38
C LYS A 511 14.37 34.34 19.30
N ARG A 512 13.70 35.36 18.80
CA ARG A 512 12.64 36.06 19.54
C ARG A 512 11.20 35.64 19.14
N THR A 513 11.08 34.77 18.13
CA THR A 513 9.79 34.41 17.53
C THR A 513 8.89 33.48 18.34
N LYS A 514 9.47 32.69 19.23
CA LYS A 514 8.71 31.72 20.02
C LYS A 514 7.66 32.42 20.88
N TRP A 515 6.45 31.86 20.94
CA TRP A 515 5.34 32.49 21.71
C TRP A 515 4.09 31.63 22.11
N ALA A 516 3.74 30.59 21.36
CA ALA A 516 2.44 29.90 21.51
C ALA A 516 2.44 28.73 22.51
N LYS A 517 1.35 27.97 22.53
CA LYS A 517 0.98 26.96 23.56
C LYS A 517 0.57 27.66 24.85
N PHE B 5 -13.49 93.04 46.90
CA PHE B 5 -14.32 93.96 46.05
C PHE B 5 -13.96 94.00 44.53
N THR B 6 -12.66 94.07 44.21
CA THR B 6 -12.16 94.06 42.81
C THR B 6 -11.16 92.90 42.55
N MET B 7 -11.29 92.25 41.39
CA MET B 7 -10.65 90.95 41.13
C MET B 7 -9.14 91.01 40.99
N LYS B 8 -8.48 90.10 41.69
CA LYS B 8 -7.03 90.00 41.62
C LYS B 8 -6.65 88.90 40.65
N TYR B 9 -5.51 89.12 39.98
CA TYR B 9 -4.99 88.24 38.94
C TYR B 9 -3.53 87.88 39.22
N VAL B 10 -3.15 86.67 38.82
CA VAL B 10 -1.81 86.13 39.01
C VAL B 10 -1.33 85.57 37.67
N GLY B 11 -0.09 85.89 37.31
CA GLY B 11 0.45 85.49 36.01
C GLY B 11 1.35 84.28 36.13
N SER B 12 1.49 83.55 35.04
CA SER B 12 2.26 82.32 35.02
C SER B 12 2.96 82.16 33.68
N ILE B 13 4.28 82.30 33.69
CA ILE B 13 5.07 81.99 32.51
C ILE B 13 5.29 80.49 32.52
N ASP B 14 4.71 79.81 31.55
CA ASP B 14 5.02 78.39 31.30
C ASP B 14 6.02 78.30 30.12
N GLN B 15 7.28 78.08 30.44
CA GLN B 15 8.35 77.96 29.46
C GLN B 15 8.63 76.49 29.17
N GLY B 16 7.96 75.96 28.15
CA GLY B 16 8.12 74.57 27.72
C GLY B 16 9.25 74.28 26.73
N THR B 17 9.38 73.02 26.37
CA THR B 17 10.36 72.58 25.38
C THR B 17 10.15 73.22 23.98
N THR B 18 8.94 73.14 23.45
CA THR B 18 8.65 73.64 22.11
C THR B 18 8.06 75.06 22.09
N SER B 19 7.38 75.48 23.15
CA SER B 19 6.81 76.84 23.21
C SER B 19 6.79 77.44 24.60
N THR B 20 6.61 78.75 24.64
CA THR B 20 6.47 79.54 25.85
C THR B 20 5.05 80.11 25.83
N ARG B 21 4.49 80.29 27.03
CA ARG B 21 3.07 80.63 27.20
C ARG B 21 3.00 81.53 28.42
N PHE B 22 2.07 82.49 28.41
CA PHE B 22 1.72 83.24 29.63
C PHE B 22 0.23 83.05 29.88
N ILE B 23 -0.10 82.60 31.09
CA ILE B 23 -1.48 82.45 31.52
C ILE B 23 -1.73 83.35 32.71
N ILE B 24 -2.73 84.21 32.60
CA ILE B 24 -3.20 84.99 33.73
C ILE B 24 -4.39 84.26 34.35
N PHE B 25 -4.24 83.93 35.62
CA PHE B 25 -5.31 83.33 36.42
C PHE B 25 -5.97 84.44 37.25
N ASP B 26 -7.23 84.27 37.61
CA ASP B 26 -7.88 85.11 38.63
C ASP B 26 -8.07 84.32 39.94
N GLU B 27 -8.73 84.92 40.93
CA GLU B 27 -8.92 84.29 42.26
C GLU B 27 -9.65 82.96 42.25
N ARG B 28 -10.42 82.70 41.18
CA ARG B 28 -11.09 81.42 41.00
C ARG B 28 -10.21 80.28 40.48
N GLN B 29 -8.94 80.59 40.18
CA GLN B 29 -7.99 79.65 39.58
C GLN B 29 -8.41 79.29 38.15
N ARG B 30 -8.96 80.29 37.46
CA ARG B 30 -9.45 80.16 36.08
C ARG B 30 -8.54 80.96 35.16
N PRO B 31 -8.09 80.37 34.03
CA PRO B 31 -7.26 81.10 33.07
C PRO B 31 -8.10 82.10 32.27
N VAL B 32 -7.78 83.39 32.42
CA VAL B 32 -8.60 84.47 31.88
C VAL B 32 -7.99 85.15 30.65
N SER B 33 -6.68 85.04 30.52
CA SER B 33 -6.00 85.39 29.29
C SER B 33 -4.80 84.45 29.12
N VAL B 34 -4.55 84.01 27.89
CA VAL B 34 -3.39 83.15 27.59
C VAL B 34 -2.76 83.62 26.29
N HIS B 35 -1.47 83.36 26.12
CA HIS B 35 -0.84 83.56 24.83
C HIS B 35 0.43 82.72 24.63
N GLN B 36 0.61 82.21 23.42
CA GLN B 36 1.68 81.27 23.11
C GLN B 36 2.64 81.80 22.02
N VAL B 37 3.93 81.52 22.19
CA VAL B 37 4.93 81.79 21.16
C VAL B 37 5.91 80.63 21.15
N PRO B 38 6.16 80.02 19.96
CA PRO B 38 7.07 78.89 19.87
C PRO B 38 8.49 79.39 19.65
N HIS B 39 9.47 78.52 19.85
CA HIS B 39 10.88 78.85 19.56
C HIS B 39 11.55 77.69 18.83
N THR B 40 12.72 77.98 18.27
CA THR B 40 13.38 77.11 17.31
C THR B 40 14.00 75.90 18.00
N GLN B 41 13.72 74.72 17.46
CA GLN B 41 14.31 73.48 17.95
C GLN B 41 15.57 73.15 17.12
N HIS B 42 16.70 73.68 17.57
CA HIS B 42 17.98 73.47 16.87
C HIS B 42 18.54 72.08 17.06
N THR B 43 18.78 71.37 15.96
CA THR B 43 19.39 70.03 15.97
C THR B 43 20.66 70.02 15.09
N PRO B 44 21.78 70.58 15.60
CA PRO B 44 23.02 70.66 14.81
C PRO B 44 23.77 69.36 14.56
N HIS B 45 23.43 68.27 15.25
CA HIS B 45 23.95 66.90 14.98
C HIS B 45 22.89 65.88 15.48
N PRO B 46 22.93 64.62 15.01
CA PRO B 46 21.87 63.69 15.43
C PRO B 46 21.96 63.33 16.91
N GLY B 47 20.85 63.42 17.62
CA GLY B 47 20.83 63.30 19.09
C GLY B 47 20.86 64.63 19.83
N TRP B 48 21.40 65.68 19.22
CA TRP B 48 21.52 66.98 19.88
C TRP B 48 20.23 67.77 19.80
N LEU B 49 20.02 68.65 20.80
CA LEU B 49 18.93 69.62 20.83
C LEU B 49 19.33 70.82 21.67
N GLU B 50 19.24 72.03 21.11
CA GLU B 50 19.54 73.29 21.81
C GLU B 50 18.56 74.44 21.49
N HIS B 51 18.45 75.39 22.42
CA HIS B 51 17.51 76.51 22.31
C HIS B 51 18.25 77.83 22.38
N ASP B 52 17.83 78.80 21.56
CA ASP B 52 18.34 80.17 21.63
C ASP B 52 17.69 80.81 22.86
N PRO B 53 18.51 81.16 23.89
CA PRO B 53 17.97 81.74 25.12
C PRO B 53 17.29 83.10 24.99
N MET B 54 17.74 83.93 24.05
CA MET B 54 17.11 85.23 23.84
C MET B 54 15.76 85.08 23.14
N GLU B 55 15.66 84.10 22.25
CA GLU B 55 14.39 83.71 21.63
C GLU B 55 13.37 83.27 22.70
N ILE B 56 13.83 82.54 23.71
CA ILE B 56 12.97 82.15 24.82
C ILE B 56 12.57 83.39 25.63
N PHE B 57 13.55 84.18 26.05
CA PHE B 57 13.26 85.39 26.85
C PHE B 57 12.31 86.35 26.13
N ARG B 58 12.53 86.51 24.83
CA ARG B 58 11.63 87.28 23.98
C ARG B 58 10.23 86.67 23.90
N SER B 59 10.14 85.37 23.61
CA SER B 59 8.84 84.69 23.56
C SER B 59 8.03 85.02 24.82
N ALA B 60 8.66 84.85 25.98
CA ALA B 60 8.05 85.12 27.27
C ALA B 60 7.52 86.54 27.39
N CYS B 61 8.33 87.53 27.02
CA CYS B 61 7.88 88.92 27.08
C CYS B 61 6.75 89.20 26.12
N LYS B 62 6.84 88.62 24.91
CA LYS B 62 5.74 88.73 23.94
C LYS B 62 4.43 88.13 24.48
N CYS B 63 4.52 86.93 25.08
CA CYS B 63 3.35 86.28 25.72
C CYS B 63 2.73 87.18 26.79
N MET B 64 3.57 87.77 27.65
CA MET B 64 3.06 88.64 28.72
C MET B 64 2.33 89.85 28.20
N SER B 65 2.91 90.50 27.20
CA SER B 65 2.39 91.77 26.70
C SER B 65 1.05 91.59 25.97
N VAL B 66 0.94 90.52 25.19
CA VAL B 66 -0.31 90.18 24.49
C VAL B 66 -1.39 89.70 25.45
N ALA B 67 -1.05 88.75 26.33
CA ALA B 67 -1.97 88.28 27.37
C ALA B 67 -2.60 89.41 28.19
N ILE B 68 -1.74 90.34 28.64
CA ILE B 68 -2.18 91.53 29.36
C ILE B 68 -3.13 92.37 28.53
N ALA B 69 -2.74 92.64 27.28
CA ALA B 69 -3.58 93.43 26.36
C ALA B 69 -4.97 92.87 26.24
N LYS B 70 -5.07 91.56 26.03
CA LYS B 70 -6.37 90.91 25.93
C LYS B 70 -7.13 90.94 27.24
N LEU B 71 -6.42 90.79 28.37
CA LEU B 71 -7.11 90.78 29.64
C LEU B 71 -7.78 92.14 29.89
N ARG B 72 -7.10 93.24 29.57
CA ARG B 72 -7.71 94.55 29.78
C ARG B 72 -8.77 94.94 28.74
N GLN B 73 -8.92 94.17 27.66
CA GLN B 73 -10.14 94.24 26.83
C GLN B 73 -11.34 93.64 27.60
N LYS B 74 -11.12 92.54 28.32
CA LYS B 74 -12.19 91.84 29.08
C LYS B 74 -12.58 92.45 30.45
N ASP B 75 -11.62 93.10 31.10
CA ASP B 75 -11.75 93.73 32.39
C ASP B 75 -10.98 95.05 32.31
N ALA B 76 -11.67 96.12 31.92
CA ALA B 76 -11.05 97.42 31.70
C ALA B 76 -10.67 98.15 32.98
N SER B 77 -10.94 97.56 34.15
CA SER B 77 -10.43 98.06 35.44
C SER B 77 -9.17 97.30 35.91
N PHE B 78 -8.55 96.55 35.02
CA PHE B 78 -7.39 95.72 35.37
C PHE B 78 -6.17 96.62 35.39
N ARG B 79 -5.82 97.04 36.60
CA ARG B 79 -4.67 97.90 36.84
C ARG B 79 -3.37 97.13 36.80
N LYS B 80 -3.34 95.92 37.39
CA LYS B 80 -2.07 95.21 37.62
C LYS B 80 -2.18 93.76 38.03
N ILE B 81 -1.07 93.04 37.84
CA ILE B 81 -0.95 91.64 38.23
C ILE B 81 -0.31 91.65 39.61
N GLU B 82 -0.84 90.79 40.48
CA GLU B 82 -0.39 90.71 41.86
C GLU B 82 1.02 90.18 41.97
N ALA B 83 1.32 89.15 41.18
CA ALA B 83 2.63 88.52 41.15
C ALA B 83 2.74 87.64 39.92
N ILE B 84 3.98 87.31 39.57
CA ILE B 84 4.25 86.35 38.50
C ILE B 84 4.99 85.15 39.08
N GLY B 85 4.63 83.98 38.56
CA GLY B 85 5.30 82.72 38.86
C GLY B 85 5.85 82.11 37.58
N ILE B 86 6.87 81.29 37.73
CA ILE B 86 7.56 80.71 36.61
C ILE B 86 7.50 79.20 36.73
N THR B 87 7.13 78.55 35.63
CA THR B 87 7.34 77.14 35.50
C THR B 87 7.99 76.81 34.18
N ASN B 88 8.85 75.81 34.19
CA ASN B 88 9.77 75.62 33.08
C ASN B 88 10.15 74.17 32.81
N GLN B 89 10.54 73.93 31.56
CA GLN B 89 11.37 72.80 31.22
C GLN B 89 12.62 72.81 32.09
N ARG B 90 12.78 71.74 32.85
CA ARG B 90 13.93 71.55 33.73
C ARG B 90 15.17 71.09 32.96
N GLU B 91 16.31 71.17 33.63
CA GLU B 91 17.64 70.65 33.18
C GLU B 91 18.29 71.43 32.03
N THR B 92 17.54 71.73 30.98
CA THR B 92 17.97 72.73 30.01
C THR B 92 18.80 73.81 30.72
N THR B 93 20.02 74.03 30.23
CA THR B 93 21.00 74.85 30.92
C THR B 93 21.51 75.96 30.00
N VAL B 94 21.50 77.18 30.53
CA VAL B 94 21.97 78.35 29.83
C VAL B 94 23.26 78.85 30.48
N ALA B 95 24.17 79.35 29.64
CA ALA B 95 25.40 80.01 30.09
C ALA B 95 25.41 81.45 29.60
N TRP B 96 25.62 82.39 30.52
CA TRP B 96 25.68 83.81 30.14
C TRP B 96 26.71 84.63 30.93
N ASP B 97 27.31 85.60 30.25
CA ASP B 97 28.24 86.56 30.84
C ASP B 97 27.45 87.63 31.60
N ARG B 98 27.86 87.90 32.85
CA ARG B 98 27.15 88.82 33.76
C ARG B 98 27.30 90.34 33.50
N VAL B 99 28.14 90.75 32.53
CA VAL B 99 28.32 92.18 32.19
C VAL B 99 27.76 92.57 30.81
N THR B 100 27.90 91.70 29.80
CA THR B 100 27.12 91.78 28.56
C THR B 100 25.66 91.41 28.84
N LYS B 101 25.46 90.50 29.80
CA LYS B 101 24.14 90.04 30.27
C LYS B 101 23.41 89.26 29.15
N GLU B 102 24.18 88.54 28.35
CA GLU B 102 23.67 87.83 27.18
C GLU B 102 24.31 86.46 27.08
N PRO B 103 23.64 85.52 26.38
CA PRO B 103 24.14 84.16 26.40
C PRO B 103 25.48 84.01 25.67
N LEU B 104 26.32 83.11 26.18
CA LEU B 104 27.58 82.78 25.53
C LEU B 104 27.37 81.80 24.39
N CYS B 105 26.31 80.99 24.47
CA CYS B 105 25.94 80.08 23.38
C CYS B 105 24.53 79.56 23.57
N TYR B 106 24.06 78.75 22.62
CA TYR B 106 22.76 78.09 22.73
C TYR B 106 22.72 77.12 23.92
N ALA B 107 21.51 76.83 24.37
CA ALA B 107 21.29 76.09 25.61
C ALA B 107 20.96 74.64 25.29
N PRO B 108 21.84 73.70 25.68
CA PRO B 108 21.48 72.29 25.48
C PRO B 108 20.26 71.89 26.32
N VAL B 109 19.37 71.14 25.70
CA VAL B 109 18.06 70.83 26.27
C VAL B 109 18.14 69.55 27.12
N TRP B 110 17.19 69.38 28.05
CA TRP B 110 17.13 68.17 28.88
C TRP B 110 17.47 66.86 28.14
N ASN B 111 16.79 66.59 27.03
CA ASN B 111 16.91 65.31 26.31
C ASN B 111 18.03 65.26 25.25
N ASP B 112 18.91 66.25 25.26
CA ASP B 112 20.09 66.28 24.39
C ASP B 112 21.13 65.23 24.82
N LEU B 113 21.69 64.52 23.82
CA LEU B 113 22.63 63.40 24.05
C LEU B 113 24.13 63.73 23.82
N ARG B 114 24.49 65.02 23.69
CA ARG B 114 25.90 65.41 23.45
C ARG B 114 26.80 65.12 24.66
N THR B 115 26.21 65.04 25.85
CA THR B 115 26.95 64.75 27.08
C THR B 115 27.22 63.26 27.33
N TYR B 116 26.81 62.38 26.39
CA TYR B 116 27.08 60.93 26.50
C TYR B 116 28.56 60.57 26.79
N ASP B 117 29.52 61.34 26.27
CA ASP B 117 30.95 61.07 26.58
C ASP B 117 31.27 61.50 28.01
N ILE B 118 31.00 62.75 28.34
CA ILE B 118 31.25 63.27 29.69
C ILE B 118 30.48 62.48 30.76
N THR B 119 29.29 62.00 30.41
CA THR B 119 28.49 61.18 31.33
C THR B 119 29.21 59.85 31.67
N LYS B 120 29.97 59.30 30.71
CA LYS B 120 30.67 58.02 30.87
C LYS B 120 31.97 58.12 31.69
N LYS B 121 32.73 59.21 31.50
CA LYS B 121 33.90 59.51 32.35
C LYS B 121 33.49 59.54 33.83
N VAL B 122 32.38 60.20 34.13
CA VAL B 122 31.86 60.32 35.49
C VAL B 122 31.47 58.95 36.09
N THR B 123 30.75 58.12 35.34
CA THR B 123 30.37 56.75 35.77
C THR B 123 31.56 55.76 36.00
N ALA B 124 32.75 56.09 35.49
CA ALA B 124 33.99 55.31 35.71
C ALA B 124 35.01 56.01 36.65
N GLU B 125 35.43 57.24 36.32
CA GLU B 125 36.40 58.00 37.14
C GLU B 125 35.98 58.25 38.59
N LEU B 126 34.67 58.23 38.87
CA LEU B 126 34.18 58.39 40.24
C LEU B 126 33.23 57.26 40.57
N GLY B 127 32.21 57.08 39.74
CA GLY B 127 31.20 56.04 39.94
C GLY B 127 31.70 54.60 40.02
N GLY B 128 32.86 54.33 39.43
CA GLY B 128 33.45 53.00 39.45
C GLY B 128 32.52 51.94 38.87
N GLY B 129 31.85 52.27 37.76
CA GLY B 129 30.86 51.38 37.14
C GLY B 129 29.43 51.69 37.58
N ASP B 130 29.25 51.87 38.89
CA ASP B 130 27.97 52.29 39.49
C ASP B 130 27.67 53.77 39.19
N SER B 131 26.72 54.00 38.27
CA SER B 131 26.20 55.34 37.98
C SER B 131 25.64 55.99 39.24
N MET B 132 24.91 55.21 40.03
CA MET B 132 24.17 55.67 41.20
C MET B 132 25.05 56.08 42.38
N PHE B 133 26.19 56.70 42.13
CA PHE B 133 27.19 56.90 43.19
C PHE B 133 26.86 58.10 44.08
N ALA B 134 26.40 59.21 43.49
CA ALA B 134 25.94 60.38 44.27
C ALA B 134 24.45 60.32 44.65
N SER B 135 23.77 59.22 44.29
CA SER B 135 22.36 58.92 44.61
C SER B 135 21.84 59.38 45.99
N LYS B 136 22.65 59.17 47.03
CA LYS B 136 22.28 59.56 48.40
C LYS B 136 22.25 61.09 48.56
N ILE B 137 23.11 61.79 47.82
CA ILE B 137 23.17 63.27 47.83
C ILE B 137 22.15 63.94 46.87
N THR B 138 22.21 63.58 45.59
CA THR B 138 21.43 64.25 44.54
C THR B 138 19.99 63.76 44.41
N GLY B 139 19.83 62.43 44.42
CA GLY B 139 18.57 61.74 44.13
C GLY B 139 18.61 60.99 42.81
N LEU B 140 19.60 61.31 41.97
CA LEU B 140 19.55 61.02 40.54
C LEU B 140 20.70 60.12 40.14
N PRO B 141 20.51 59.30 39.09
CA PRO B 141 21.65 58.57 38.52
C PRO B 141 22.44 59.52 37.65
N VAL B 142 23.65 59.11 37.28
CA VAL B 142 24.42 59.81 36.27
C VAL B 142 23.67 59.56 34.96
N SER B 143 23.19 60.64 34.35
CA SER B 143 22.50 60.60 33.05
C SER B 143 22.86 61.84 32.23
N THR B 144 22.57 61.78 30.94
CA THR B 144 22.81 62.89 30.02
C THR B 144 21.86 64.08 30.26
N TYR B 145 20.75 63.84 30.98
CA TYR B 145 19.77 64.90 31.24
C TYR B 145 20.28 66.07 32.12
N PHE B 146 21.07 65.80 33.18
CA PHE B 146 21.22 66.79 34.29
C PHE B 146 22.20 67.95 34.09
N ALA B 147 21.85 69.11 34.65
CA ALA B 147 22.55 70.37 34.38
C ALA B 147 24.08 70.35 34.46
N ALA B 148 24.62 69.66 35.47
CA ALA B 148 26.08 69.60 35.73
C ALA B 148 26.86 69.16 34.51
N PHE B 149 26.39 68.07 33.91
CA PHE B 149 27.01 67.48 32.73
C PHE B 149 27.00 68.43 31.52
N LYS B 150 26.00 69.31 31.43
CA LYS B 150 25.91 70.31 30.37
C LYS B 150 26.75 71.56 30.68
N MET B 151 26.76 71.99 31.93
CA MET B 151 27.66 73.05 32.39
C MET B 151 29.12 72.67 32.13
N ARG B 152 29.42 71.39 32.31
CA ARG B 152 30.74 70.84 32.05
C ARG B 152 31.01 70.89 30.56
N TRP B 153 30.12 70.26 29.77
CA TRP B 153 30.23 70.19 28.30
C TRP B 153 30.58 71.52 27.67
N MET B 154 29.87 72.57 28.08
CA MET B 154 30.09 73.91 27.57
C MET B 154 31.45 74.47 27.98
N LEU B 155 31.91 74.16 29.18
CA LEU B 155 33.25 74.57 29.61
C LEU B 155 34.36 73.87 28.79
N GLU B 156 34.23 72.56 28.60
CA GLU B 156 35.19 71.81 27.80
C GLU B 156 35.16 72.09 26.29
N ASN B 157 34.09 72.67 25.75
CA ASN B 157 33.89 72.73 24.29
C ASN B 157 33.55 74.08 23.65
N VAL B 158 33.05 75.05 24.41
CA VAL B 158 32.68 76.34 23.85
C VAL B 158 33.67 77.39 24.35
N PRO B 159 34.63 77.82 23.49
CA PRO B 159 35.56 78.88 23.80
C PRO B 159 35.01 79.98 24.72
N ALA B 160 33.99 80.69 24.28
CA ALA B 160 33.49 81.88 25.02
C ALA B 160 32.96 81.55 26.44
N VAL B 161 32.55 80.30 26.64
CA VAL B 161 32.06 79.82 27.94
C VAL B 161 33.23 79.69 28.90
N ALA B 162 34.21 78.86 28.54
CA ALA B 162 35.42 78.68 29.36
C ALA B 162 36.28 79.96 29.42
N ASP B 163 36.18 80.80 28.40
CA ASP B 163 36.74 82.16 28.46
C ASP B 163 36.14 82.92 29.65
N ALA B 164 34.83 83.13 29.63
CA ALA B 164 34.15 83.91 30.67
C ALA B 164 34.22 83.25 32.08
N CYS B 165 34.50 81.95 32.13
CA CYS B 165 34.78 81.27 33.40
C CYS B 165 36.09 81.74 33.99
N ARG B 166 37.14 81.76 33.16
CA ARG B 166 38.46 82.30 33.54
C ARG B 166 38.39 83.80 33.89
N ARG B 167 37.55 84.54 33.17
CA ARG B 167 37.42 85.99 33.40
C ARG B 167 36.55 86.35 34.62
N GLY B 168 36.03 85.36 35.34
CA GLY B 168 35.23 85.61 36.55
C GLY B 168 33.86 86.22 36.33
N THR B 169 33.24 85.94 35.18
CA THR B 169 31.90 86.47 34.84
C THR B 169 30.82 85.44 34.42
N LEU B 170 31.18 84.16 34.33
CA LEU B 170 30.28 83.14 33.79
C LEU B 170 29.17 82.79 34.78
N CYS B 171 27.94 83.11 34.42
CA CYS B 171 26.76 82.58 35.12
C CYS B 171 26.26 81.32 34.41
N PHE B 172 25.89 80.31 35.18
CA PHE B 172 25.04 79.24 34.70
C PHE B 172 23.67 79.43 35.35
N GLY B 173 22.69 78.79 34.75
CA GLY B 173 21.34 78.75 35.31
C GLY B 173 20.41 77.89 34.46
N THR B 174 19.50 77.18 35.14
CA THR B 174 18.38 76.54 34.47
C THR B 174 17.38 77.62 33.95
N ILE B 175 16.34 77.21 33.22
CA ILE B 175 15.44 78.16 32.52
C ILE B 175 14.75 79.12 33.49
N ASP B 176 14.40 78.64 34.68
CA ASP B 176 13.91 79.53 35.76
C ASP B 176 14.92 80.65 36.04
N THR B 177 16.15 80.26 36.39
CA THR B 177 17.22 81.21 36.67
C THR B 177 17.35 82.21 35.52
N TRP B 178 17.38 81.70 34.29
CA TRP B 178 17.58 82.53 33.10
C TRP B 178 16.44 83.55 32.88
N LEU B 179 15.20 83.08 33.03
CA LEU B 179 14.00 83.94 32.97
C LEU B 179 14.00 85.02 34.06
N MET B 180 14.27 84.62 35.32
CA MET B 180 14.31 85.58 36.45
C MET B 180 15.46 86.55 36.35
N TYR B 181 16.61 86.10 35.86
CA TYR B 181 17.73 86.99 35.57
C TYR B 181 17.29 88.10 34.62
N LYS B 182 16.82 87.73 33.43
CA LYS B 182 16.49 88.73 32.40
C LYS B 182 15.23 89.54 32.67
N LEU B 183 14.23 88.96 33.33
CA LEU B 183 13.07 89.75 33.83
C LEU B 183 13.55 90.86 34.80
N SER B 184 14.52 90.53 35.66
CA SER B 184 15.13 91.49 36.62
C SER B 184 15.95 92.59 36.00
N GLY B 185 16.45 92.35 34.78
CA GLY B 185 17.41 93.24 34.15
C GLY B 185 18.79 93.04 34.76
N GLY B 186 19.11 91.79 35.11
CA GLY B 186 20.36 91.47 35.77
C GLY B 186 20.34 91.49 37.31
N LYS B 187 19.32 92.09 37.92
CA LYS B 187 19.29 92.28 39.38
C LYS B 187 19.23 91.00 40.25
N ALA B 188 18.66 89.91 39.72
CA ALA B 188 18.37 88.71 40.52
C ALA B 188 18.99 87.48 39.87
N PHE B 189 19.72 86.72 40.68
CA PHE B 189 20.37 85.50 40.22
C PHE B 189 20.01 84.39 41.22
N VAL B 190 18.86 83.76 40.96
CA VAL B 190 18.22 82.82 41.89
C VAL B 190 17.69 81.58 41.18
N THR B 191 17.41 80.56 41.97
CA THR B 191 16.78 79.34 41.46
C THR B 191 15.92 78.77 42.59
N ASP B 192 15.00 77.88 42.25
CA ASP B 192 14.13 77.28 43.24
C ASP B 192 14.53 75.85 43.46
N VAL B 193 14.17 75.32 44.62
CA VAL B 193 14.59 73.98 45.05
C VAL B 193 14.31 72.86 44.05
N THR B 194 13.15 72.89 43.39
CA THR B 194 12.80 71.82 42.44
C THR B 194 13.75 71.80 41.24
N ASN B 195 14.01 72.97 40.66
CA ASN B 195 14.95 73.05 39.56
C ASN B 195 16.34 72.65 40.00
N ALA B 196 16.79 73.28 41.08
CA ALA B 196 18.07 72.95 41.73
C ALA B 196 18.31 71.44 41.91
N SER B 197 17.25 70.70 42.26
CA SER B 197 17.34 69.26 42.49
C SER B 197 17.55 68.45 41.23
N ARG B 198 17.59 69.13 40.09
CA ARG B 198 17.87 68.50 38.78
C ARG B 198 19.27 68.83 38.27
N THR B 199 20.05 69.59 39.02
CA THR B 199 21.38 70.00 38.58
C THR B 199 22.43 68.90 38.72
N PHE B 200 22.21 67.94 39.63
CA PHE B 200 23.27 67.04 40.11
C PHE B 200 24.35 67.80 40.90
N LEU B 201 23.97 68.90 41.54
CA LEU B 201 24.88 69.67 42.39
C LEU B 201 24.21 70.13 43.68
N MET B 202 23.16 69.42 44.12
CA MET B 202 22.39 69.81 45.32
C MET B 202 22.11 68.58 46.18
N ASP B 203 22.11 68.79 47.50
CA ASP B 203 21.71 67.74 48.44
C ASP B 203 20.18 67.76 48.55
N LEU B 204 19.54 66.69 48.08
CA LEU B 204 18.12 66.47 48.27
C LEU B 204 17.65 66.84 49.67
N ARG B 205 18.33 66.29 50.68
CA ARG B 205 17.92 66.42 52.08
C ARG B 205 18.00 67.85 52.59
N THR B 206 19.12 68.53 52.35
CA THR B 206 19.34 69.87 52.91
C THR B 206 18.85 71.00 52.03
N ARG B 207 18.74 70.77 50.72
CA ARG B 207 18.42 71.83 49.75
C ARG B 207 19.40 73.01 49.76
N LYS B 208 20.70 72.68 49.76
CA LYS B 208 21.78 73.67 49.57
C LYS B 208 22.80 73.02 48.63
N TRP B 209 23.64 73.84 47.97
CA TRP B 209 24.64 73.31 47.01
C TRP B 209 25.70 72.44 47.71
N SER B 210 26.13 71.37 47.05
CA SER B 210 27.19 70.46 47.53
C SER B 210 28.58 70.82 46.96
N PRO B 211 29.49 71.38 47.79
CA PRO B 211 30.85 71.65 47.28
C PRO B 211 31.66 70.41 46.90
N GLU B 212 31.33 69.24 47.45
CA GLU B 212 31.98 67.97 47.05
C GLU B 212 31.86 67.76 45.53
N LEU B 213 30.63 67.57 45.05
CA LEU B 213 30.33 67.33 43.63
C LEU B 213 30.71 68.50 42.71
N CYS B 214 30.54 69.74 43.19
CA CYS B 214 31.03 70.93 42.44
C CYS B 214 32.53 70.88 42.13
N GLU B 215 33.34 70.56 43.14
CA GLU B 215 34.78 70.40 42.98
C GLU B 215 35.09 69.12 42.19
N LYS B 216 34.46 68.00 42.56
CA LYS B 216 34.66 66.73 41.83
C LYS B 216 34.27 66.74 40.33
N LEU B 217 33.34 67.62 39.92
CA LEU B 217 32.97 67.83 38.50
C LEU B 217 33.58 69.11 37.89
N LYS B 218 34.27 69.90 38.71
CA LYS B 218 35.02 71.09 38.29
C LYS B 218 34.14 72.18 37.65
N ILE B 219 32.95 72.31 38.22
CA ILE B 219 32.09 73.45 38.00
C ILE B 219 32.39 74.36 39.19
N PRO B 220 33.01 75.54 38.95
CA PRO B 220 33.18 76.50 40.03
C PRO B 220 31.84 76.87 40.65
N MET B 221 31.82 77.04 41.97
CA MET B 221 30.60 77.42 42.66
C MET B 221 30.18 78.86 42.43
N GLU B 222 31.09 79.72 41.95
CA GLU B 222 30.75 81.12 41.67
C GLU B 222 29.64 81.17 40.61
N THR B 223 29.74 80.26 39.63
CA THR B 223 28.82 80.21 38.49
C THR B 223 27.38 79.85 38.85
N LEU B 224 27.15 79.22 40.01
CA LEU B 224 25.81 78.81 40.43
C LEU B 224 25.07 79.93 41.18
N PRO B 225 23.71 79.98 41.06
CA PRO B 225 22.85 80.96 41.74
C PRO B 225 22.34 80.57 43.12
N GLU B 226 21.60 81.48 43.76
CA GLU B 226 21.07 81.29 45.11
C GLU B 226 19.78 80.43 45.15
N ILE B 227 19.83 79.33 45.91
CA ILE B 227 18.68 78.42 46.05
C ILE B 227 17.69 79.06 47.01
N ARG B 228 16.40 79.06 46.62
CA ARG B 228 15.31 79.54 47.45
C ARG B 228 14.19 78.55 47.37
N SER B 229 13.08 78.84 48.04
CA SER B 229 11.89 77.98 47.97
C SER B 229 11.12 78.21 46.64
N ASN B 230 9.99 77.55 46.48
CA ASN B 230 9.14 77.77 45.33
C ASN B 230 8.19 78.95 45.45
N SER B 231 8.05 79.48 46.66
CA SER B 231 7.04 80.49 47.00
C SER B 231 7.62 81.57 47.92
N GLU B 232 8.14 82.63 47.30
CA GLU B 232 8.69 83.79 47.99
C GLU B 232 9.14 84.86 46.96
N LEU B 233 9.34 86.10 47.42
CA LEU B 233 10.00 87.12 46.61
C LEU B 233 11.32 86.58 46.03
N PHE B 234 11.40 86.49 44.70
CA PHE B 234 12.65 86.26 43.98
C PHE B 234 13.21 87.53 43.33
N GLY B 235 12.33 88.46 42.95
CA GLY B 235 12.77 89.63 42.21
C GLY B 235 11.60 90.44 41.72
N TYR B 236 11.88 91.40 40.83
CA TYR B 236 10.85 92.21 40.16
C TYR B 236 11.05 92.17 38.64
N VAL B 237 9.99 92.42 37.89
CA VAL B 237 10.06 92.46 36.43
C VAL B 237 10.41 93.89 36.05
N GLU B 238 11.64 94.09 35.57
CA GLU B 238 12.18 95.42 35.24
C GLU B 238 12.49 95.66 33.76
N THR B 239 12.53 94.62 32.92
CA THR B 239 12.90 94.80 31.51
C THR B 239 11.83 95.50 30.69
N ASP B 240 12.23 95.94 29.50
CA ASP B 240 11.31 96.60 28.58
C ASP B 240 11.13 95.85 27.25
N GLU B 241 11.56 94.59 27.20
CA GLU B 241 11.74 93.87 25.91
C GLU B 241 10.62 94.01 24.87
N CYS B 242 9.37 93.84 25.28
CA CYS B 242 8.24 94.12 24.38
C CYS B 242 7.24 95.02 25.10
N GLY B 243 7.79 96.06 25.73
CA GLY B 243 7.05 96.99 26.60
C GLY B 243 6.46 96.35 27.85
N VAL B 244 7.05 95.23 28.28
CA VAL B 244 6.47 94.34 29.31
C VAL B 244 6.31 95.03 30.68
N ALA B 245 7.26 95.89 31.05
CA ALA B 245 7.16 96.66 32.28
C ALA B 245 6.12 97.78 32.17
N ALA B 246 5.99 98.38 30.99
CA ALA B 246 4.88 99.34 30.72
C ALA B 246 3.51 98.68 30.81
N ALA B 247 3.39 97.46 30.25
CA ALA B 247 2.12 96.72 30.18
C ALA B 247 1.63 96.25 31.53
N LEU B 248 2.57 95.96 32.42
CA LEU B 248 2.25 95.60 33.81
C LEU B 248 1.74 96.78 34.63
N ASN B 249 2.06 98.01 34.20
CA ASN B 249 1.74 99.25 34.91
C ASN B 249 2.54 99.36 36.23
N GLU B 250 2.08 98.70 37.30
CA GLU B 250 2.78 98.74 38.59
C GLU B 250 4.03 97.90 38.50
N ARG B 251 4.91 98.06 39.47
CA ARG B 251 6.06 97.17 39.60
C ARG B 251 5.47 95.83 40.06
N THR B 252 6.07 94.73 39.59
CA THR B 252 5.45 93.42 39.69
C THR B 252 6.46 92.37 40.20
N PRO B 253 6.21 91.84 41.41
CA PRO B 253 7.14 90.87 41.96
C PRO B 253 7.05 89.49 41.30
N ILE B 254 8.20 88.83 41.21
CA ILE B 254 8.32 87.46 40.77
C ILE B 254 8.36 86.71 42.07
N MET B 255 7.27 86.05 42.41
CA MET B 255 7.11 85.38 43.69
C MET B 255 6.90 83.87 43.59
N GLY B 256 7.18 83.28 42.43
CA GLY B 256 6.90 81.87 42.17
C GLY B 256 7.87 81.29 41.17
N SER B 257 8.34 80.08 41.41
CA SER B 257 9.25 79.43 40.48
C SER B 257 9.20 77.95 40.78
N ILE B 258 9.03 77.11 39.77
CA ILE B 258 8.85 75.67 40.00
C ILE B 258 8.99 74.91 38.66
N GLY B 259 9.86 73.90 38.62
CA GLY B 259 9.97 73.03 37.46
C GLY B 259 8.62 72.46 37.05
N ASP B 260 8.46 72.18 35.76
CA ASP B 260 7.14 71.93 35.18
C ASP B 260 6.41 70.74 35.71
N GLN B 261 7.12 69.66 36.01
CA GLN B 261 6.50 68.41 36.46
C GLN B 261 6.01 68.57 37.88
N GLN B 262 6.84 69.22 38.71
CA GLN B 262 6.47 69.57 40.09
C GLN B 262 5.31 70.54 40.10
N SER B 263 5.31 71.44 39.13
CA SER B 263 4.24 72.41 38.95
C SER B 263 2.94 71.73 38.58
N ALA B 264 3.02 70.67 37.78
CA ALA B 264 1.84 69.85 37.50
C ALA B 264 1.35 69.11 38.76
N LEU B 265 2.29 68.59 39.56
CA LEU B 265 1.95 67.96 40.84
C LEU B 265 1.20 68.97 41.74
N PHE B 266 1.85 70.10 41.99
CA PHE B 266 1.30 71.17 42.83
C PHE B 266 0.03 71.82 42.29
N GLY B 267 -0.17 71.78 40.96
CA GLY B 267 -1.36 72.36 40.35
C GLY B 267 -2.58 71.45 40.24
N ASN B 268 -2.37 70.16 40.50
CA ASN B 268 -3.46 69.19 40.61
C ASN B 268 -3.78 68.83 42.06
N MET B 269 -3.31 69.65 43.01
CA MET B 269 -3.65 69.49 44.44
C MET B 269 -3.13 68.15 45.01
N CYS B 270 -1.90 67.77 44.65
CA CYS B 270 -1.28 66.55 45.15
C CYS B 270 -0.41 66.90 46.35
N PHE B 271 -1.06 67.38 47.41
CA PHE B 271 -0.36 67.87 48.60
C PHE B 271 -0.08 66.77 49.63
N GLU B 272 -0.96 65.79 49.74
CA GLU B 272 -0.80 64.68 50.70
C GLU B 272 0.14 63.63 50.10
N LYS B 273 0.89 62.95 50.95
CA LYS B 273 1.67 61.77 50.55
C LYS B 273 0.73 60.74 49.89
N GLY B 274 1.23 60.03 48.89
CA GLY B 274 0.41 59.09 48.12
C GLY B 274 -0.29 59.66 46.87
N GLU B 275 -0.42 60.99 46.80
CA GLU B 275 -1.05 61.66 45.66
C GLU B 275 -0.05 61.84 44.51
N ALA B 276 -0.54 61.73 43.27
CA ALA B 276 0.35 61.58 42.12
C ALA B 276 -0.23 62.12 40.80
N LYS B 277 0.65 62.68 39.96
CA LYS B 277 0.29 63.24 38.65
C LYS B 277 0.99 62.48 37.52
N ASN B 278 0.26 62.20 36.44
CA ASN B 278 0.82 61.71 35.17
C ASN B 278 0.67 62.77 34.07
N THR B 279 1.79 63.29 33.58
CA THR B 279 1.77 64.39 32.62
C THR B 279 2.14 63.87 31.24
N TYR B 280 1.32 64.18 30.24
CA TYR B 280 1.58 63.83 28.84
C TYR B 280 2.07 65.11 28.14
N GLY B 281 3.12 64.98 27.32
CA GLY B 281 3.75 66.15 26.69
C GLY B 281 4.88 65.74 25.77
N THR B 282 5.97 66.52 25.78
CA THR B 282 7.13 66.27 24.93
C THR B 282 7.81 65.04 25.52
N GLY B 283 8.09 65.12 26.82
CA GLY B 283 8.31 63.94 27.66
C GLY B 283 7.03 63.63 28.43
N CYS B 284 6.97 62.42 29.00
CA CYS B 284 5.83 61.99 29.79
C CYS B 284 6.33 61.44 31.15
N PHE B 285 5.69 61.87 32.23
CA PHE B 285 6.26 61.67 33.59
C PHE B 285 5.19 61.42 34.64
N LEU B 286 5.45 60.44 35.50
CA LEU B 286 4.65 60.20 36.70
C LEU B 286 5.45 60.63 37.92
N LEU B 287 4.90 61.58 38.68
CA LEU B 287 5.44 62.00 39.98
C LEU B 287 4.43 61.71 41.09
N MET B 288 4.94 61.26 42.23
CA MET B 288 4.14 60.93 43.40
C MET B 288 4.71 61.65 44.61
N ASN B 289 3.85 62.34 45.36
CA ASN B 289 4.20 62.94 46.65
C ASN B 289 4.48 61.85 47.68
N VAL B 290 5.65 61.90 48.32
CA VAL B 290 5.98 60.90 49.37
C VAL B 290 6.18 61.52 50.75
N GLY B 291 5.55 62.67 50.99
CA GLY B 291 5.65 63.36 52.28
C GLY B 291 6.93 64.15 52.43
N GLU B 292 7.14 64.66 53.64
CA GLU B 292 8.29 65.51 53.95
C GLU B 292 9.57 64.76 54.27
N GLU B 293 9.49 63.43 54.32
CA GLU B 293 10.66 62.57 54.51
C GLU B 293 11.17 62.19 53.11
N ALA B 294 12.38 62.63 52.78
CA ALA B 294 13.00 62.39 51.47
C ALA B 294 13.23 60.92 51.22
N ARG B 295 12.63 60.37 50.18
CA ARG B 295 12.75 58.94 49.86
C ARG B 295 13.64 58.67 48.65
N PHE B 296 14.43 57.60 48.77
CA PHE B 296 15.43 57.17 47.78
C PHE B 296 14.99 55.86 47.15
N SER B 297 15.58 55.51 46.02
CA SER B 297 15.06 54.48 45.13
C SER B 297 16.13 53.46 44.70
N LYS B 298 15.85 52.17 44.92
CA LYS B 298 16.64 51.07 44.39
C LYS B 298 16.30 50.84 42.92
N HIS B 299 15.02 50.92 42.60
CA HIS B 299 14.48 50.43 41.32
C HIS B 299 14.57 51.44 40.16
N GLY B 300 15.71 52.14 40.02
CA GLY B 300 15.94 53.05 38.89
C GLY B 300 15.32 54.44 38.90
N LEU B 301 14.16 54.60 39.58
CA LEU B 301 13.44 55.90 39.69
C LEU B 301 14.30 57.03 40.27
N LEU B 302 13.82 58.26 40.12
CA LEU B 302 14.51 59.46 40.61
C LEU B 302 13.91 59.92 41.93
N SER B 303 14.71 60.63 42.70
CA SER B 303 14.26 61.25 43.92
C SER B 303 14.49 62.74 43.75
N THR B 304 13.46 63.51 44.05
CA THR B 304 13.50 64.94 43.79
C THR B 304 12.55 65.67 44.75
N VAL B 305 12.72 66.99 44.84
CA VAL B 305 11.81 67.85 45.61
C VAL B 305 10.46 67.88 44.90
N GLY B 306 9.38 67.72 45.66
CA GLY B 306 8.02 67.82 45.15
C GLY B 306 7.63 69.29 45.14
N PHE B 307 7.76 69.93 46.31
CA PHE B 307 7.56 71.38 46.50
C PHE B 307 7.94 71.89 47.92
N GLN B 308 8.13 73.20 48.07
CA GLN B 308 8.40 73.83 49.35
C GLN B 308 7.88 75.26 49.34
N VAL B 309 6.73 75.48 50.00
CA VAL B 309 6.18 76.83 50.13
C VAL B 309 6.89 77.63 51.22
N GLY B 310 7.47 78.77 50.86
CA GLY B 310 7.92 79.77 51.83
C GLY B 310 9.35 79.58 52.23
N ARG B 311 9.96 80.67 52.71
CA ARG B 311 11.35 80.68 53.20
C ARG B 311 11.50 79.64 54.32
N ASP B 312 11.66 78.41 53.88
CA ASP B 312 11.67 77.24 54.73
C ASP B 312 10.39 77.13 55.58
N GLY B 313 9.29 76.90 54.87
CA GLY B 313 8.18 76.13 55.38
C GLY B 313 8.54 74.67 55.12
N PRO B 314 7.58 73.75 55.27
CA PRO B 314 7.92 72.33 55.06
C PRO B 314 8.27 72.02 53.60
N CYS B 315 9.33 71.22 53.38
CA CYS B 315 9.65 70.73 52.04
C CYS B 315 9.09 69.33 51.82
N TYR B 316 8.22 69.21 50.82
CA TYR B 316 7.72 67.91 50.38
C TYR B 316 8.62 67.33 49.29
N TYR B 317 8.55 66.01 49.13
CA TYR B 317 9.46 65.23 48.31
C TYR B 317 8.69 64.27 47.43
N ALA B 318 9.35 63.78 46.39
CA ALA B 318 8.70 62.94 45.42
C ALA B 318 9.62 61.97 44.76
N LEU B 319 9.01 60.96 44.15
CA LEU B 319 9.71 60.02 43.29
C LEU B 319 9.18 60.27 41.89
N GLU B 320 10.01 59.98 40.87
CA GLU B 320 9.70 60.32 39.47
C GLU B 320 10.07 59.22 38.46
N GLY B 321 9.10 58.87 37.60
CA GLY B 321 9.32 57.92 36.51
C GLY B 321 8.95 58.43 35.12
N ALA B 322 9.88 58.33 34.17
CA ALA B 322 9.62 58.64 32.76
C ALA B 322 8.95 57.46 32.04
N ILE B 323 7.77 57.68 31.44
CA ILE B 323 7.08 56.65 30.63
C ILE B 323 7.52 56.82 29.18
N ALA B 324 7.07 55.92 28.32
CA ALA B 324 6.92 56.21 26.89
C ALA B 324 5.60 56.98 26.71
N CYS B 325 5.59 57.96 25.82
CA CYS B 325 4.40 58.80 25.64
C CYS B 325 3.32 58.05 24.87
N ALA B 326 2.10 58.13 25.36
CA ALA B 326 0.94 57.65 24.60
C ALA B 326 0.79 58.40 23.28
N GLY B 327 1.08 59.70 23.29
CA GLY B 327 0.88 60.55 22.13
C GLY B 327 1.76 60.12 20.98
N ALA B 328 3.07 60.09 21.22
CA ALA B 328 4.04 59.66 20.21
C ALA B 328 3.67 58.33 19.57
N THR B 329 3.34 57.34 20.41
CA THR B 329 2.99 55.99 19.97
C THR B 329 1.73 55.98 19.10
N VAL B 330 0.70 56.65 19.60
CA VAL B 330 -0.55 56.91 18.84
C VAL B 330 -0.27 57.66 17.52
N GLU B 331 0.52 58.73 17.60
CA GLU B 331 0.85 59.51 16.41
C GLU B 331 1.69 58.68 15.42
N TRP B 332 2.62 57.88 15.94
CA TRP B 332 3.44 56.97 15.12
C TRP B 332 2.54 55.97 14.39
N MET B 333 1.65 55.31 15.12
CA MET B 333 0.67 54.43 14.50
C MET B 333 -0.16 55.15 13.42
N ARG B 334 -0.48 56.42 13.70
CA ARG B 334 -1.28 57.25 12.79
C ARG B 334 -0.50 57.55 11.52
N ARG B 335 0.59 58.31 11.65
CA ARG B 335 1.24 58.89 10.47
C ARG B 335 2.47 58.14 9.97
N ASN B 336 2.99 57.16 10.71
CA ASN B 336 4.03 56.28 10.17
C ASN B 336 3.47 55.02 9.53
N MET B 337 2.46 54.43 10.17
CA MET B 337 1.94 53.10 9.81
C MET B 337 0.53 53.09 9.20
N ASN B 338 -0.19 54.21 9.24
CA ASN B 338 -1.44 54.38 8.52
C ASN B 338 -2.58 53.52 9.07
N LEU B 339 -2.53 53.20 10.36
CA LEU B 339 -3.54 52.30 10.97
C LEU B 339 -4.86 53.00 11.26
N PHE B 340 -4.86 54.33 11.20
CA PHE B 340 -6.07 55.14 11.19
C PHE B 340 -5.74 56.55 10.70
N SER B 341 -6.70 57.18 10.01
CA SER B 341 -6.49 58.52 9.46
C SER B 341 -6.67 59.61 10.53
N HIS B 342 -7.77 59.56 11.28
CA HIS B 342 -8.05 60.55 12.34
C HIS B 342 -8.20 59.92 13.74
N ILE B 343 -7.83 60.70 14.76
CA ILE B 343 -7.72 60.24 16.16
C ILE B 343 -9.02 59.70 16.80
N THR B 344 -10.19 60.07 16.29
CA THR B 344 -11.47 59.46 16.71
C THR B 344 -11.53 57.94 16.49
N GLU B 345 -10.90 57.47 15.40
CA GLU B 345 -10.88 56.03 15.04
C GLU B 345 -10.00 55.21 15.98
N CYS B 346 -8.88 55.79 16.41
CA CYS B 346 -7.93 55.09 17.29
C CYS B 346 -8.64 54.40 18.45
N GLU B 347 -9.58 55.13 19.04
CA GLU B 347 -10.36 54.61 20.15
C GLU B 347 -11.43 53.61 19.69
N LYS B 348 -12.10 53.90 18.57
CA LYS B 348 -13.14 53.02 18.03
C LYS B 348 -12.59 51.63 17.73
N LEU B 349 -11.50 51.57 16.96
CA LEU B 349 -10.84 50.29 16.63
C LEU B 349 -10.33 49.56 17.89
N ALA B 350 -9.74 50.30 18.83
CA ALA B 350 -9.32 49.70 20.11
C ALA B 350 -10.49 49.05 20.83
N ARG B 351 -11.62 49.75 20.89
CA ARG B 351 -12.85 49.21 21.52
C ARG B 351 -13.48 48.09 20.70
N SER B 352 -13.44 48.19 19.38
CA SER B 352 -14.03 47.21 18.45
C SER B 352 -13.64 45.74 18.66
N VAL B 353 -12.51 45.46 19.32
CA VAL B 353 -12.11 44.09 19.70
C VAL B 353 -12.24 43.90 21.21
N PRO B 354 -12.47 42.67 21.66
CA PRO B 354 -12.57 42.44 23.10
C PRO B 354 -11.22 42.58 23.80
N GLY B 355 -10.18 41.97 23.23
CA GLY B 355 -8.83 42.02 23.81
C GLY B 355 -7.75 41.95 22.76
N THR B 356 -6.51 41.84 23.23
CA THR B 356 -5.36 41.72 22.32
C THR B 356 -5.24 40.30 21.75
N GLN B 357 -5.90 39.34 22.40
CA GLN B 357 -5.85 37.91 22.05
C GLN B 357 -4.51 37.43 21.51
N GLY B 358 -3.52 37.45 22.40
CA GLY B 358 -2.22 36.85 22.15
C GLY B 358 -1.11 37.86 22.03
N ILE B 359 -1.33 38.91 21.25
CA ILE B 359 -0.23 39.82 20.89
C ILE B 359 0.12 40.78 22.03
N VAL B 360 1.41 41.09 22.13
CA VAL B 360 1.88 42.23 22.90
C VAL B 360 2.68 43.13 21.97
N PHE B 361 2.64 44.42 22.27
CA PHE B 361 3.31 45.49 21.54
C PHE B 361 4.03 46.35 22.59
N VAL B 362 5.36 46.27 22.62
CA VAL B 362 6.18 47.07 23.55
C VAL B 362 6.67 48.30 22.77
N PRO B 363 6.02 49.46 22.95
CA PRO B 363 6.39 50.61 22.14
C PRO B 363 7.64 51.34 22.68
N ALA B 364 8.75 50.61 22.77
CA ALA B 364 10.00 51.14 23.30
C ALA B 364 10.89 51.62 22.14
N PHE B 365 10.39 52.64 21.45
CA PHE B 365 11.01 53.10 20.20
C PHE B 365 12.44 53.64 20.34
N SER B 366 12.78 54.15 21.52
CA SER B 366 14.17 54.48 21.84
C SER B 366 14.50 54.03 23.26
N GLY B 367 14.18 52.76 23.55
CA GLY B 367 14.56 52.12 24.79
C GLY B 367 13.43 52.04 25.78
N LEU B 368 13.52 51.03 26.64
CA LEU B 368 12.67 50.92 27.83
C LEU B 368 13.15 51.99 28.78
N LEU B 369 12.24 52.86 29.22
CA LEU B 369 12.52 53.86 30.25
C LEU B 369 12.08 53.27 31.62
N ALA B 370 11.29 54.02 32.41
CA ALA B 370 10.37 53.45 33.44
C ALA B 370 11.09 52.82 34.66
N PRO B 371 10.88 51.51 35.00
CA PRO B 371 11.88 50.99 35.97
C PRO B 371 13.04 50.18 35.37
N TYR B 372 12.95 49.82 34.10
CA TYR B 372 13.89 48.86 33.49
C TYR B 372 15.12 49.54 32.89
N TRP B 373 14.97 50.80 32.47
CA TRP B 373 16.04 51.58 31.84
C TRP B 373 17.06 50.78 31.01
N ASP B 374 16.59 50.29 29.87
CA ASP B 374 17.39 49.51 28.91
C ASP B 374 17.45 50.25 27.56
N PRO B 375 18.59 50.92 27.26
CA PRO B 375 18.69 51.62 25.97
C PRO B 375 18.80 50.72 24.73
N SER B 376 18.95 49.40 24.92
CA SER B 376 19.02 48.47 23.79
C SER B 376 17.65 48.04 23.27
N ALA B 377 16.58 48.25 24.07
CA ALA B 377 15.23 47.82 23.69
C ALA B 377 14.67 48.71 22.59
N ARG B 378 14.04 48.05 21.62
CA ARG B 378 13.39 48.71 20.48
C ARG B 378 11.90 48.32 20.37
N GLY B 379 11.18 48.97 19.47
CA GLY B 379 9.75 48.70 19.31
C GLY B 379 9.45 47.29 18.84
N THR B 380 8.77 46.51 19.67
CA THR B 380 8.51 45.09 19.41
C THR B 380 7.02 44.70 19.45
N ILE B 381 6.61 43.86 18.51
CA ILE B 381 5.29 43.20 18.51
C ILE B 381 5.54 41.67 18.48
N VAL B 382 4.87 40.93 19.35
CA VAL B 382 5.00 39.47 19.38
C VAL B 382 3.64 38.78 19.31
N GLY B 383 3.61 37.53 18.90
CA GLY B 383 2.41 36.70 19.02
C GLY B 383 1.32 36.91 17.99
N MET B 384 1.65 37.41 16.81
CA MET B 384 0.65 37.66 15.77
C MET B 384 0.27 36.38 15.00
N THR B 385 -0.97 36.36 14.49
CA THR B 385 -1.47 35.31 13.59
C THR B 385 -2.19 36.00 12.45
N LEU B 386 -2.68 35.21 11.50
CA LEU B 386 -3.48 35.76 10.41
C LEU B 386 -4.72 36.50 10.93
N LYS B 387 -5.26 36.05 12.07
CA LYS B 387 -6.41 36.70 12.74
C LYS B 387 -6.00 37.82 13.71
N THR B 388 -5.18 38.76 13.20
CA THR B 388 -4.70 39.91 13.98
C THR B 388 -4.88 41.12 13.11
N THR B 389 -5.31 42.23 13.68
CA THR B 389 -5.63 43.43 12.90
C THR B 389 -5.19 44.69 13.58
N ARG B 390 -5.19 45.77 12.80
CA ARG B 390 -4.86 47.10 13.29
C ARG B 390 -5.50 47.41 14.65
N ALA B 391 -6.76 47.01 14.81
CA ALA B 391 -7.51 47.15 16.06
C ALA B 391 -6.80 46.53 17.28
N HIS B 392 -6.33 45.29 17.12
CA HIS B 392 -5.65 44.54 18.18
C HIS B 392 -4.30 45.21 18.55
N VAL B 393 -3.61 45.67 17.51
CA VAL B 393 -2.31 46.33 17.68
C VAL B 393 -2.51 47.69 18.38
N ILE B 394 -3.57 48.41 18.01
CA ILE B 394 -3.86 49.70 18.65
C ILE B 394 -4.28 49.51 20.10
N ARG B 395 -5.09 48.49 20.40
CA ARG B 395 -5.43 48.20 21.78
C ARG B 395 -4.20 47.77 22.57
N ALA B 396 -3.39 46.91 21.97
CA ALA B 396 -2.12 46.48 22.58
C ALA B 396 -1.20 47.66 22.88
N ALA B 397 -1.12 48.62 21.97
CA ALA B 397 -0.33 49.84 22.19
C ALA B 397 -0.81 50.62 23.42
N LEU B 398 -2.13 50.65 23.64
CA LEU B 398 -2.74 51.30 24.81
C LEU B 398 -2.49 50.51 26.10
N GLN B 399 -2.74 49.21 26.06
CA GLN B 399 -2.38 48.33 27.21
C GLN B 399 -0.95 48.59 27.69
N ALA B 400 -0.02 48.60 26.74
CA ALA B 400 1.40 48.76 27.01
C ALA B 400 1.76 50.04 27.76
N ILE B 401 1.03 51.12 27.51
CA ILE B 401 1.23 52.36 28.28
C ILE B 401 0.74 52.16 29.71
N ALA B 402 -0.42 51.52 29.87
CA ALA B 402 -0.91 51.18 31.20
C ALA B 402 0.00 50.22 31.93
N LEU B 403 0.55 49.25 31.20
CA LEU B 403 1.48 48.29 31.80
C LEU B 403 2.81 48.93 32.21
N GLN B 404 3.34 49.83 31.37
CA GLN B 404 4.51 50.64 31.76
C GLN B 404 4.20 51.45 33.02
N LEU B 405 3.01 52.04 33.04
CA LEU B 405 2.54 52.84 34.17
C LEU B 405 2.51 51.99 35.43
N ASN B 406 1.98 50.77 35.30
CA ASN B 406 1.85 49.86 36.44
C ASN B 406 3.20 49.50 37.02
N ASP B 407 4.12 49.09 36.15
CA ASP B 407 5.47 48.74 36.60
C ASP B 407 6.12 49.94 37.34
N VAL B 408 5.93 51.16 36.85
CA VAL B 408 6.40 52.38 37.54
C VAL B 408 5.77 52.56 38.94
N VAL B 409 4.45 52.32 39.04
CA VAL B 409 3.74 52.49 40.31
C VAL B 409 4.12 51.38 41.29
N GLY B 410 4.08 50.13 40.81
CA GLY B 410 4.61 48.98 41.55
C GLY B 410 6.03 49.23 42.06
N SER B 411 6.84 49.85 41.22
CA SER B 411 8.20 50.26 41.60
C SER B 411 8.17 51.37 42.67
N MET B 412 7.28 52.36 42.51
CA MET B 412 7.14 53.47 43.47
C MET B 412 6.69 53.03 44.86
N LYS B 413 5.88 51.97 44.92
CA LYS B 413 5.43 51.42 46.20
C LYS B 413 6.58 50.80 47.03
N ARG B 414 7.44 50.01 46.39
CA ARG B 414 8.61 49.38 47.05
C ARG B 414 9.64 50.41 47.59
N ASP B 415 9.76 51.56 46.93
CA ASP B 415 10.78 52.59 47.27
C ASP B 415 10.28 53.67 48.23
N ALA B 416 9.06 54.15 48.01
CA ALA B 416 8.45 55.15 48.88
C ALA B 416 8.08 54.52 50.21
N GLY B 417 7.51 53.31 50.15
CA GLY B 417 6.88 52.67 51.29
C GLY B 417 5.50 53.25 51.52
N LEU B 418 4.74 53.44 50.44
CA LEU B 418 3.35 53.92 50.48
C LEU B 418 2.64 53.40 49.21
N ASN B 419 1.43 53.87 48.91
CA ASN B 419 0.71 53.46 47.69
C ASN B 419 0.10 54.63 46.93
N LEU B 420 -0.45 54.29 45.77
CA LEU B 420 -1.09 55.27 44.91
C LEU B 420 -2.47 55.55 45.51
N SER B 421 -2.58 56.65 46.24
CA SER B 421 -3.86 57.12 46.78
C SER B 421 -4.85 57.37 45.63
N SER B 422 -4.53 58.34 44.77
CA SER B 422 -5.24 58.56 43.51
C SER B 422 -4.25 59.09 42.47
N LEU B 423 -4.67 59.04 41.20
CA LEU B 423 -3.88 59.49 40.04
C LEU B 423 -4.58 60.60 39.26
N ARG B 424 -3.85 61.67 38.92
CA ARG B 424 -4.36 62.78 38.09
C ARG B 424 -3.66 62.67 36.74
N VAL B 425 -4.35 62.93 35.62
CA VAL B 425 -3.87 62.51 34.30
C VAL B 425 -4.06 63.44 33.08
N ASP B 426 -4.26 64.74 33.25
CA ASP B 426 -4.46 65.58 32.04
C ASP B 426 -3.24 65.56 31.08
N GLY B 427 -3.51 65.75 29.79
CA GLY B 427 -2.48 65.89 28.77
C GLY B 427 -2.99 65.69 27.34
N GLY B 428 -2.07 65.36 26.42
CA GLY B 428 -2.41 65.05 25.03
C GLY B 428 -3.44 63.94 24.85
N LEU B 429 -3.38 62.92 25.71
CA LEU B 429 -4.35 61.81 25.71
C LEU B 429 -5.04 61.61 27.08
N SER B 430 -5.97 62.51 27.38
CA SER B 430 -7.09 62.27 28.30
C SER B 430 -8.46 62.30 27.57
N LYS B 431 -8.46 62.77 26.32
CA LYS B 431 -9.56 62.51 25.36
C LYS B 431 -9.63 61.05 24.87
N ASN B 432 -8.65 60.22 25.26
CA ASN B 432 -8.74 58.75 25.16
C ASN B 432 -9.28 58.20 26.48
N GLY B 433 -10.55 57.78 26.46
CA GLY B 433 -11.23 57.18 27.61
C GLY B 433 -10.93 55.72 27.87
N LEU B 434 -10.62 54.94 26.83
CA LEU B 434 -10.29 53.51 26.98
C LEU B 434 -8.97 53.29 27.70
N LEU B 435 -7.98 54.14 27.40
CA LEU B 435 -6.70 54.10 28.11
C LEU B 435 -6.88 54.33 29.60
N MET B 436 -7.80 55.22 29.97
CA MET B 436 -8.02 55.61 31.37
C MET B 436 -8.61 54.46 32.18
N GLU B 437 -9.61 53.80 31.60
CA GLU B 437 -10.21 52.61 32.23
C GLU B 437 -9.19 51.48 32.43
N ILE B 438 -8.46 51.18 31.35
CA ILE B 438 -7.40 50.17 31.38
C ILE B 438 -6.36 50.57 32.43
N GLN B 439 -5.93 51.83 32.42
CA GLN B 439 -4.98 52.32 33.43
C GLN B 439 -5.53 52.13 34.86
N ALA B 440 -6.78 52.57 35.09
CA ALA B 440 -7.41 52.51 36.42
C ALA B 440 -7.57 51.08 36.94
N SER B 441 -7.87 50.15 36.02
CA SER B 441 -8.03 48.74 36.35
C SER B 441 -6.73 48.05 36.78
N LEU B 442 -5.67 48.26 36.02
CA LEU B 442 -4.37 47.67 36.35
C LEU B 442 -3.78 48.21 37.63
N LEU B 443 -3.94 49.52 37.85
CA LEU B 443 -3.39 50.17 39.03
C LEU B 443 -4.31 50.05 40.21
N GLY B 444 -5.60 49.81 39.93
CA GLY B 444 -6.62 49.67 40.96
C GLY B 444 -6.85 50.95 41.74
N VAL B 445 -6.83 52.08 41.05
CA VAL B 445 -7.06 53.36 41.68
C VAL B 445 -7.94 54.25 40.83
N ASP B 446 -8.39 55.33 41.43
CA ASP B 446 -9.19 56.30 40.74
C ASP B 446 -8.30 57.17 39.84
N ILE B 447 -8.83 57.51 38.67
CA ILE B 447 -8.15 58.37 37.71
C ILE B 447 -8.92 59.70 37.59
N LEU B 448 -8.38 60.72 38.24
CA LEU B 448 -8.94 62.07 38.22
C LEU B 448 -8.50 62.78 36.93
N VAL B 449 -9.47 63.23 36.14
CA VAL B 449 -9.17 63.96 34.92
C VAL B 449 -9.65 65.40 35.12
N PRO B 450 -8.74 66.37 35.32
CA PRO B 450 -9.21 67.75 35.51
C PRO B 450 -9.71 68.37 34.20
N SER B 451 -10.78 69.17 34.30
CA SER B 451 -11.39 69.83 33.16
C SER B 451 -10.89 71.26 32.97
N MET B 452 -10.14 71.79 33.94
CA MET B 452 -9.30 72.95 33.69
C MET B 452 -7.97 72.39 33.15
N HIS B 453 -7.66 72.74 31.89
CA HIS B 453 -6.51 72.21 31.12
C HIS B 453 -5.17 72.96 31.31
N GLU B 454 -5.08 73.83 32.32
CA GLU B 454 -3.95 74.74 32.48
C GLU B 454 -3.28 74.48 33.84
N THR B 455 -3.36 73.22 34.27
CA THR B 455 -2.93 72.80 35.59
C THR B 455 -1.43 72.95 35.86
N THR B 456 -0.59 72.76 34.84
CA THR B 456 0.86 72.99 35.01
C THR B 456 1.17 74.48 35.24
N ALA B 457 0.58 75.35 34.42
CA ALA B 457 0.68 76.79 34.64
C ALA B 457 0.07 77.22 35.97
N LEU B 458 -1.02 76.56 36.38
CA LEU B 458 -1.63 76.83 37.69
C LEU B 458 -0.66 76.66 38.87
N GLY B 459 0.17 75.62 38.83
CA GLY B 459 1.17 75.39 39.88
C GLY B 459 2.03 76.59 40.23
N ALA B 460 2.64 77.21 39.22
CA ALA B 460 3.50 78.36 39.50
C ALA B 460 2.70 79.57 39.93
N ALA B 461 1.44 79.65 39.48
CA ALA B 461 0.54 80.74 39.87
C ALA B 461 0.08 80.57 41.32
N LEU B 462 -0.13 79.33 41.73
CA LEU B 462 -0.47 79.03 43.11
C LEU B 462 0.68 79.44 44.06
N CYS B 463 1.92 79.08 43.74
CA CYS B 463 3.07 79.51 44.53
C CYS B 463 3.15 81.02 44.67
N ALA B 464 3.07 81.72 43.54
CA ALA B 464 3.13 83.19 43.52
C ALA B 464 1.94 83.83 44.26
N GLY B 465 0.78 83.19 44.16
CA GLY B 465 -0.40 83.63 44.89
C GLY B 465 -0.33 83.42 46.39
N LEU B 466 0.28 82.32 46.83
CA LEU B 466 0.42 82.04 48.25
C LEU B 466 1.33 83.07 48.90
N ALA B 467 2.41 83.42 48.21
CA ALA B 467 3.37 84.41 48.74
C ALA B 467 2.79 85.83 48.75
N ALA B 468 2.11 86.21 47.66
CA ALA B 468 1.55 87.55 47.56
C ALA B 468 0.21 87.71 48.33
N GLY B 469 -0.33 86.62 48.85
CA GLY B 469 -1.55 86.66 49.66
C GLY B 469 -2.86 86.74 48.89
N VAL B 470 -2.88 86.31 47.63
CA VAL B 470 -4.13 86.18 46.88
C VAL B 470 -4.95 85.02 47.47
N TRP B 471 -4.24 83.93 47.81
CA TRP B 471 -4.71 82.84 48.67
C TRP B 471 -3.77 82.72 49.89
N THR B 472 -4.31 82.24 51.03
CA THR B 472 -3.59 82.26 52.34
C THR B 472 -3.04 80.91 52.79
N SER B 473 -3.80 79.85 52.50
CA SER B 473 -3.50 78.48 52.91
C SER B 473 -3.71 77.49 51.76
N LEU B 474 -3.15 76.30 51.90
CA LEU B 474 -3.47 75.22 50.99
C LEU B 474 -4.94 74.77 51.08
N GLU B 475 -5.57 75.01 52.24
CA GLU B 475 -7.01 74.72 52.40
C GLU B 475 -7.83 75.61 51.48
N GLU B 476 -7.58 76.92 51.55
CA GLU B 476 -8.25 77.88 50.67
C GLU B 476 -8.02 77.45 49.21
N VAL B 477 -6.75 77.25 48.82
CA VAL B 477 -6.37 76.76 47.49
C VAL B 477 -7.21 75.51 47.07
N LYS B 478 -7.19 74.45 47.89
CA LYS B 478 -8.03 73.26 47.64
C LYS B 478 -9.51 73.62 47.48
N ALA B 479 -10.03 74.41 48.42
CA ALA B 479 -11.45 74.76 48.47
C ALA B 479 -11.93 75.49 47.20
N VAL B 480 -11.14 76.48 46.78
CA VAL B 480 -11.48 77.24 45.58
C VAL B 480 -11.48 76.31 44.37
N SER B 481 -10.50 75.39 44.34
CA SER B 481 -10.36 74.44 43.24
C SER B 481 -11.58 73.54 43.11
N ARG B 482 -11.95 72.87 44.22
CA ARG B 482 -13.11 71.94 44.16
C ARG B 482 -14.40 72.70 43.83
N ARG B 483 -14.51 73.95 44.29
CA ARG B 483 -15.66 74.80 43.97
C ARG B 483 -15.71 75.25 42.51
N GLU B 484 -14.59 75.71 41.97
CA GLU B 484 -14.53 76.32 40.62
C GLU B 484 -14.19 75.34 39.50
N ASN B 485 -13.25 74.42 39.73
CA ASN B 485 -12.75 73.53 38.67
C ASN B 485 -13.11 72.06 38.84
N SER B 486 -13.94 71.58 37.93
CA SER B 486 -14.49 70.23 38.00
C SER B 486 -13.46 69.18 37.56
N TRP B 487 -13.81 67.90 37.71
CA TRP B 487 -13.01 66.81 37.13
C TRP B 487 -13.86 65.57 36.97
N LYS B 488 -13.85 64.96 35.78
CA LYS B 488 -14.46 63.64 35.61
C LYS B 488 -13.52 62.63 36.25
N THR B 489 -14.08 61.52 36.71
CA THR B 489 -13.30 60.48 37.43
C THR B 489 -13.65 59.11 36.88
N VAL B 490 -12.62 58.27 36.71
CA VAL B 490 -12.76 56.96 36.06
C VAL B 490 -12.35 55.88 37.07
N SER B 491 -13.28 54.96 37.33
CA SER B 491 -13.12 53.94 38.38
C SER B 491 -12.50 52.65 37.84
N PRO B 492 -11.84 51.85 38.70
CA PRO B 492 -11.43 50.50 38.32
C PRO B 492 -12.62 49.61 38.00
N SER B 493 -12.45 48.73 37.01
CA SER B 493 -13.47 47.75 36.64
C SER B 493 -12.87 46.49 36.01
N GLY B 494 -11.84 45.94 36.65
CA GLY B 494 -11.20 44.68 36.23
C GLY B 494 -11.16 43.67 37.37
N SER B 495 -10.05 42.95 37.48
CA SER B 495 -9.87 41.90 38.50
C SER B 495 -8.46 41.32 38.40
N ALA B 496 -8.06 40.53 39.39
CA ALA B 496 -6.74 39.89 39.40
C ALA B 496 -6.57 38.88 38.25
N MET B 497 -7.65 38.18 37.88
CA MET B 497 -7.60 37.23 36.74
C MET B 497 -7.14 37.87 35.43
N GLU B 498 -7.72 39.02 35.07
CA GLU B 498 -7.39 39.71 33.82
C GLU B 498 -6.09 40.47 33.98
N ARG B 499 -5.90 41.09 35.15
CA ARG B 499 -4.71 41.86 35.50
C ARG B 499 -3.45 40.98 35.47
N GLU B 500 -3.38 40.04 36.41
CA GLU B 500 -2.16 39.23 36.63
C GLU B 500 -1.75 38.45 35.35
N ALA B 501 -2.74 38.08 34.53
CA ALA B 501 -2.50 37.45 33.22
C ALA B 501 -1.95 38.44 32.20
N MET B 502 -2.58 39.61 32.11
CA MET B 502 -2.15 40.70 31.22
C MET B 502 -0.74 41.20 31.53
N ILE B 503 -0.36 41.20 32.81
CA ILE B 503 1.03 41.46 33.23
C ILE B 503 1.96 40.31 32.79
N ALA B 504 1.51 39.06 32.92
CA ALA B 504 2.32 37.88 32.55
C ALA B 504 2.69 37.84 31.06
N GLU B 505 1.72 38.10 30.17
CA GLU B 505 2.03 38.36 28.77
C GLU B 505 3.15 39.41 28.69
N TRP B 506 2.88 40.56 29.31
CA TRP B 506 3.76 41.73 29.24
C TRP B 506 5.20 41.41 29.69
N ARG B 507 5.35 40.88 30.90
CA ARG B 507 6.67 40.53 31.45
C ARG B 507 7.47 39.56 30.55
N GLU B 508 6.78 38.64 29.90
CA GLU B 508 7.41 37.73 28.93
C GLU B 508 7.74 38.42 27.59
N ALA B 509 6.89 39.33 27.14
CA ALA B 509 7.14 40.09 25.91
C ALA B 509 8.35 41.01 26.06
N LEU B 510 8.47 41.66 27.22
CA LEU B 510 9.63 42.49 27.54
C LEU B 510 10.97 41.83 27.24
N LYS B 511 11.07 40.53 27.51
CA LYS B 511 12.31 39.75 27.31
C LYS B 511 12.83 39.68 25.86
N ARG B 512 11.94 39.88 24.87
CA ARG B 512 12.32 39.83 23.45
C ARG B 512 12.51 41.22 22.80
N THR B 513 12.45 42.31 23.58
CA THR B 513 12.61 43.67 23.06
C THR B 513 14.05 44.05 22.69
N LYS B 514 15.03 43.48 23.40
CA LYS B 514 16.48 43.81 23.22
C LYS B 514 17.00 43.71 21.79
N TRP B 515 17.63 44.79 21.29
CA TRP B 515 18.01 44.88 19.86
C TRP B 515 19.20 45.79 19.43
N ALA B 516 19.65 46.74 20.24
CA ALA B 516 20.83 47.56 19.87
C ALA B 516 22.15 46.76 19.97
N LYS B 517 23.13 47.13 19.13
CA LYS B 517 24.38 46.37 18.91
C LYS B 517 24.11 44.96 18.35
N PHE C 5 55.05 -37.99 -22.03
CA PHE C 5 54.61 -36.99 -21.02
C PHE C 5 54.16 -37.72 -19.72
N THR C 6 53.48 -37.00 -18.81
CA THR C 6 52.86 -37.58 -17.60
C THR C 6 51.31 -37.54 -17.63
N MET C 7 50.68 -38.19 -16.65
CA MET C 7 49.22 -38.24 -16.49
C MET C 7 48.62 -36.84 -16.43
N LYS C 8 47.55 -36.62 -17.18
CA LYS C 8 46.89 -35.33 -17.24
C LYS C 8 45.48 -35.47 -16.67
N TYR C 9 45.03 -34.43 -15.98
CA TYR C 9 43.73 -34.41 -15.33
C TYR C 9 43.06 -33.07 -15.58
N VAL C 10 41.73 -33.14 -15.73
CA VAL C 10 40.90 -31.96 -15.90
C VAL C 10 39.81 -31.99 -14.85
N GLY C 11 39.51 -30.81 -14.31
CA GLY C 11 38.49 -30.66 -13.26
C GLY C 11 37.16 -30.15 -13.79
N SER C 12 36.04 -30.55 -13.18
CA SER C 12 34.71 -30.08 -13.58
C SER C 12 33.80 -29.73 -12.39
N ILE C 13 33.42 -28.46 -12.30
CA ILE C 13 32.44 -28.01 -11.34
C ILE C 13 31.08 -28.16 -11.97
N ASP C 14 30.23 -28.99 -11.33
CA ASP C 14 28.86 -29.27 -11.77
C ASP C 14 27.89 -28.66 -10.78
N GLN C 15 27.51 -27.42 -11.05
CA GLN C 15 26.69 -26.63 -10.15
C GLN C 15 25.23 -26.73 -10.56
N GLY C 16 24.48 -27.58 -9.85
CA GLY C 16 23.07 -27.87 -10.17
C GLY C 16 22.05 -27.16 -9.26
N THR C 17 20.78 -27.40 -9.55
CA THR C 17 19.67 -26.82 -8.80
C THR C 17 19.73 -27.13 -7.31
N THR C 18 20.00 -28.37 -6.95
CA THR C 18 20.01 -28.77 -5.54
C THR C 18 21.38 -29.03 -4.91
N SER C 19 22.42 -29.27 -5.72
CA SER C 19 23.78 -29.41 -5.20
C SER C 19 24.86 -29.00 -6.20
N THR C 20 26.09 -28.99 -5.72
CA THR C 20 27.27 -28.76 -6.51
C THR C 20 28.18 -29.95 -6.27
N ARG C 21 28.81 -30.44 -7.32
CA ARG C 21 29.83 -31.47 -7.16
C ARG C 21 31.02 -31.07 -7.97
N PHE C 22 32.21 -31.54 -7.58
CA PHE C 22 33.41 -31.35 -8.37
C PHE C 22 33.90 -32.72 -8.77
N ILE C 23 34.15 -32.89 -10.07
CA ILE C 23 34.63 -34.16 -10.61
C ILE C 23 35.94 -33.95 -11.33
N ILE C 24 36.97 -34.69 -10.91
CA ILE C 24 38.25 -34.72 -11.60
C ILE C 24 38.24 -35.89 -12.56
N PHE C 25 38.44 -35.63 -13.86
CA PHE C 25 38.64 -36.69 -14.87
C PHE C 25 40.13 -36.79 -15.25
N ASP C 26 40.61 -38.00 -15.48
CA ASP C 26 41.93 -38.22 -16.11
C ASP C 26 41.84 -38.15 -17.64
N GLU C 27 42.99 -38.20 -18.29
CA GLU C 27 43.08 -38.13 -19.76
C GLU C 27 42.33 -39.23 -20.52
N ARG C 28 41.91 -40.29 -19.84
CA ARG C 28 41.02 -41.33 -20.40
C ARG C 28 39.54 -41.03 -20.27
N GLN C 29 39.18 -39.86 -19.75
CA GLN C 29 37.76 -39.51 -19.43
C GLN C 29 37.10 -40.43 -18.38
N ARG C 30 37.88 -40.94 -17.43
CA ARG C 30 37.37 -41.65 -16.26
C ARG C 30 37.16 -40.65 -15.12
N PRO C 31 36.02 -40.73 -14.40
CA PRO C 31 35.87 -40.00 -13.15
C PRO C 31 36.66 -40.74 -12.08
N VAL C 32 37.64 -40.05 -11.50
CA VAL C 32 38.55 -40.65 -10.53
C VAL C 32 38.50 -39.98 -9.16
N SER C 33 37.82 -38.85 -9.03
CA SER C 33 37.53 -38.28 -7.73
C SER C 33 36.28 -37.42 -7.84
N VAL C 34 35.43 -37.51 -6.83
CA VAL C 34 34.16 -36.81 -6.83
C VAL C 34 33.77 -36.43 -5.41
N HIS C 35 33.25 -35.21 -5.25
CA HIS C 35 32.65 -34.77 -4.00
C HIS C 35 31.49 -33.85 -4.28
N GLN C 36 30.48 -33.92 -3.39
CA GLN C 36 29.17 -33.31 -3.58
C GLN C 36 28.73 -32.56 -2.30
N VAL C 37 28.35 -31.29 -2.45
CA VAL C 37 27.83 -30.48 -1.35
C VAL C 37 26.55 -29.78 -1.79
N PRO C 38 25.45 -29.97 -1.02
CA PRO C 38 24.18 -29.31 -1.34
C PRO C 38 24.15 -27.88 -0.83
N HIS C 39 23.14 -27.12 -1.26
CA HIS C 39 22.98 -25.74 -0.83
C HIS C 39 21.52 -25.51 -0.62
N THR C 40 21.18 -24.43 0.09
CA THR C 40 19.85 -24.27 0.71
C THR C 40 18.79 -23.83 -0.31
N GLN C 41 17.66 -24.55 -0.33
CA GLN C 41 16.49 -24.18 -1.13
C GLN C 41 15.60 -23.20 -0.37
N HIS C 42 15.81 -21.90 -0.62
CA HIS C 42 15.00 -20.84 0.01
C HIS C 42 13.70 -20.54 -0.74
N THR C 43 12.55 -20.80 -0.10
CA THR C 43 11.22 -20.58 -0.70
C THR C 43 10.31 -19.60 0.11
N PRO C 44 10.55 -18.27 0.02
CA PRO C 44 9.80 -17.28 0.84
C PRO C 44 8.28 -17.25 0.66
N HIS C 45 7.79 -17.35 -0.58
CA HIS C 45 6.35 -17.48 -0.88
C HIS C 45 6.13 -18.66 -1.81
N PRO C 46 4.87 -19.20 -1.87
CA PRO C 46 4.64 -20.36 -2.75
C PRO C 46 4.92 -20.03 -4.20
N GLY C 47 5.62 -20.91 -4.90
CA GLY C 47 6.03 -20.70 -6.29
C GLY C 47 7.37 -20.01 -6.45
N TRP C 48 7.93 -19.46 -5.36
CA TRP C 48 9.20 -18.76 -5.40
C TRP C 48 10.31 -19.73 -5.02
N LEU C 49 11.51 -19.50 -5.53
CA LEU C 49 12.68 -20.33 -5.24
C LEU C 49 13.96 -19.54 -5.50
N GLU C 50 14.87 -19.60 -4.54
CA GLU C 50 16.02 -18.71 -4.43
C GLU C 50 17.25 -19.45 -3.93
N HIS C 51 18.42 -19.09 -4.44
CA HIS C 51 19.69 -19.66 -3.96
C HIS C 51 20.61 -18.59 -3.40
N ASP C 52 21.28 -18.92 -2.29
CA ASP C 52 22.31 -18.07 -1.69
C ASP C 52 23.61 -18.15 -2.53
N PRO C 53 23.96 -17.09 -3.29
CA PRO C 53 25.10 -17.16 -4.22
C PRO C 53 26.47 -17.42 -3.61
N MET C 54 26.65 -17.06 -2.35
CA MET C 54 27.93 -17.26 -1.66
C MET C 54 28.05 -18.68 -1.14
N GLU C 55 26.91 -19.23 -0.73
CA GLU C 55 26.82 -20.64 -0.36
C GLU C 55 27.20 -21.51 -1.59
N ILE C 56 26.67 -21.15 -2.76
CA ILE C 56 27.00 -21.88 -3.97
C ILE C 56 28.50 -21.81 -4.26
N PHE C 57 29.08 -20.64 -4.09
CA PHE C 57 30.52 -20.42 -4.30
C PHE C 57 31.35 -21.19 -3.26
N ARG C 58 30.91 -21.18 -2.01
CA ARG C 58 31.58 -21.96 -0.96
C ARG C 58 31.55 -23.45 -1.26
N SER C 59 30.39 -23.93 -1.72
CA SER C 59 30.18 -25.36 -1.99
C SER C 59 31.16 -25.84 -3.01
N ALA C 60 31.27 -25.09 -4.11
CA ALA C 60 32.16 -25.40 -5.22
C ALA C 60 33.59 -25.44 -4.73
N CYS C 61 34.00 -24.42 -4.00
CA CYS C 61 35.34 -24.38 -3.43
C CYS C 61 35.62 -25.57 -2.54
N LYS C 62 34.63 -26.00 -1.76
CA LYS C 62 34.77 -27.12 -0.82
C LYS C 62 34.88 -28.45 -1.56
N CYS C 63 34.00 -28.62 -2.54
CA CYS C 63 34.03 -29.78 -3.43
C CYS C 63 35.40 -29.93 -4.05
N MET C 64 35.94 -28.83 -4.57
CA MET C 64 37.24 -28.85 -5.21
C MET C 64 38.36 -29.37 -4.30
N SER C 65 38.45 -28.82 -3.09
CA SER C 65 39.59 -29.07 -2.21
C SER C 65 39.55 -30.46 -1.57
N VAL C 66 38.32 -30.95 -1.32
CA VAL C 66 38.09 -32.31 -0.80
C VAL C 66 38.43 -33.30 -1.90
N ALA C 67 37.75 -33.19 -3.03
CA ALA C 67 37.98 -34.10 -4.16
C ALA C 67 39.47 -34.17 -4.55
N ILE C 68 40.16 -33.03 -4.54
CA ILE C 68 41.61 -32.98 -4.76
C ILE C 68 42.38 -33.75 -3.67
N ALA C 69 42.08 -33.50 -2.39
CA ALA C 69 42.71 -34.23 -1.28
C ALA C 69 42.51 -35.76 -1.35
N LYS C 70 41.27 -36.19 -1.59
CA LYS C 70 40.99 -37.61 -1.84
C LYS C 70 41.80 -38.15 -3.04
N LEU C 71 41.92 -37.37 -4.13
CA LEU C 71 42.72 -37.82 -5.31
C LEU C 71 44.23 -37.99 -5.02
N ARG C 72 44.87 -36.99 -4.44
CA ARG C 72 46.29 -37.14 -4.13
C ARG C 72 46.58 -38.13 -2.99
N GLN C 73 45.57 -38.47 -2.20
CA GLN C 73 45.66 -39.54 -1.21
C GLN C 73 45.71 -40.92 -1.87
N LYS C 74 45.05 -41.08 -3.03
CA LYS C 74 44.88 -42.39 -3.68
C LYS C 74 45.44 -42.51 -5.11
N ASP C 75 46.17 -41.49 -5.58
CA ASP C 75 46.83 -41.48 -6.90
C ASP C 75 48.15 -40.73 -6.75
N ALA C 76 49.26 -41.47 -6.72
CA ALA C 76 50.59 -40.86 -6.63
C ALA C 76 51.09 -40.28 -7.98
N SER C 77 50.35 -40.53 -9.07
CA SER C 77 50.65 -39.92 -10.37
C SER C 77 49.93 -38.60 -10.63
N PHE C 78 48.96 -38.27 -9.78
CA PHE C 78 48.25 -36.99 -9.86
C PHE C 78 49.03 -35.85 -9.22
N ARG C 79 49.57 -34.94 -10.02
CA ARG C 79 50.34 -33.80 -9.53
C ARG C 79 49.51 -32.50 -9.47
N LYS C 80 48.87 -32.14 -10.59
CA LYS C 80 48.00 -30.96 -10.70
C LYS C 80 46.80 -31.20 -11.62
N ILE C 81 45.85 -30.27 -11.59
CA ILE C 81 44.72 -30.21 -12.51
C ILE C 81 45.15 -29.27 -13.64
N GLU C 82 44.92 -29.68 -14.88
CA GLU C 82 45.42 -28.93 -16.02
C GLU C 82 44.58 -27.69 -16.32
N ALA C 83 43.26 -27.88 -16.28
CA ALA C 83 42.29 -26.81 -16.41
C ALA C 83 41.05 -27.24 -15.67
N ILE C 84 40.17 -26.28 -15.42
CA ILE C 84 38.89 -26.52 -14.79
C ILE C 84 37.83 -26.08 -15.76
N GLY C 85 36.75 -26.86 -15.82
CA GLY C 85 35.58 -26.55 -16.64
C GLY C 85 34.42 -26.30 -15.68
N ILE C 86 33.37 -25.66 -16.16
CA ILE C 86 32.21 -25.33 -15.36
C ILE C 86 30.95 -25.65 -16.13
N THR C 87 30.02 -26.34 -15.49
CA THR C 87 28.66 -26.46 -15.98
C THR C 87 27.67 -26.12 -14.88
N ASN C 88 26.48 -25.66 -15.29
CA ASN C 88 25.52 -25.04 -14.37
C ASN C 88 24.06 -25.16 -14.73
N GLN C 89 23.24 -25.16 -13.69
CA GLN C 89 21.84 -24.75 -13.81
C GLN C 89 21.73 -23.42 -14.57
N ARG C 90 20.98 -23.44 -15.66
CA ARG C 90 20.84 -22.29 -16.53
C ARG C 90 19.75 -21.36 -15.99
N GLU C 91 19.71 -20.14 -16.49
CA GLU C 91 18.68 -19.12 -16.22
C GLU C 91 18.69 -18.48 -14.85
N THR C 92 18.97 -19.25 -13.80
CA THR C 92 19.23 -18.73 -12.47
C THR C 92 20.14 -17.49 -12.55
N THR C 93 19.66 -16.35 -12.01
CA THR C 93 20.38 -15.06 -12.18
C THR C 93 20.84 -14.49 -10.86
N VAL C 94 22.08 -14.02 -10.86
CA VAL C 94 22.66 -13.40 -9.68
C VAL C 94 22.93 -11.92 -9.94
N ALA C 95 22.54 -11.10 -8.97
CA ALA C 95 22.83 -9.69 -8.97
C ALA C 95 23.88 -9.44 -7.88
N TRP C 96 25.06 -8.97 -8.27
CA TRP C 96 26.07 -8.61 -7.27
C TRP C 96 26.69 -7.25 -7.53
N ASP C 97 27.46 -6.79 -6.54
CA ASP C 97 28.07 -5.48 -6.55
C ASP C 97 29.54 -5.62 -6.91
N ARG C 98 29.99 -4.73 -7.80
CA ARG C 98 31.33 -4.76 -8.39
C ARG C 98 32.45 -4.31 -7.42
N VAL C 99 32.12 -3.71 -6.27
CA VAL C 99 33.13 -3.31 -5.26
C VAL C 99 33.08 -4.13 -3.97
N THR C 100 31.90 -4.42 -3.41
CA THR C 100 31.82 -5.38 -2.28
C THR C 100 32.08 -6.82 -2.74
N LYS C 101 31.95 -7.10 -4.03
CA LYS C 101 32.13 -8.46 -4.62
C LYS C 101 31.18 -9.48 -3.97
N GLU C 102 29.99 -9.02 -3.59
CA GLU C 102 29.03 -9.76 -2.76
C GLU C 102 27.68 -9.65 -3.49
N PRO C 103 26.80 -10.67 -3.34
CA PRO C 103 25.47 -10.52 -3.93
C PRO C 103 24.61 -9.45 -3.24
N LEU C 104 23.75 -8.80 -4.03
CA LEU C 104 22.82 -7.78 -3.55
C LEU C 104 21.52 -8.39 -3.06
N CYS C 105 21.34 -9.69 -3.29
CA CYS C 105 20.21 -10.48 -2.80
C CYS C 105 20.42 -11.89 -3.30
N TYR C 106 19.60 -12.79 -2.81
CA TYR C 106 19.58 -14.16 -3.29
C TYR C 106 19.21 -14.24 -4.78
N ALA C 107 19.53 -15.38 -5.39
CA ALA C 107 19.41 -15.57 -6.85
C ALA C 107 18.13 -16.32 -7.18
N PRO C 108 17.15 -15.65 -7.82
CA PRO C 108 15.94 -16.39 -8.24
C PRO C 108 16.28 -17.53 -9.22
N VAL C 109 15.76 -18.70 -8.94
CA VAL C 109 16.15 -19.94 -9.63
C VAL C 109 15.40 -20.07 -10.97
N TRP C 110 15.94 -20.86 -11.89
CA TRP C 110 15.31 -21.10 -13.19
C TRP C 110 13.79 -21.35 -13.16
N ASN C 111 13.30 -22.22 -12.28
CA ASN C 111 11.84 -22.53 -12.23
C ASN C 111 11.03 -21.69 -11.21
N ASP C 112 11.64 -20.63 -10.70
CA ASP C 112 10.93 -19.65 -9.89
C ASP C 112 9.82 -18.95 -10.71
N LEU C 113 8.68 -18.70 -10.09
CA LEU C 113 7.52 -18.07 -10.76
C LEU C 113 7.23 -16.60 -10.37
N ARG C 114 8.16 -15.92 -9.69
CA ARG C 114 7.91 -14.52 -9.23
C ARG C 114 7.80 -13.52 -10.37
N THR C 115 8.43 -13.84 -11.49
CA THR C 115 8.40 -13.04 -12.70
C THR C 115 7.13 -13.22 -13.53
N TYR C 116 6.15 -13.98 -13.03
CA TYR C 116 4.90 -14.22 -13.77
C TYR C 116 4.26 -12.94 -14.27
N ASP C 117 4.05 -11.96 -13.38
CA ASP C 117 3.40 -10.69 -13.73
C ASP C 117 4.22 -9.92 -14.77
N ILE C 118 5.53 -9.81 -14.57
CA ILE C 118 6.42 -9.18 -15.55
C ILE C 118 6.32 -9.85 -16.93
N THR C 119 6.16 -11.17 -16.91
CA THR C 119 5.99 -11.96 -18.13
C THR C 119 4.69 -11.57 -18.88
N LYS C 120 3.60 -11.35 -18.14
CA LYS C 120 2.33 -10.94 -18.75
C LYS C 120 2.36 -9.51 -19.33
N LYS C 121 3.07 -8.60 -18.67
CA LYS C 121 3.29 -7.24 -19.20
C LYS C 121 4.03 -7.30 -20.53
N VAL C 122 5.16 -8.00 -20.53
CA VAL C 122 6.04 -8.03 -21.70
C VAL C 122 5.29 -8.50 -22.94
N THR C 123 4.62 -9.65 -22.82
CA THR C 123 3.84 -10.24 -23.91
C THR C 123 2.80 -9.25 -24.44
N ALA C 124 2.00 -8.70 -23.52
CA ALA C 124 0.92 -7.77 -23.90
C ALA C 124 1.43 -6.42 -24.39
N GLU C 125 2.34 -5.77 -23.65
CA GLU C 125 2.80 -4.42 -24.02
C GLU C 125 3.87 -4.40 -25.11
N LEU C 126 4.88 -5.25 -25.02
CA LEU C 126 5.97 -5.26 -26.01
C LEU C 126 5.77 -6.22 -27.19
N GLY C 127 4.93 -7.23 -27.02
CA GLY C 127 4.68 -8.21 -28.08
C GLY C 127 3.31 -8.11 -28.74
N GLY C 128 2.52 -7.11 -28.32
CA GLY C 128 1.12 -6.95 -28.75
C GLY C 128 0.20 -8.16 -28.52
N GLY C 129 0.49 -8.96 -27.49
CA GLY C 129 -0.26 -10.20 -27.24
C GLY C 129 0.44 -11.47 -27.72
N ASP C 130 1.45 -11.33 -28.58
CA ASP C 130 2.26 -12.47 -29.04
C ASP C 130 3.49 -12.66 -28.16
N SER C 131 3.52 -13.77 -27.40
CA SER C 131 4.71 -14.15 -26.59
C SER C 131 5.91 -14.66 -27.41
N MET C 132 5.68 -14.98 -28.69
CA MET C 132 6.75 -15.39 -29.60
C MET C 132 7.31 -14.22 -30.42
N PHE C 133 7.07 -12.99 -29.98
CA PHE C 133 7.46 -11.82 -30.76
C PHE C 133 8.95 -11.66 -30.97
N ALA C 134 9.77 -12.18 -30.05
CA ALA C 134 11.24 -12.14 -30.21
C ALA C 134 11.87 -13.52 -30.48
N SER C 135 11.03 -14.52 -30.71
CA SER C 135 11.48 -15.90 -30.92
C SER C 135 12.43 -16.07 -32.08
N LYS C 136 12.35 -15.20 -33.10
CA LYS C 136 13.31 -15.22 -34.21
C LYS C 136 14.69 -14.60 -33.87
N ILE C 137 14.78 -13.85 -32.77
CA ILE C 137 16.04 -13.27 -32.30
C ILE C 137 16.67 -14.11 -31.17
N THR C 138 15.88 -14.43 -30.15
CA THR C 138 16.35 -15.20 -29.02
C THR C 138 16.27 -16.73 -29.20
N GLY C 139 15.30 -17.21 -29.96
CA GLY C 139 14.97 -18.63 -30.03
C GLY C 139 14.03 -19.01 -28.91
N LEU C 140 13.46 -18.02 -28.23
CA LEU C 140 12.77 -18.22 -26.96
C LEU C 140 11.43 -17.50 -26.93
N PRO C 141 10.41 -18.11 -26.31
CA PRO C 141 9.17 -17.40 -26.07
C PRO C 141 9.32 -16.60 -24.80
N VAL C 142 8.38 -15.69 -24.56
CA VAL C 142 8.39 -14.91 -23.34
C VAL C 142 7.92 -15.84 -22.22
N SER C 143 8.80 -16.05 -21.23
CA SER C 143 8.58 -17.04 -20.18
C SER C 143 9.21 -16.66 -18.85
N THR C 144 8.73 -17.28 -17.79
CA THR C 144 9.20 -16.97 -16.46
C THR C 144 10.64 -17.46 -16.27
N TYR C 145 11.01 -18.50 -17.02
CA TYR C 145 12.35 -19.10 -16.90
C TYR C 145 13.50 -18.13 -17.18
N PHE C 146 13.41 -17.39 -18.28
CA PHE C 146 14.59 -16.77 -18.86
C PHE C 146 15.13 -15.54 -18.07
N ALA C 147 16.42 -15.30 -18.21
CA ALA C 147 17.18 -14.50 -17.23
C ALA C 147 16.77 -13.02 -17.14
N ALA C 148 16.53 -12.39 -18.29
CA ALA C 148 16.17 -10.95 -18.35
C ALA C 148 15.00 -10.55 -17.45
N PHE C 149 14.02 -11.43 -17.32
CA PHE C 149 12.82 -11.14 -16.55
C PHE C 149 13.11 -11.23 -15.05
N LYS C 150 14.07 -12.07 -14.69
CA LYS C 150 14.57 -12.14 -13.32
C LYS C 150 15.39 -10.89 -12.98
N MET C 151 16.15 -10.38 -13.97
CA MET C 151 16.92 -9.13 -13.81
C MET C 151 15.94 -7.99 -13.63
N ARG C 152 15.04 -7.84 -14.61
CA ARG C 152 13.94 -6.89 -14.53
C ARG C 152 13.36 -6.86 -13.13
N TRP C 153 12.97 -8.04 -12.63
CA TRP C 153 12.31 -8.15 -11.32
C TRP C 153 13.16 -7.62 -10.16
N MET C 154 14.47 -7.87 -10.20
CA MET C 154 15.34 -7.44 -9.11
C MET C 154 15.43 -5.91 -9.02
N LEU C 155 15.51 -5.24 -10.17
CA LEU C 155 15.47 -3.77 -10.23
C LEU C 155 14.14 -3.20 -9.70
N GLU C 156 13.05 -3.90 -9.95
CA GLU C 156 11.72 -3.45 -9.51
C GLU C 156 11.34 -3.86 -8.09
N ASN C 157 12.03 -4.82 -7.51
CA ASN C 157 11.67 -5.31 -6.17
C ASN C 157 12.78 -5.29 -5.11
N VAL C 158 14.04 -5.06 -5.49
CA VAL C 158 15.15 -5.11 -4.55
C VAL C 158 15.83 -3.74 -4.58
N PRO C 159 15.58 -2.91 -3.55
CA PRO C 159 16.13 -1.56 -3.47
C PRO C 159 17.61 -1.49 -3.80
N ALA C 160 18.41 -2.36 -3.16
CA ALA C 160 19.87 -2.32 -3.28
C ALA C 160 20.38 -2.67 -4.68
N VAL C 161 19.65 -3.53 -5.40
CA VAL C 161 19.94 -3.86 -6.81
C VAL C 161 19.68 -2.61 -7.64
N ALA C 162 18.46 -2.10 -7.53
CA ALA C 162 18.03 -0.85 -8.18
C ALA C 162 18.98 0.31 -7.85
N ASP C 163 19.44 0.33 -6.59
CA ASP C 163 20.43 1.30 -6.09
C ASP C 163 21.77 1.10 -6.79
N ALA C 164 22.26 -0.13 -6.80
CA ALA C 164 23.52 -0.47 -7.44
C ALA C 164 23.52 -0.21 -8.96
N CYS C 165 22.37 -0.39 -9.60
CA CYS C 165 22.24 -0.03 -11.02
C CYS C 165 22.61 1.44 -11.19
N ARG C 166 21.96 2.26 -10.37
CA ARG C 166 22.16 3.73 -10.30
C ARG C 166 23.63 4.12 -10.13
N ARG C 167 24.27 3.56 -9.12
CA ARG C 167 25.67 3.88 -8.80
C ARG C 167 26.77 3.40 -9.82
N GLY C 168 26.37 2.64 -10.86
CA GLY C 168 27.32 2.17 -11.89
C GLY C 168 28.11 0.90 -11.53
N THR C 169 27.65 0.20 -10.49
CA THR C 169 28.35 -0.94 -9.92
C THR C 169 27.77 -2.29 -10.37
N LEU C 170 26.45 -2.43 -10.29
CA LEU C 170 25.69 -3.67 -10.54
C LEU C 170 26.22 -4.57 -11.64
N CYS C 171 26.39 -5.85 -11.30
CA CYS C 171 26.66 -6.93 -12.25
C CYS C 171 25.51 -7.92 -12.21
N PHE C 172 24.95 -8.23 -13.38
CA PHE C 172 24.02 -9.34 -13.52
C PHE C 172 24.79 -10.51 -14.13
N GLY C 173 24.54 -11.72 -13.64
CA GLY C 173 25.14 -12.86 -14.31
C GLY C 173 24.50 -14.17 -13.98
N THR C 174 24.45 -15.06 -14.97
CA THR C 174 24.06 -16.46 -14.72
C THR C 174 25.20 -17.17 -13.98
N ILE C 175 24.91 -18.33 -13.40
CA ILE C 175 25.81 -19.04 -12.46
C ILE C 175 27.23 -19.28 -13.00
N ASP C 176 27.37 -19.58 -14.29
CA ASP C 176 28.70 -19.61 -14.91
C ASP C 176 29.49 -18.31 -14.66
N THR C 177 28.85 -17.17 -14.90
CA THR C 177 29.47 -15.86 -14.80
C THR C 177 29.80 -15.58 -13.33
N TRP C 178 28.83 -15.83 -12.45
CA TRP C 178 29.01 -15.66 -11.03
C TRP C 178 30.16 -16.48 -10.45
N LEU C 179 30.19 -17.78 -10.76
CA LEU C 179 31.28 -18.68 -10.33
C LEU C 179 32.64 -18.22 -10.88
N MET C 180 32.72 -18.05 -12.19
CA MET C 180 33.96 -17.60 -12.83
C MET C 180 34.41 -16.23 -12.33
N TYR C 181 33.47 -15.37 -11.96
CA TYR C 181 33.79 -14.11 -11.26
C TYR C 181 34.48 -14.32 -9.90
N LYS C 182 33.80 -14.99 -8.96
CA LYS C 182 34.35 -15.18 -7.62
C LYS C 182 35.59 -16.10 -7.56
N LEU C 183 35.76 -17.03 -8.50
CA LEU C 183 36.99 -17.83 -8.64
C LEU C 183 38.15 -17.00 -9.17
N SER C 184 37.85 -16.05 -10.06
CA SER C 184 38.83 -15.05 -10.54
C SER C 184 39.45 -14.22 -9.43
N GLY C 185 38.65 -13.94 -8.39
CA GLY C 185 38.92 -12.91 -7.42
C GLY C 185 38.22 -11.61 -7.74
N GLY C 186 37.34 -11.63 -8.74
CA GLY C 186 36.78 -10.43 -9.35
C GLY C 186 37.43 -10.06 -10.67
N LYS C 187 38.51 -10.74 -11.04
CA LYS C 187 39.23 -10.44 -12.30
C LYS C 187 38.51 -10.74 -13.63
N ALA C 188 37.45 -11.55 -13.64
CA ALA C 188 36.82 -11.96 -14.90
C ALA C 188 35.30 -11.85 -14.85
N PHE C 189 34.75 -11.30 -15.93
CA PHE C 189 33.31 -11.06 -16.05
C PHE C 189 32.89 -11.50 -17.46
N VAL C 190 32.79 -12.82 -17.62
CA VAL C 190 32.55 -13.49 -18.89
C VAL C 190 31.32 -14.42 -18.81
N THR C 191 30.73 -14.71 -19.94
CA THR C 191 29.70 -15.74 -20.04
C THR C 191 29.99 -16.49 -21.30
N ASP C 192 29.51 -17.73 -21.39
CA ASP C 192 29.64 -18.53 -22.60
C ASP C 192 28.35 -18.42 -23.43
N VAL C 193 28.46 -18.69 -24.73
CA VAL C 193 27.32 -18.59 -25.63
C VAL C 193 26.08 -19.38 -25.18
N THR C 194 26.26 -20.56 -24.58
CA THR C 194 25.12 -21.43 -24.25
C THR C 194 24.33 -20.82 -23.10
N ASN C 195 25.03 -20.37 -22.06
CA ASN C 195 24.36 -19.65 -20.97
C ASN C 195 23.74 -18.34 -21.42
N ALA C 196 24.46 -17.60 -22.24
CA ALA C 196 24.00 -16.32 -22.82
C ALA C 196 22.70 -16.45 -23.63
N SER C 197 22.54 -17.60 -24.30
CA SER C 197 21.36 -17.88 -25.10
C SER C 197 20.10 -18.16 -24.31
N ARG C 198 20.18 -18.07 -22.98
CA ARG C 198 19.07 -18.37 -22.10
C ARG C 198 18.61 -17.16 -21.31
N THR C 199 19.04 -15.98 -21.76
CA THR C 199 18.75 -14.74 -21.06
C THR C 199 17.60 -13.95 -21.65
N PHE C 200 17.24 -14.21 -22.92
CA PHE C 200 16.32 -13.35 -23.67
C PHE C 200 16.96 -12.00 -24.05
N LEU C 201 18.29 -11.88 -23.93
CA LEU C 201 19.02 -10.67 -24.30
C LEU C 201 20.03 -10.88 -25.43
N MET C 202 20.14 -12.09 -25.98
CA MET C 202 21.17 -12.38 -26.96
C MET C 202 20.50 -12.66 -28.28
N ASP C 203 21.21 -12.29 -29.33
CA ASP C 203 20.79 -12.53 -30.69
C ASP C 203 21.50 -13.81 -31.09
N LEU C 204 20.74 -14.82 -31.52
CA LEU C 204 21.30 -16.10 -31.94
C LEU C 204 22.18 -15.96 -33.19
N ARG C 205 21.78 -15.10 -34.13
CA ARG C 205 22.49 -14.95 -35.40
C ARG C 205 23.91 -14.34 -35.28
N THR C 206 24.05 -13.36 -34.38
CA THR C 206 25.35 -12.74 -34.09
C THR C 206 26.05 -13.39 -32.89
N ARG C 207 25.27 -13.96 -31.96
CA ARG C 207 25.76 -14.44 -30.66
C ARG C 207 26.36 -13.30 -29.88
N LYS C 208 25.65 -12.17 -29.91
CA LYS C 208 26.06 -10.96 -29.21
C LYS C 208 24.83 -10.38 -28.57
N TRP C 209 25.02 -9.54 -27.57
CA TRP C 209 23.89 -8.91 -26.90
C TRP C 209 23.13 -8.05 -27.90
N SER C 210 21.80 -8.07 -27.78
CA SER C 210 20.89 -7.34 -28.63
C SER C 210 20.58 -6.02 -27.96
N PRO C 211 21.03 -4.90 -28.56
CA PRO C 211 20.69 -3.59 -27.96
C PRO C 211 19.17 -3.30 -27.93
N GLU C 212 18.45 -3.73 -28.96
CA GLU C 212 16.98 -3.56 -29.04
C GLU C 212 16.28 -4.14 -27.83
N LEU C 213 16.55 -5.42 -27.59
CA LEU C 213 15.93 -6.17 -26.51
C LEU C 213 16.33 -5.64 -25.12
N CYS C 214 17.62 -5.36 -24.93
CA CYS C 214 18.08 -4.67 -23.71
C CYS C 214 17.33 -3.37 -23.47
N GLU C 215 17.29 -2.54 -24.51
CA GLU C 215 16.52 -1.30 -24.50
C GLU C 215 15.05 -1.52 -24.13
N LYS C 216 14.34 -2.31 -24.91
CA LYS C 216 12.92 -2.57 -24.66
C LYS C 216 12.66 -3.14 -23.25
N LEU C 217 13.55 -4.03 -22.78
CA LEU C 217 13.44 -4.65 -21.46
C LEU C 217 14.11 -3.87 -20.32
N LYS C 218 14.76 -2.76 -20.66
CA LYS C 218 15.28 -1.81 -19.68
C LYS C 218 16.34 -2.43 -18.78
N ILE C 219 17.29 -3.10 -19.42
CA ILE C 219 18.43 -3.71 -18.75
C ILE C 219 19.65 -3.08 -19.36
N PRO C 220 20.44 -2.34 -18.55
CA PRO C 220 21.60 -1.64 -19.08
C PRO C 220 22.67 -2.62 -19.54
N MET C 221 23.21 -2.40 -20.73
CA MET C 221 24.21 -3.30 -21.27
C MET C 221 25.50 -3.40 -20.44
N GLU C 222 25.76 -2.43 -19.57
CA GLU C 222 26.99 -2.40 -18.75
C GLU C 222 26.96 -3.50 -17.69
N THR C 223 25.78 -3.73 -17.10
CA THR C 223 25.55 -4.84 -16.16
C THR C 223 25.86 -6.22 -16.76
N LEU C 224 25.71 -6.39 -18.07
CA LEU C 224 25.94 -7.69 -18.69
C LEU C 224 27.44 -8.02 -18.82
N PRO C 225 27.80 -9.31 -18.75
CA PRO C 225 29.16 -9.75 -19.03
C PRO C 225 29.46 -9.92 -20.51
N GLU C 226 30.73 -10.16 -20.82
CA GLU C 226 31.19 -10.42 -22.16
C GLU C 226 30.92 -11.88 -22.56
N ILE C 227 30.44 -12.08 -23.77
CA ILE C 227 30.13 -13.41 -24.30
C ILE C 227 31.34 -14.00 -24.99
N ARG C 228 31.74 -15.19 -24.57
CA ARG C 228 32.86 -15.91 -25.16
C ARG C 228 32.32 -17.28 -25.58
N SER C 229 33.18 -18.15 -26.08
CA SER C 229 32.77 -19.50 -26.42
C SER C 229 32.63 -20.41 -25.18
N ASN C 230 32.40 -21.72 -25.41
CA ASN C 230 32.42 -22.75 -24.36
C ASN C 230 33.81 -23.24 -23.96
N SER C 231 34.77 -23.12 -24.88
CA SER C 231 36.12 -23.68 -24.72
C SER C 231 37.17 -22.66 -25.17
N GLU C 232 37.88 -22.09 -24.17
CA GLU C 232 38.98 -21.10 -24.33
C GLU C 232 39.35 -20.57 -22.93
N LEU C 233 40.42 -19.77 -22.84
CA LEU C 233 40.87 -19.22 -21.56
C LEU C 233 39.85 -18.21 -21.05
N PHE C 234 39.26 -18.49 -19.88
CA PHE C 234 38.34 -17.53 -19.24
C PHE C 234 38.95 -16.71 -18.10
N GLY C 235 40.09 -17.17 -17.59
CA GLY C 235 40.63 -16.65 -16.33
C GLY C 235 41.35 -17.71 -15.52
N TYR C 236 41.51 -17.46 -14.23
CA TYR C 236 42.24 -18.36 -13.34
C TYR C 236 41.58 -18.44 -11.96
N VAL C 237 41.78 -19.57 -11.29
CA VAL C 237 41.40 -19.73 -9.90
C VAL C 237 42.45 -18.99 -9.07
N GLU C 238 42.01 -17.95 -8.37
CA GLU C 238 42.88 -17.14 -7.52
C GLU C 238 42.44 -17.13 -6.07
N THR C 239 41.14 -17.14 -5.81
CA THR C 239 40.61 -17.24 -4.44
C THR C 239 41.19 -18.41 -3.64
N ASP C 240 41.30 -18.24 -2.33
CA ASP C 240 41.72 -19.31 -1.43
C ASP C 240 40.60 -19.43 -0.39
N GLU C 241 39.40 -19.76 -0.86
CA GLU C 241 38.17 -19.66 -0.05
C GLU C 241 38.04 -20.82 0.96
N CYS C 242 38.04 -22.07 0.48
CA CYS C 242 38.11 -23.23 1.38
C CYS C 242 39.44 -23.92 1.11
N GLY C 243 40.51 -23.12 1.04
CA GLY C 243 41.85 -23.58 0.74
C GLY C 243 41.99 -24.27 -0.60
N VAL C 244 41.33 -23.69 -1.61
CA VAL C 244 41.27 -24.31 -2.94
C VAL C 244 42.48 -23.98 -3.80
N ALA C 245 43.05 -22.78 -3.67
CA ALA C 245 44.33 -22.45 -4.33
C ALA C 245 45.49 -23.25 -3.70
N ALA C 246 45.37 -23.53 -2.40
CA ALA C 246 46.31 -24.42 -1.70
C ALA C 246 46.16 -25.86 -2.19
N ALA C 247 44.93 -26.29 -2.42
CA ALA C 247 44.63 -27.65 -2.91
C ALA C 247 45.12 -27.87 -4.34
N LEU C 248 44.88 -26.87 -5.19
CA LEU C 248 45.35 -26.89 -6.57
C LEU C 248 46.86 -26.77 -6.67
N ASN C 249 47.50 -26.22 -5.64
CA ASN C 249 48.96 -26.05 -5.55
C ASN C 249 49.48 -25.02 -6.56
N GLU C 250 49.45 -25.38 -7.84
CA GLU C 250 49.85 -24.49 -8.94
C GLU C 250 48.69 -23.60 -9.38
N ARG C 251 48.98 -22.60 -10.19
CA ARG C 251 47.98 -21.69 -10.74
C ARG C 251 47.23 -22.42 -11.89
N THR C 252 45.90 -22.51 -11.79
CA THR C 252 45.07 -23.37 -12.65
C THR C 252 44.02 -22.57 -13.45
N PRO C 253 44.14 -22.59 -14.80
CA PRO C 253 43.25 -21.79 -15.64
C PRO C 253 41.85 -22.35 -15.74
N ILE C 254 40.86 -21.48 -15.81
CA ILE C 254 39.47 -21.85 -16.10
C ILE C 254 39.29 -21.77 -17.62
N MET C 255 39.12 -22.93 -18.26
CA MET C 255 39.14 -23.01 -19.74
C MET C 255 37.88 -23.63 -20.37
N GLY C 256 36.81 -23.77 -19.58
CA GLY C 256 35.57 -24.41 -20.05
C GLY C 256 34.39 -23.86 -19.26
N SER C 257 33.31 -23.56 -19.97
CA SER C 257 32.09 -23.07 -19.34
C SER C 257 30.93 -23.39 -20.26
N ILE C 258 29.97 -24.16 -19.78
CA ILE C 258 28.86 -24.62 -20.61
C ILE C 258 27.61 -24.91 -19.76
N GLY C 259 26.44 -24.48 -20.23
CA GLY C 259 25.19 -24.72 -19.49
C GLY C 259 24.87 -26.21 -19.47
N ASP C 260 24.24 -26.68 -18.39
CA ASP C 260 24.08 -28.11 -18.10
C ASP C 260 23.53 -28.98 -19.22
N GLN C 261 22.41 -28.61 -19.82
CA GLN C 261 21.83 -29.46 -20.86
C GLN C 261 22.77 -29.56 -22.05
N GLN C 262 23.37 -28.43 -22.43
CA GLN C 262 24.33 -28.39 -23.52
C GLN C 262 25.57 -29.19 -23.16
N SER C 263 25.94 -29.20 -21.88
CA SER C 263 27.08 -29.95 -21.41
C SER C 263 26.82 -31.42 -21.60
N ALA C 264 25.60 -31.86 -21.34
CA ALA C 264 25.22 -33.27 -21.59
C ALA C 264 25.28 -33.59 -23.08
N LEU C 265 24.86 -32.64 -23.92
CA LEU C 265 24.97 -32.80 -25.37
C LEU C 265 26.44 -33.04 -25.77
N PHE C 266 27.29 -32.14 -25.31
CA PHE C 266 28.72 -32.18 -25.59
C PHE C 266 29.37 -33.44 -25.02
N GLY C 267 29.14 -33.75 -23.74
CA GLY C 267 29.65 -34.97 -23.08
C GLY C 267 29.22 -36.31 -23.66
N ASN C 268 28.12 -36.29 -24.41
CA ASN C 268 27.63 -37.46 -25.14
C ASN C 268 28.05 -37.48 -26.59
N MET C 269 29.05 -36.68 -26.95
CA MET C 269 29.64 -36.71 -28.30
C MET C 269 28.60 -36.40 -29.42
N CYS C 270 27.59 -35.59 -29.11
CA CYS C 270 26.56 -35.22 -30.09
C CYS C 270 27.07 -34.08 -31.00
N PHE C 271 28.19 -34.34 -31.68
CA PHE C 271 28.91 -33.29 -32.37
C PHE C 271 28.40 -32.97 -33.74
N GLU C 272 27.62 -33.88 -34.34
CA GLU C 272 27.20 -33.77 -35.74
C GLU C 272 25.72 -33.53 -35.86
N LYS C 273 25.28 -32.84 -36.91
CA LYS C 273 23.85 -32.49 -37.05
C LYS C 273 23.02 -33.76 -37.09
N GLY C 274 21.97 -33.83 -36.28
CA GLY C 274 21.10 -34.99 -36.21
C GLY C 274 21.37 -35.92 -35.05
N GLU C 275 22.45 -35.65 -34.30
CA GLU C 275 22.73 -36.37 -33.05
C GLU C 275 22.05 -35.66 -31.87
N ALA C 276 21.45 -36.45 -30.96
CA ALA C 276 20.71 -35.90 -29.81
C ALA C 276 21.01 -36.62 -28.50
N LYS C 277 20.80 -35.91 -27.39
CA LYS C 277 20.80 -36.51 -26.06
C LYS C 277 19.44 -36.27 -25.39
N ASN C 278 19.01 -37.25 -24.60
CA ASN C 278 17.94 -37.08 -23.65
C ASN C 278 18.44 -37.42 -22.30
N THR C 279 18.22 -36.53 -21.33
CA THR C 279 18.43 -36.85 -19.93
C THR C 279 17.09 -37.29 -19.35
N TYR C 280 17.01 -38.57 -18.95
CA TYR C 280 15.85 -39.14 -18.25
C TYR C 280 16.03 -38.90 -16.75
N GLY C 281 15.63 -37.71 -16.30
CA GLY C 281 15.72 -37.30 -14.89
C GLY C 281 14.37 -37.34 -14.18
N THR C 282 14.08 -36.30 -13.39
CA THR C 282 12.76 -36.10 -12.77
C THR C 282 11.80 -35.77 -13.91
N GLY C 283 12.13 -34.74 -14.66
CA GLY C 283 11.60 -34.55 -15.99
C GLY C 283 12.65 -34.93 -17.03
N CYS C 284 12.35 -34.60 -18.28
CA CYS C 284 13.22 -34.88 -19.42
C CYS C 284 13.61 -33.57 -20.12
N PHE C 285 14.85 -33.50 -20.57
CA PHE C 285 15.33 -32.44 -21.42
C PHE C 285 15.95 -33.14 -22.60
N LEU C 286 15.32 -33.02 -23.77
CA LEU C 286 15.89 -33.52 -25.01
C LEU C 286 16.54 -32.37 -25.80
N LEU C 287 17.81 -32.55 -26.16
CA LEU C 287 18.51 -31.64 -27.08
C LEU C 287 19.05 -32.37 -28.32
N MET C 288 18.76 -31.82 -29.49
CA MET C 288 19.33 -32.30 -30.76
C MET C 288 20.18 -31.24 -31.45
N ASN C 289 21.41 -31.60 -31.81
CA ASN C 289 22.29 -30.81 -32.69
C ASN C 289 21.64 -30.65 -34.08
N VAL C 290 21.34 -29.41 -34.47
CA VAL C 290 20.79 -29.13 -35.80
C VAL C 290 21.81 -28.51 -36.78
N GLY C 291 23.11 -28.55 -36.43
CA GLY C 291 24.18 -28.01 -37.28
C GLY C 291 24.46 -26.51 -37.15
N GLU C 292 25.16 -25.95 -38.14
CA GLU C 292 25.74 -24.61 -38.05
C GLU C 292 24.74 -23.49 -38.33
N GLU C 293 23.61 -23.83 -38.93
CA GLU C 293 22.54 -22.89 -39.21
C GLU C 293 21.44 -23.12 -38.19
N ALA C 294 21.11 -22.06 -37.43
CA ALA C 294 19.99 -22.08 -36.47
C ALA C 294 18.66 -22.47 -37.10
N ARG C 295 17.84 -23.18 -36.33
CA ARG C 295 16.54 -23.67 -36.76
C ARG C 295 15.53 -23.24 -35.73
N PHE C 296 14.42 -22.71 -36.22
CA PHE C 296 13.35 -22.19 -35.37
C PHE C 296 12.16 -23.11 -35.40
N SER C 297 11.45 -23.17 -34.27
CA SER C 297 10.36 -24.10 -34.04
C SER C 297 9.03 -23.46 -34.36
N LYS C 298 8.22 -24.14 -35.16
CA LYS C 298 6.81 -23.78 -35.29
C LYS C 298 5.93 -24.52 -34.27
N HIS C 299 6.52 -25.43 -33.48
CA HIS C 299 5.77 -26.27 -32.52
C HIS C 299 6.11 -25.97 -31.05
N GLY C 300 6.56 -24.75 -30.76
CA GLY C 300 6.83 -24.32 -29.38
C GLY C 300 8.13 -24.80 -28.73
N LEU C 301 8.96 -25.57 -29.44
CA LEU C 301 10.26 -25.98 -28.92
C LEU C 301 11.23 -24.79 -28.86
N LEU C 302 12.26 -24.88 -28.02
CA LEU C 302 13.22 -23.79 -27.90
C LEU C 302 14.39 -23.97 -28.87
N SER C 303 14.83 -22.87 -29.49
CA SER C 303 16.06 -22.85 -30.28
C SER C 303 17.13 -22.22 -29.41
N THR C 304 18.30 -22.85 -29.37
CA THR C 304 19.35 -22.45 -28.47
C THR C 304 20.70 -22.80 -29.11
N VAL C 305 21.77 -22.46 -28.42
CA VAL C 305 23.12 -22.78 -28.90
C VAL C 305 23.48 -24.13 -28.30
N GLY C 306 23.89 -25.06 -29.16
CA GLY C 306 24.39 -26.33 -28.72
C GLY C 306 25.75 -26.13 -28.07
N PHE C 307 26.75 -25.82 -28.89
CA PHE C 307 28.10 -25.53 -28.38
C PHE C 307 28.97 -24.75 -29.40
N GLN C 308 30.10 -24.27 -28.92
CA GLN C 308 31.04 -23.49 -29.70
C GLN C 308 32.43 -23.71 -29.10
N VAL C 309 33.31 -24.36 -29.85
CA VAL C 309 34.63 -24.71 -29.36
C VAL C 309 35.65 -23.74 -29.94
N GLY C 310 36.24 -22.91 -29.07
CA GLY C 310 37.20 -21.90 -29.49
C GLY C 310 36.51 -20.56 -29.67
N ARG C 311 37.21 -19.47 -29.34
CA ARG C 311 36.68 -18.12 -29.60
C ARG C 311 36.44 -17.92 -31.09
N ASP C 312 35.21 -17.52 -31.42
CA ASP C 312 34.74 -17.38 -32.81
C ASP C 312 34.93 -18.66 -33.67
N GLY C 313 34.93 -19.83 -33.02
CA GLY C 313 34.99 -21.13 -33.68
C GLY C 313 33.61 -21.53 -34.17
N PRO C 314 33.49 -22.68 -34.87
CA PRO C 314 32.20 -23.10 -35.41
C PRO C 314 31.17 -23.24 -34.28
N CYS C 315 29.97 -22.72 -34.50
CA CYS C 315 28.95 -22.70 -33.47
C CYS C 315 27.80 -23.55 -33.92
N TYR C 316 27.62 -24.68 -33.24
CA TYR C 316 26.52 -25.59 -33.51
C TYR C 316 25.29 -25.20 -32.72
N TYR C 317 24.19 -25.03 -33.44
CA TYR C 317 22.89 -24.71 -32.83
C TYR C 317 22.16 -26.00 -32.45
N ALA C 318 21.06 -25.85 -31.74
CA ALA C 318 20.31 -26.97 -31.25
C ALA C 318 18.86 -26.60 -31.01
N LEU C 319 18.02 -27.62 -30.95
CA LEU C 319 16.63 -27.49 -30.53
C LEU C 319 16.52 -28.24 -29.22
N GLU C 320 15.60 -27.79 -28.38
CA GLU C 320 15.44 -28.27 -27.03
C GLU C 320 13.96 -28.41 -26.75
N GLY C 321 13.60 -29.52 -26.10
CA GLY C 321 12.24 -29.80 -25.68
C GLY C 321 12.32 -30.52 -24.36
N ALA C 322 11.28 -30.38 -23.55
CA ALA C 322 11.21 -30.95 -22.21
C ALA C 322 9.91 -31.72 -21.99
N ILE C 323 9.94 -32.75 -21.14
CA ILE C 323 8.70 -33.27 -20.57
C ILE C 323 8.86 -33.18 -19.05
N ALA C 324 7.77 -32.79 -18.37
CA ALA C 324 7.83 -32.38 -16.94
C ALA C 324 7.94 -33.55 -15.97
N CYS C 325 7.22 -34.64 -16.25
CA CYS C 325 7.18 -35.80 -15.36
C CYS C 325 7.71 -37.05 -16.05
N ALA C 326 8.87 -37.51 -15.62
CA ALA C 326 9.47 -38.74 -16.13
C ALA C 326 9.80 -39.65 -14.94
N GLY C 327 10.85 -39.33 -14.21
CA GLY C 327 11.17 -40.01 -12.96
C GLY C 327 10.16 -39.65 -11.87
N ALA C 328 9.60 -38.44 -11.96
CA ALA C 328 8.50 -38.05 -11.07
C ALA C 328 7.31 -39.02 -11.17
N THR C 329 6.99 -39.46 -12.39
CA THR C 329 5.91 -40.43 -12.63
C THR C 329 6.23 -41.77 -12.02
N VAL C 330 7.48 -42.18 -12.11
CA VAL C 330 7.92 -43.43 -11.50
C VAL C 330 7.86 -43.31 -9.98
N GLU C 331 8.23 -42.15 -9.45
CA GLU C 331 8.21 -41.88 -8.02
C GLU C 331 6.77 -41.78 -7.47
N TRP C 332 5.89 -41.12 -8.21
CA TRP C 332 4.45 -41.03 -7.89
C TRP C 332 3.83 -42.41 -7.80
N MET C 333 4.15 -43.27 -8.76
CA MET C 333 3.67 -44.64 -8.75
C MET C 333 4.10 -45.38 -7.50
N ARG C 334 5.32 -45.16 -7.05
CA ARG C 334 5.84 -45.77 -5.83
C ARG C 334 5.21 -45.15 -4.58
N ARG C 335 5.47 -43.86 -4.34
CA ARG C 335 5.12 -43.31 -3.06
C ARG C 335 3.65 -42.88 -2.92
N ASN C 336 2.98 -42.47 -3.99
CA ASN C 336 1.54 -42.10 -3.88
C ASN C 336 0.54 -43.21 -4.08
N MET C 337 0.92 -44.26 -4.81
CA MET C 337 -0.02 -45.35 -5.17
C MET C 337 0.39 -46.76 -4.74
N ASN C 338 1.58 -46.93 -4.17
CA ASN C 338 2.04 -48.26 -3.69
C ASN C 338 1.98 -49.39 -4.76
N LEU C 339 2.30 -49.06 -6.01
CA LEU C 339 2.32 -50.05 -7.10
C LEU C 339 3.63 -50.87 -7.06
N PHE C 340 4.64 -50.30 -6.39
CA PHE C 340 5.84 -51.03 -5.99
C PHE C 340 6.56 -50.24 -4.89
N SER C 341 7.59 -50.86 -4.29
CA SER C 341 8.41 -50.21 -3.27
C SER C 341 9.89 -50.20 -3.65
N HIS C 342 10.56 -51.35 -3.58
CA HIS C 342 12.01 -51.40 -3.87
C HIS C 342 12.27 -50.82 -5.27
N ILE C 343 13.43 -50.19 -5.41
CA ILE C 343 13.70 -49.26 -6.52
C ILE C 343 13.57 -49.93 -7.91
N THR C 344 13.91 -51.21 -7.98
CA THR C 344 14.04 -51.97 -9.23
C THR C 344 12.83 -52.84 -9.60
N GLU C 345 11.73 -52.71 -8.85
CA GLU C 345 10.50 -53.48 -9.14
C GLU C 345 9.75 -52.91 -10.36
N CYS C 346 9.79 -51.60 -10.50
CA CYS C 346 9.18 -50.90 -11.61
C CYS C 346 9.41 -51.61 -12.93
N GLU C 347 10.67 -51.93 -13.23
CA GLU C 347 11.02 -52.62 -14.48
C GLU C 347 10.61 -54.10 -14.51
N LYS C 348 10.82 -54.83 -13.42
CA LYS C 348 10.37 -56.25 -13.35
C LYS C 348 8.85 -56.40 -13.58
N LEU C 349 8.08 -55.48 -13.00
CA LEU C 349 6.62 -55.45 -13.12
C LEU C 349 6.13 -55.16 -14.55
N ALA C 350 6.69 -54.13 -15.17
CA ALA C 350 6.38 -53.79 -16.56
C ALA C 350 6.76 -54.91 -17.52
N ARG C 351 7.86 -55.60 -17.21
CA ARG C 351 8.33 -56.73 -18.03
C ARG C 351 7.43 -57.96 -17.95
N SER C 352 6.72 -58.11 -16.82
CA SER C 352 5.86 -59.27 -16.55
C SER C 352 4.57 -59.32 -17.35
N VAL C 353 4.29 -58.28 -18.14
CA VAL C 353 3.19 -58.31 -19.11
C VAL C 353 3.74 -57.92 -20.51
N PRO C 354 3.29 -58.60 -21.58
CA PRO C 354 3.92 -58.34 -22.88
C PRO C 354 3.56 -56.98 -23.52
N GLY C 355 2.43 -56.41 -23.13
CA GLY C 355 2.05 -55.07 -23.56
C GLY C 355 1.11 -54.49 -22.54
N THR C 356 0.42 -53.42 -22.93
CA THR C 356 -0.52 -52.72 -22.05
C THR C 356 -1.99 -53.15 -22.27
N GLN C 357 -2.23 -54.12 -23.17
CA GLN C 357 -3.59 -54.65 -23.49
C GLN C 357 -4.67 -53.55 -23.61
N GLY C 358 -4.32 -52.46 -24.29
CA GLY C 358 -5.25 -51.38 -24.59
C GLY C 358 -5.21 -50.11 -23.74
N ILE C 359 -4.68 -50.16 -22.52
CA ILE C 359 -4.71 -48.96 -21.67
C ILE C 359 -3.66 -47.93 -22.09
N VAL C 360 -3.95 -46.65 -21.80
CA VAL C 360 -2.99 -45.57 -21.94
C VAL C 360 -3.01 -44.78 -20.64
N PHE C 361 -1.82 -44.52 -20.10
CA PHE C 361 -1.66 -43.69 -18.90
C PHE C 361 -0.84 -42.48 -19.36
N VAL C 362 -1.52 -41.34 -19.48
CA VAL C 362 -0.90 -40.03 -19.79
C VAL C 362 -0.53 -39.32 -18.46
N PRO C 363 0.78 -39.32 -18.07
CA PRO C 363 1.13 -38.76 -16.75
C PRO C 363 1.33 -37.25 -16.75
N ALA C 364 0.31 -36.51 -17.23
CA ALA C 364 0.37 -35.06 -17.35
C ALA C 364 -0.03 -34.37 -16.05
N PHE C 365 0.59 -34.74 -14.94
CA PHE C 365 0.20 -34.25 -13.60
C PHE C 365 0.25 -32.73 -13.50
N SER C 366 1.37 -32.13 -13.88
CA SER C 366 1.50 -30.69 -13.89
C SER C 366 1.43 -30.12 -15.31
N GLY C 367 0.42 -30.55 -16.07
CA GLY C 367 0.20 -30.05 -17.43
C GLY C 367 0.91 -30.87 -18.48
N LEU C 368 0.60 -30.55 -19.74
CA LEU C 368 1.28 -31.14 -20.91
C LEU C 368 2.20 -30.08 -21.50
N LEU C 369 3.46 -30.45 -21.71
CA LEU C 369 4.50 -29.54 -22.24
C LEU C 369 4.82 -29.97 -23.67
N ALA C 370 6.09 -30.23 -24.03
CA ALA C 370 6.45 -30.97 -25.26
C ALA C 370 5.97 -30.18 -26.51
N PRO C 371 5.55 -30.83 -27.63
CA PRO C 371 5.05 -29.94 -28.70
C PRO C 371 3.55 -29.61 -28.63
N TYR C 372 2.87 -30.03 -27.55
CA TYR C 372 1.42 -29.80 -27.37
C TYR C 372 1.22 -29.16 -26.00
N TRP C 373 1.65 -27.90 -25.89
CA TRP C 373 1.54 -27.17 -24.63
C TRP C 373 0.07 -27.01 -24.26
N ASP C 374 -0.26 -27.42 -23.05
CA ASP C 374 -1.64 -27.46 -22.59
C ASP C 374 -1.60 -27.58 -21.06
N PRO C 375 -1.72 -26.43 -20.35
CA PRO C 375 -1.68 -26.50 -18.89
C PRO C 375 -2.94 -27.09 -18.24
N SER C 376 -4.04 -27.18 -18.99
CA SER C 376 -5.26 -27.79 -18.47
C SER C 376 -5.18 -29.33 -18.37
N ALA C 377 -4.28 -29.96 -19.14
CA ALA C 377 -4.13 -31.42 -19.11
C ALA C 377 -3.71 -31.92 -17.74
N ARG C 378 -4.37 -32.98 -17.29
CA ARG C 378 -4.03 -33.60 -16.01
C ARG C 378 -3.71 -35.06 -16.22
N GLY C 379 -3.26 -35.70 -15.16
CA GLY C 379 -3.01 -37.14 -15.20
C GLY C 379 -4.29 -37.88 -15.51
N THR C 380 -4.22 -38.79 -16.48
CA THR C 380 -5.41 -39.52 -16.92
C THR C 380 -5.05 -40.90 -17.44
N ILE C 381 -5.87 -41.88 -17.04
CA ILE C 381 -5.76 -43.26 -17.48
C ILE C 381 -7.09 -43.67 -18.13
N VAL C 382 -7.00 -44.26 -19.31
CA VAL C 382 -8.19 -44.74 -20.00
C VAL C 382 -8.01 -46.19 -20.45
N GLY C 383 -9.12 -46.91 -20.54
CA GLY C 383 -9.13 -48.22 -21.19
C GLY C 383 -9.07 -49.44 -20.28
N MET C 384 -9.17 -49.23 -18.97
CA MET C 384 -8.90 -50.30 -18.00
C MET C 384 -10.04 -51.32 -17.96
N THR C 385 -9.67 -52.60 -17.83
CA THR C 385 -10.63 -53.71 -17.63
C THR C 385 -10.33 -54.37 -16.28
N LEU C 386 -11.09 -55.40 -15.92
CA LEU C 386 -10.79 -56.20 -14.74
C LEU C 386 -9.52 -57.05 -14.92
N LYS C 387 -9.09 -57.31 -16.17
CA LYS C 387 -7.78 -57.98 -16.40
C LYS C 387 -6.57 -57.04 -16.16
N THR C 388 -6.78 -55.73 -16.31
CA THR C 388 -5.78 -54.71 -16.02
C THR C 388 -5.24 -54.81 -14.61
N THR C 389 -3.93 -54.61 -14.45
CA THR C 389 -3.19 -54.77 -13.19
C THR C 389 -2.15 -53.67 -13.07
N ARG C 390 -1.52 -53.58 -11.92
CA ARG C 390 -0.48 -52.56 -11.71
C ARG C 390 0.65 -52.72 -12.73
N ALA C 391 0.94 -53.96 -13.12
CA ALA C 391 1.95 -54.22 -14.12
C ALA C 391 1.68 -53.45 -15.40
N HIS C 392 0.43 -53.51 -15.84
CA HIS C 392 0.02 -52.88 -17.08
C HIS C 392 0.12 -51.35 -17.01
N VAL C 393 -0.22 -50.80 -15.85
CA VAL C 393 -0.22 -49.36 -15.62
C VAL C 393 1.22 -48.85 -15.54
N ILE C 394 2.12 -49.64 -14.95
CA ILE C 394 3.53 -49.28 -14.88
C ILE C 394 4.12 -49.22 -16.30
N ARG C 395 4.05 -50.34 -17.01
CA ARG C 395 4.48 -50.40 -18.40
C ARG C 395 3.92 -49.23 -19.24
N ALA C 396 2.64 -48.93 -19.03
CA ALA C 396 1.96 -47.82 -19.71
C ALA C 396 2.55 -46.43 -19.38
N ALA C 397 2.97 -46.24 -18.12
CA ALA C 397 3.66 -45.02 -17.70
C ALA C 397 4.96 -44.88 -18.49
N LEU C 398 5.67 -45.99 -18.64
CA LEU C 398 6.92 -46.01 -19.39
C LEU C 398 6.71 -45.70 -20.87
N GLN C 399 5.73 -46.36 -21.47
CA GLN C 399 5.33 -46.06 -22.84
C GLN C 399 5.05 -44.58 -23.06
N ALA C 400 4.34 -43.96 -22.12
CA ALA C 400 4.01 -42.55 -22.25
C ALA C 400 5.24 -41.67 -22.33
N ILE C 401 6.19 -41.91 -21.43
CA ILE C 401 7.46 -41.20 -21.41
C ILE C 401 8.14 -41.30 -22.78
N ALA C 402 8.23 -42.53 -23.30
CA ALA C 402 8.77 -42.77 -24.65
C ALA C 402 7.93 -42.20 -25.80
N LEU C 403 6.60 -42.11 -25.63
CA LEU C 403 5.74 -41.51 -26.65
C LEU C 403 5.89 -39.99 -26.73
N GLN C 404 6.05 -39.32 -25.59
CA GLN C 404 6.27 -37.88 -25.60
C GLN C 404 7.58 -37.53 -26.27
N LEU C 405 8.64 -38.28 -25.96
CA LEU C 405 9.92 -38.09 -26.64
C LEU C 405 9.77 -38.27 -28.14
N ASN C 406 9.11 -39.35 -28.52
CA ASN C 406 8.81 -39.61 -29.92
C ASN C 406 8.10 -38.44 -30.59
N ASP C 407 7.06 -37.88 -29.96
CA ASP C 407 6.41 -36.66 -30.49
C ASP C 407 7.34 -35.44 -30.50
N VAL C 408 8.16 -35.27 -29.45
CA VAL C 408 9.12 -34.19 -29.37
C VAL C 408 10.18 -34.30 -30.49
N VAL C 409 10.74 -35.49 -30.67
CA VAL C 409 11.69 -35.74 -31.77
C VAL C 409 11.02 -35.52 -33.14
N GLY C 410 9.77 -35.93 -33.26
CA GLY C 410 9.00 -35.74 -34.48
C GLY C 410 8.96 -34.30 -34.93
N SER C 411 8.64 -33.40 -33.99
CA SER C 411 8.58 -31.96 -34.29
C SER C 411 9.96 -31.47 -34.68
N MET C 412 10.95 -31.79 -33.84
CA MET C 412 12.34 -31.43 -34.09
C MET C 412 12.81 -31.81 -35.49
N LYS C 413 12.47 -33.03 -35.93
CA LYS C 413 12.82 -33.51 -37.27
C LYS C 413 12.23 -32.62 -38.38
N ARG C 414 10.98 -32.18 -38.18
CA ARG C 414 10.24 -31.36 -39.14
C ARG C 414 10.77 -29.92 -39.14
N ASP C 415 10.99 -29.35 -37.95
CA ASP C 415 11.54 -27.98 -37.82
C ASP C 415 12.97 -27.90 -38.36
N ALA C 416 13.81 -28.85 -37.95
CA ALA C 416 15.24 -28.87 -38.32
C ALA C 416 15.44 -29.24 -39.79
N GLY C 417 14.52 -30.02 -40.35
CA GLY C 417 14.68 -30.58 -41.67
C GLY C 417 15.79 -31.63 -41.69
N LEU C 418 15.85 -32.48 -40.66
CA LEU C 418 16.81 -33.60 -40.65
C LEU C 418 16.33 -34.76 -39.78
N ASN C 419 17.01 -35.89 -39.89
CA ASN C 419 16.63 -37.12 -39.15
C ASN C 419 17.41 -37.30 -37.88
N LEU C 420 16.85 -38.06 -36.95
CA LEU C 420 17.57 -38.49 -35.78
C LEU C 420 18.55 -39.59 -36.20
N SER C 421 19.85 -39.27 -36.11
CA SER C 421 20.93 -40.21 -36.40
C SER C 421 21.04 -41.26 -35.30
N SER C 422 21.14 -40.81 -34.06
CA SER C 422 21.06 -41.69 -32.90
C SER C 422 20.67 -40.90 -31.66
N LEU C 423 20.36 -41.60 -30.57
CA LEU C 423 20.01 -40.96 -29.30
C LEU C 423 20.91 -41.48 -28.19
N ARG C 424 21.68 -40.58 -27.59
CA ARG C 424 22.49 -40.91 -26.43
C ARG C 424 21.59 -40.59 -25.25
N VAL C 425 21.77 -41.33 -24.16
CA VAL C 425 20.87 -41.21 -23.01
C VAL C 425 21.67 -41.23 -21.71
N ASP C 426 21.07 -40.68 -20.66
CA ASP C 426 21.64 -40.67 -19.31
C ASP C 426 20.55 -40.23 -18.36
N GLY C 427 20.87 -40.12 -17.08
CA GLY C 427 19.99 -39.48 -16.11
C GLY C 427 19.47 -40.34 -14.98
N GLY C 428 19.58 -41.65 -15.08
CA GLY C 428 19.09 -42.53 -14.00
C GLY C 428 17.92 -43.38 -14.45
N LEU C 429 16.88 -42.75 -14.99
CA LEU C 429 15.84 -43.53 -15.69
C LEU C 429 16.36 -44.23 -16.96
N SER C 430 17.53 -43.81 -17.46
CA SER C 430 18.26 -44.62 -18.46
C SER C 430 18.75 -45.99 -17.94
N LYS C 431 18.91 -46.16 -16.62
CA LYS C 431 19.12 -47.51 -16.04
C LYS C 431 17.94 -48.45 -16.29
N ASN C 432 16.74 -47.92 -16.53
CA ASN C 432 15.58 -48.76 -16.91
C ASN C 432 15.68 -49.27 -18.37
N GLY C 433 16.15 -50.50 -18.52
CA GLY C 433 16.33 -51.12 -19.82
C GLY C 433 15.07 -51.22 -20.68
N LEU C 434 13.94 -51.57 -20.09
CA LEU C 434 12.69 -51.73 -20.86
C LEU C 434 12.19 -50.38 -21.40
N LEU C 435 12.41 -49.29 -20.64
CA LEU C 435 12.16 -47.95 -21.17
C LEU C 435 13.01 -47.71 -22.41
N MET C 436 14.31 -47.98 -22.30
CA MET C 436 15.25 -47.77 -23.39
C MET C 436 14.85 -48.58 -24.66
N GLU C 437 14.44 -49.82 -24.48
CA GLU C 437 13.94 -50.61 -25.62
C GLU C 437 12.66 -50.02 -26.24
N ILE C 438 11.68 -49.64 -25.42
CA ILE C 438 10.45 -49.07 -25.96
C ILE C 438 10.80 -47.81 -26.76
N GLN C 439 11.74 -47.04 -26.21
CA GLN C 439 12.12 -45.77 -26.83
C GLN C 439 12.79 -46.00 -28.19
N ALA C 440 13.75 -46.92 -28.24
CA ALA C 440 14.43 -47.31 -29.50
C ALA C 440 13.45 -47.78 -30.60
N SER C 441 12.57 -48.68 -30.21
CA SER C 441 11.52 -49.21 -31.08
C SER C 441 10.64 -48.10 -31.63
N LEU C 442 10.16 -47.21 -30.77
CA LEU C 442 9.32 -46.08 -31.21
C LEU C 442 10.06 -45.15 -32.19
N LEU C 443 11.30 -44.79 -31.89
CA LEU C 443 12.07 -43.87 -32.76
C LEU C 443 12.67 -44.56 -34.00
N GLY C 444 12.89 -45.87 -33.92
CA GLY C 444 13.51 -46.65 -35.00
C GLY C 444 14.99 -46.31 -35.18
N VAL C 445 15.67 -46.01 -34.09
CA VAL C 445 17.09 -45.65 -34.12
C VAL C 445 17.77 -46.23 -32.90
N ASP C 446 19.07 -46.48 -33.03
CA ASP C 446 19.82 -47.10 -31.96
C ASP C 446 19.99 -46.11 -30.82
N ILE C 447 19.62 -46.54 -29.61
CA ILE C 447 19.82 -45.75 -28.40
C ILE C 447 21.14 -46.16 -27.76
N LEU C 448 22.05 -45.21 -27.60
CA LEU C 448 23.38 -45.47 -27.03
C LEU C 448 23.40 -45.13 -25.54
N VAL C 449 23.92 -46.04 -24.72
CA VAL C 449 23.95 -45.88 -23.25
C VAL C 449 25.39 -45.87 -22.78
N PRO C 450 25.91 -44.70 -22.32
CA PRO C 450 27.26 -44.63 -21.78
C PRO C 450 27.37 -45.35 -20.46
N SER C 451 28.43 -46.14 -20.27
CA SER C 451 28.65 -46.81 -18.98
C SER C 451 29.17 -45.82 -17.94
N MET C 452 30.05 -44.91 -18.36
CA MET C 452 30.43 -43.73 -17.55
C MET C 452 29.30 -42.69 -17.71
N HIS C 453 28.45 -42.60 -16.71
CA HIS C 453 27.19 -41.82 -16.83
C HIS C 453 27.27 -40.45 -16.12
N GLU C 454 28.46 -39.88 -16.11
CA GLU C 454 28.74 -38.58 -15.52
C GLU C 454 28.89 -37.59 -16.66
N THR C 455 27.91 -37.60 -17.58
CA THR C 455 28.02 -36.93 -18.88
C THR C 455 27.90 -35.43 -18.79
N THR C 456 27.10 -34.92 -17.87
CA THR C 456 26.95 -33.46 -17.73
C THR C 456 28.25 -32.87 -17.22
N ALA C 457 28.89 -33.52 -16.27
CA ALA C 457 30.16 -33.05 -15.74
C ALA C 457 31.25 -33.18 -16.79
N LEU C 458 31.07 -34.11 -17.73
CA LEU C 458 32.11 -34.45 -18.72
C LEU C 458 32.19 -33.44 -19.83
N GLY C 459 31.02 -32.96 -20.30
CA GLY C 459 30.96 -31.86 -21.27
C GLY C 459 31.85 -30.67 -20.88
N ALA C 460 31.74 -30.23 -19.63
CA ALA C 460 32.55 -29.14 -19.14
C ALA C 460 34.05 -29.49 -19.18
N ALA C 461 34.40 -30.69 -18.75
CA ALA C 461 35.79 -31.15 -18.72
C ALA C 461 36.42 -31.24 -20.12
N LEU C 462 35.63 -31.70 -21.11
CA LEU C 462 36.07 -31.80 -22.50
C LEU C 462 36.36 -30.42 -23.11
N CYS C 463 35.45 -29.47 -22.93
CA CYS C 463 35.68 -28.07 -23.26
C CYS C 463 37.01 -27.56 -22.67
N ALA C 464 37.21 -27.74 -21.36
CA ALA C 464 38.47 -27.30 -20.75
C ALA C 464 39.72 -28.09 -21.25
N GLY C 465 39.58 -29.39 -21.43
CA GLY C 465 40.70 -30.23 -21.87
C GLY C 465 41.05 -30.01 -23.33
N LEU C 466 40.05 -29.66 -24.15
CA LEU C 466 40.28 -29.24 -25.53
C LEU C 466 41.10 -27.94 -25.55
N ALA C 467 40.58 -26.92 -24.90
CA ALA C 467 41.29 -25.64 -24.75
C ALA C 467 42.67 -25.75 -24.12
N ALA C 468 42.91 -26.78 -23.30
CA ALA C 468 44.22 -26.96 -22.66
C ALA C 468 45.16 -27.97 -23.34
N GLY C 469 44.73 -28.61 -24.43
CA GLY C 469 45.56 -29.60 -25.12
C GLY C 469 45.61 -31.01 -24.50
N VAL C 470 44.85 -31.26 -23.43
CA VAL C 470 44.70 -32.62 -22.88
C VAL C 470 44.14 -33.54 -23.98
N TRP C 471 43.14 -33.04 -24.70
CA TRP C 471 42.74 -33.59 -25.99
C TRP C 471 42.87 -32.51 -27.06
N THR C 472 43.16 -32.95 -28.27
CA THR C 472 43.56 -32.09 -29.39
C THR C 472 42.46 -31.83 -30.42
N SER C 473 41.47 -32.73 -30.50
CA SER C 473 40.35 -32.52 -31.39
C SER C 473 39.11 -33.29 -30.95
N LEU C 474 37.97 -32.98 -31.58
CA LEU C 474 36.72 -33.71 -31.37
C LEU C 474 36.78 -35.18 -31.84
N GLU C 475 37.58 -35.49 -32.87
CA GLU C 475 37.72 -36.88 -33.30
C GLU C 475 38.58 -37.69 -32.33
N GLU C 476 39.59 -37.07 -31.70
CA GLU C 476 40.34 -37.72 -30.62
C GLU C 476 39.49 -37.94 -29.35
N VAL C 477 38.63 -36.97 -29.04
CA VAL C 477 37.70 -37.05 -27.91
C VAL C 477 36.78 -38.24 -28.06
N LYS C 478 36.23 -38.42 -29.27
CA LYS C 478 35.41 -39.59 -29.58
C LYS C 478 36.21 -40.90 -29.51
N ALA C 479 37.42 -40.92 -30.08
CA ALA C 479 38.27 -42.13 -30.06
C ALA C 479 38.58 -42.56 -28.63
N VAL C 480 39.09 -41.64 -27.81
CA VAL C 480 39.38 -41.93 -26.40
C VAL C 480 38.14 -42.49 -25.69
N SER C 481 36.95 -41.95 -25.95
CA SER C 481 35.71 -42.49 -25.38
C SER C 481 35.44 -43.94 -25.77
N ARG C 482 35.47 -44.21 -27.07
CA ARG C 482 35.20 -45.56 -27.58
C ARG C 482 36.27 -46.53 -27.08
N ARG C 483 37.53 -46.08 -27.09
CA ARG C 483 38.66 -46.86 -26.55
C ARG C 483 38.61 -47.13 -25.03
N GLU C 484 37.99 -46.25 -24.23
CA GLU C 484 38.13 -46.32 -22.77
C GLU C 484 36.87 -46.59 -21.99
N ASN C 485 35.78 -45.92 -22.34
CA ASN C 485 34.51 -46.09 -21.64
C ASN C 485 33.55 -46.91 -22.50
N SER C 486 32.80 -47.81 -21.87
CA SER C 486 31.92 -48.73 -22.59
C SER C 486 30.59 -48.07 -22.97
N TRP C 487 30.05 -48.49 -24.12
CA TRP C 487 28.79 -47.97 -24.66
C TRP C 487 27.86 -49.15 -25.01
N LYS C 488 26.92 -49.44 -24.12
CA LYS C 488 25.83 -50.39 -24.42
C LYS C 488 24.91 -49.80 -25.49
N THR C 489 24.62 -50.56 -26.54
CA THR C 489 23.76 -50.05 -27.63
C THR C 489 22.45 -50.83 -27.75
N VAL C 490 21.33 -50.11 -27.67
CA VAL C 490 19.97 -50.66 -27.57
C VAL C 490 19.28 -50.47 -28.92
N SER C 491 19.29 -51.50 -29.75
CA SER C 491 18.73 -51.42 -31.10
C SER C 491 17.21 -51.57 -31.06
N PRO C 492 16.50 -51.02 -32.07
CA PRO C 492 15.03 -51.19 -32.08
C PRO C 492 14.58 -52.66 -32.06
N SER C 493 13.34 -52.91 -31.63
CA SER C 493 12.78 -54.27 -31.62
C SER C 493 11.27 -54.26 -31.44
N GLY C 494 10.61 -55.28 -31.94
CA GLY C 494 9.16 -55.30 -32.01
C GLY C 494 8.69 -54.74 -33.34
N SER C 495 7.47 -55.12 -33.70
CA SER C 495 6.92 -54.86 -35.03
C SER C 495 6.39 -53.44 -35.20
N ALA C 496 6.36 -52.98 -36.44
CA ALA C 496 5.74 -51.71 -36.79
C ALA C 496 4.21 -51.75 -36.73
N MET C 497 3.62 -52.95 -36.62
CA MET C 497 2.20 -53.06 -36.23
C MET C 497 2.06 -52.48 -34.83
N GLU C 498 2.94 -52.91 -33.92
CA GLU C 498 2.87 -52.52 -32.50
C GLU C 498 3.12 -51.03 -32.29
N ARG C 499 4.17 -50.53 -32.95
CA ARG C 499 4.50 -49.11 -32.94
C ARG C 499 3.30 -48.24 -33.37
N GLU C 500 2.63 -48.62 -34.46
CA GLU C 500 1.55 -47.81 -34.99
C GLU C 500 0.33 -47.81 -34.08
N ALA C 501 0.00 -48.99 -33.57
CA ALA C 501 -1.11 -49.17 -32.62
C ALA C 501 -0.91 -48.29 -31.38
N MET C 502 0.26 -48.44 -30.78
CA MET C 502 0.65 -47.69 -29.58
C MET C 502 0.48 -46.18 -29.77
N ILE C 503 0.91 -45.68 -30.93
CA ILE C 503 0.86 -44.26 -31.24
C ILE C 503 -0.57 -43.79 -31.51
N ALA C 504 -1.34 -44.59 -32.25
CA ALA C 504 -2.75 -44.29 -32.49
C ALA C 504 -3.55 -44.25 -31.18
N GLU C 505 -3.28 -45.20 -30.28
CA GLU C 505 -3.87 -45.22 -28.93
C GLU C 505 -3.45 -43.99 -28.12
N TRP C 506 -2.16 -43.66 -28.21
CA TRP C 506 -1.60 -42.46 -27.58
C TRP C 506 -2.34 -41.19 -28.06
N ARG C 507 -2.46 -41.05 -29.37
CA ARG C 507 -3.15 -39.89 -29.98
C ARG C 507 -4.63 -39.77 -29.62
N GLU C 508 -5.34 -40.89 -29.52
CA GLU C 508 -6.72 -40.86 -29.05
C GLU C 508 -6.74 -40.44 -27.59
N ALA C 509 -5.88 -41.07 -26.79
CA ALA C 509 -5.86 -40.84 -25.35
C ALA C 509 -5.56 -39.39 -24.96
N LEU C 510 -4.72 -38.70 -25.74
CA LEU C 510 -4.44 -37.28 -25.49
C LEU C 510 -5.70 -36.40 -25.60
N LYS C 511 -6.66 -36.81 -26.44
CA LYS C 511 -7.93 -36.09 -26.60
C LYS C 511 -8.84 -36.09 -25.34
N ARG C 512 -8.60 -37.02 -24.42
CA ARG C 512 -9.40 -37.14 -23.20
C ARG C 512 -8.74 -36.50 -21.98
N THR C 513 -7.65 -35.78 -22.23
CA THR C 513 -6.67 -35.42 -21.21
C THR C 513 -6.98 -34.10 -20.47
N LYS C 514 -7.88 -33.29 -21.04
CA LYS C 514 -8.13 -31.93 -20.56
C LYS C 514 -9.01 -31.96 -19.31
N TRP C 515 -8.70 -31.13 -18.32
CA TRP C 515 -9.46 -31.12 -17.05
C TRP C 515 -9.51 -29.81 -16.24
N ALA C 516 -8.41 -29.07 -16.15
CA ALA C 516 -8.27 -27.99 -15.17
C ALA C 516 -9.06 -26.72 -15.51
N LYS C 517 -9.09 -25.81 -14.53
CA LYS C 517 -9.87 -24.56 -14.54
C LYS C 517 -11.37 -24.86 -14.46
N PHE D 5 -48.12 -76.63 19.92
CA PHE D 5 -47.28 -75.40 20.00
C PHE D 5 -45.75 -75.66 19.81
N THR D 6 -45.40 -76.51 18.84
CA THR D 6 -43.99 -76.65 18.41
C THR D 6 -43.72 -75.75 17.19
N MET D 7 -42.44 -75.38 17.01
CA MET D 7 -42.03 -74.47 15.93
C MET D 7 -42.32 -75.02 14.57
N LYS D 8 -42.88 -74.17 13.74
CA LYS D 8 -43.00 -74.45 12.34
C LYS D 8 -41.73 -73.90 11.70
N TYR D 9 -41.31 -74.54 10.61
CA TYR D 9 -40.13 -74.19 9.85
C TYR D 9 -40.45 -74.20 8.35
N VAL D 10 -39.76 -73.33 7.61
CA VAL D 10 -39.95 -73.16 6.18
C VAL D 10 -38.57 -73.13 5.54
N GLY D 11 -38.45 -73.79 4.38
CA GLY D 11 -37.17 -73.98 3.73
C GLY D 11 -37.05 -73.13 2.50
N SER D 12 -35.84 -72.64 2.22
CA SER D 12 -35.55 -71.80 1.06
C SER D 12 -34.34 -72.33 0.30
N ILE D 13 -34.55 -72.74 -0.96
CA ILE D 13 -33.44 -73.09 -1.83
C ILE D 13 -33.00 -71.81 -2.52
N ASP D 14 -31.80 -71.34 -2.17
CA ASP D 14 -31.20 -70.18 -2.83
C ASP D 14 -30.15 -70.66 -3.85
N GLN D 15 -30.56 -70.71 -5.12
CA GLN D 15 -29.73 -71.19 -6.22
C GLN D 15 -29.10 -70.00 -6.91
N GLY D 16 -27.87 -69.68 -6.53
CA GLY D 16 -27.12 -68.56 -7.11
C GLY D 16 -26.26 -68.88 -8.32
N THR D 17 -25.62 -67.86 -8.85
CA THR D 17 -24.70 -68.02 -9.96
C THR D 17 -23.54 -68.99 -9.62
N THR D 18 -22.92 -68.82 -8.44
CA THR D 18 -21.71 -69.57 -8.07
C THR D 18 -21.94 -70.67 -7.03
N SER D 19 -23.00 -70.56 -6.23
CA SER D 19 -23.36 -71.62 -5.26
C SER D 19 -24.88 -71.76 -5.06
N THR D 20 -25.24 -72.87 -4.43
CA THR D 20 -26.59 -73.19 -4.03
C THR D 20 -26.58 -73.29 -2.52
N ARG D 21 -27.68 -72.87 -1.90
CA ARG D 21 -27.81 -72.89 -0.45
C ARG D 21 -29.23 -73.36 -0.10
N PHE D 22 -29.37 -74.03 1.04
CA PHE D 22 -30.70 -74.26 1.63
C PHE D 22 -30.69 -73.63 2.99
N ILE D 23 -31.75 -72.88 3.29
CA ILE D 23 -31.87 -72.13 4.54
C ILE D 23 -33.21 -72.45 5.16
N ILE D 24 -33.19 -73.06 6.33
CA ILE D 24 -34.43 -73.27 7.07
C ILE D 24 -34.70 -72.06 7.98
N PHE D 25 -35.84 -71.40 7.75
CA PHE D 25 -36.33 -70.33 8.62
C PHE D 25 -37.34 -70.91 9.60
N ASP D 26 -37.43 -70.34 10.79
CA ASP D 26 -38.55 -70.61 11.71
C ASP D 26 -39.54 -69.44 11.72
N GLU D 27 -40.53 -69.50 12.60
CA GLU D 27 -41.65 -68.53 12.61
C GLU D 27 -41.23 -67.09 12.89
N ARG D 28 -40.04 -66.92 13.47
CA ARG D 28 -39.44 -65.62 13.71
C ARG D 28 -38.66 -65.04 12.53
N GLN D 29 -38.64 -65.74 11.41
CA GLN D 29 -37.91 -65.29 10.22
C GLN D 29 -36.41 -65.25 10.51
N ARG D 30 -35.96 -66.24 11.28
CA ARG D 30 -34.56 -66.40 11.65
C ARG D 30 -33.99 -67.65 10.96
N PRO D 31 -32.81 -67.55 10.31
CA PRO D 31 -32.23 -68.73 9.68
C PRO D 31 -31.62 -69.70 10.72
N VAL D 32 -32.26 -70.85 10.89
CA VAL D 32 -31.92 -71.78 11.95
C VAL D 32 -30.92 -72.84 11.52
N SER D 33 -30.90 -73.16 10.24
CA SER D 33 -29.91 -74.04 9.66
C SER D 33 -29.63 -73.55 8.24
N VAL D 34 -28.38 -73.67 7.81
CA VAL D 34 -28.00 -73.34 6.44
C VAL D 34 -26.89 -74.30 5.97
N HIS D 35 -26.90 -74.62 4.68
CA HIS D 35 -25.77 -75.30 4.08
C HIS D 35 -25.55 -74.89 2.64
N GLN D 36 -24.28 -74.75 2.25
CA GLN D 36 -23.87 -74.30 0.94
C GLN D 36 -23.08 -75.36 0.20
N VAL D 37 -23.35 -75.52 -1.09
CA VAL D 37 -22.52 -76.30 -2.00
C VAL D 37 -22.29 -75.51 -3.29
N PRO D 38 -21.02 -75.37 -3.74
CA PRO D 38 -20.73 -74.63 -5.00
C PRO D 38 -20.88 -75.53 -6.23
N HIS D 39 -20.85 -74.92 -7.40
CA HIS D 39 -20.87 -75.68 -8.65
C HIS D 39 -20.00 -75.01 -9.69
N THR D 40 -19.74 -75.75 -10.76
CA THR D 40 -18.64 -75.45 -11.64
C THR D 40 -19.03 -74.33 -12.58
N GLN D 41 -18.14 -73.34 -12.70
CA GLN D 41 -18.32 -72.21 -13.58
C GLN D 41 -17.60 -72.46 -14.91
N HIS D 42 -18.29 -73.13 -15.83
CA HIS D 42 -17.70 -73.46 -17.15
C HIS D 42 -17.53 -72.24 -18.06
N THR D 43 -16.34 -72.09 -18.64
CA THR D 43 -16.00 -71.03 -19.60
C THR D 43 -15.33 -71.67 -20.84
N PRO D 44 -16.13 -72.37 -21.69
CA PRO D 44 -15.58 -73.03 -22.90
C PRO D 44 -15.00 -72.09 -23.98
N HIS D 45 -15.40 -70.81 -23.98
CA HIS D 45 -14.86 -69.78 -24.89
C HIS D 45 -14.92 -68.42 -24.14
N PRO D 46 -14.20 -67.38 -24.59
CA PRO D 46 -14.24 -66.14 -23.79
C PRO D 46 -15.60 -65.46 -23.79
N GLY D 47 -16.00 -64.91 -22.64
CA GLY D 47 -17.33 -64.36 -22.44
C GLY D 47 -18.49 -65.36 -22.35
N TRP D 48 -18.21 -66.67 -22.43
CA TRP D 48 -19.22 -67.71 -22.28
C TRP D 48 -19.27 -68.18 -20.83
N LEU D 49 -20.47 -68.57 -20.36
CA LEU D 49 -20.66 -69.12 -19.03
C LEU D 49 -21.80 -70.14 -19.01
N GLU D 50 -21.54 -71.29 -18.43
CA GLU D 50 -22.35 -72.50 -18.54
C GLU D 50 -22.39 -73.21 -17.16
N HIS D 51 -23.57 -73.69 -16.76
CA HIS D 51 -23.68 -74.49 -15.55
C HIS D 51 -24.20 -75.86 -15.92
N ASP D 52 -23.71 -76.87 -15.23
CA ASP D 52 -24.17 -78.25 -15.39
C ASP D 52 -25.43 -78.34 -14.52
N PRO D 53 -26.61 -78.56 -15.14
CA PRO D 53 -27.87 -78.58 -14.37
C PRO D 53 -28.00 -79.69 -13.34
N MET D 54 -27.45 -80.87 -13.62
CA MET D 54 -27.45 -81.97 -12.64
C MET D 54 -26.63 -81.61 -11.41
N GLU D 55 -25.45 -81.02 -11.61
CA GLU D 55 -24.64 -80.51 -10.51
C GLU D 55 -25.46 -79.54 -9.61
N ILE D 56 -26.27 -78.67 -10.23
CA ILE D 56 -27.15 -77.76 -9.46
C ILE D 56 -28.23 -78.50 -8.68
N PHE D 57 -29.01 -79.32 -9.38
CA PHE D 57 -30.01 -80.16 -8.69
C PHE D 57 -29.39 -80.99 -7.55
N ARG D 58 -28.23 -81.59 -7.81
CA ARG D 58 -27.52 -82.33 -6.78
C ARG D 58 -27.11 -81.42 -5.64
N SER D 59 -26.50 -80.28 -5.96
CA SER D 59 -26.12 -79.29 -4.94
C SER D 59 -27.31 -78.96 -4.01
N ALA D 60 -28.48 -78.69 -4.60
CA ALA D 60 -29.69 -78.38 -3.86
C ALA D 60 -30.10 -79.52 -2.91
N CYS D 61 -30.03 -80.75 -3.36
CA CYS D 61 -30.45 -81.88 -2.51
C CYS D 61 -29.45 -82.12 -1.41
N LYS D 62 -28.15 -81.97 -1.73
CA LYS D 62 -27.10 -82.01 -0.70
C LYS D 62 -27.38 -80.97 0.39
N CYS D 63 -27.57 -79.72 -0.04
CA CYS D 63 -27.89 -78.59 0.85
C CYS D 63 -29.08 -78.87 1.75
N MET D 64 -30.15 -79.43 1.17
CA MET D 64 -31.35 -79.75 1.94
C MET D 64 -31.11 -80.80 3.01
N SER D 65 -30.44 -81.88 2.62
CA SER D 65 -30.22 -83.01 3.51
C SER D 65 -29.30 -82.66 4.70
N VAL D 66 -28.23 -81.91 4.45
CA VAL D 66 -27.32 -81.49 5.54
C VAL D 66 -28.02 -80.52 6.45
N ALA D 67 -28.65 -79.50 5.87
CA ALA D 67 -29.42 -78.51 6.64
C ALA D 67 -30.47 -79.17 7.56
N ILE D 68 -31.21 -80.13 7.02
CA ILE D 68 -32.22 -80.85 7.80
C ILE D 68 -31.53 -81.59 8.93
N ALA D 69 -30.50 -82.35 8.60
CA ALA D 69 -29.72 -83.08 9.62
C ALA D 69 -29.24 -82.18 10.75
N LYS D 70 -28.78 -80.98 10.45
CA LYS D 70 -28.33 -80.05 11.49
C LYS D 70 -29.48 -79.44 12.29
N LEU D 71 -30.61 -79.15 11.66
CA LEU D 71 -31.73 -78.59 12.41
C LEU D 71 -32.16 -79.60 13.47
N ARG D 72 -32.32 -80.86 13.08
CA ARG D 72 -32.79 -81.86 14.03
C ARG D 72 -31.76 -82.25 15.10
N GLN D 73 -30.51 -81.83 14.97
CA GLN D 73 -29.58 -81.87 16.11
C GLN D 73 -29.95 -80.81 17.19
N LYS D 74 -30.40 -79.63 16.78
CA LYS D 74 -30.73 -78.52 17.73
C LYS D 74 -32.22 -78.41 18.16
N ASP D 75 -33.10 -79.08 17.43
CA ASP D 75 -34.50 -79.26 17.78
C ASP D 75 -34.85 -80.69 17.41
N ALA D 76 -34.79 -81.59 18.39
CA ALA D 76 -35.04 -83.03 18.15
C ALA D 76 -36.51 -83.40 18.01
N SER D 77 -37.42 -82.44 18.18
CA SER D 77 -38.86 -82.65 17.92
C SER D 77 -39.27 -82.22 16.51
N PHE D 78 -38.38 -81.53 15.81
CA PHE D 78 -38.63 -81.13 14.43
C PHE D 78 -38.86 -82.39 13.58
N ARG D 79 -40.11 -82.57 13.18
CA ARG D 79 -40.55 -83.68 12.34
C ARG D 79 -40.62 -83.30 10.86
N LYS D 80 -40.86 -82.02 10.55
CA LYS D 80 -41.10 -81.62 9.16
C LYS D 80 -41.06 -80.12 8.89
N ILE D 81 -40.76 -79.80 7.65
CA ILE D 81 -40.76 -78.45 7.15
C ILE D 81 -42.15 -78.23 6.54
N GLU D 82 -42.64 -77.01 6.67
CA GLU D 82 -44.03 -76.71 6.33
C GLU D 82 -44.22 -76.62 4.83
N ALA D 83 -43.31 -75.89 4.20
CA ALA D 83 -43.24 -75.84 2.74
C ALA D 83 -41.82 -75.48 2.36
N ILE D 84 -41.56 -75.50 1.07
CA ILE D 84 -40.26 -75.08 0.54
C ILE D 84 -40.49 -74.00 -0.50
N GLY D 85 -39.66 -72.95 -0.44
CA GLY D 85 -39.67 -71.85 -1.41
C GLY D 85 -38.37 -71.84 -2.19
N ILE D 86 -38.45 -71.42 -3.46
CA ILE D 86 -37.30 -71.42 -4.35
C ILE D 86 -37.00 -69.99 -4.78
N THR D 87 -35.72 -69.64 -4.71
CA THR D 87 -35.25 -68.41 -5.34
C THR D 87 -34.00 -68.73 -6.10
N ASN D 88 -33.77 -67.99 -7.19
CA ASN D 88 -32.75 -68.40 -8.14
C ASN D 88 -32.15 -67.28 -8.96
N GLN D 89 -30.91 -67.53 -9.42
CA GLN D 89 -30.33 -66.84 -10.56
C GLN D 89 -31.29 -66.92 -11.74
N ARG D 90 -31.64 -65.76 -12.28
CA ARG D 90 -32.63 -65.66 -13.34
C ARG D 90 -31.99 -65.78 -14.72
N GLU D 91 -32.84 -66.07 -15.72
CA GLU D 91 -32.48 -66.00 -17.15
C GLU D 91 -31.63 -67.20 -17.63
N THR D 92 -30.71 -67.65 -16.79
CA THR D 92 -30.08 -68.96 -16.96
C THR D 92 -31.14 -69.97 -17.42
N THR D 93 -30.84 -70.64 -18.54
CA THR D 93 -31.82 -71.45 -19.24
C THR D 93 -31.32 -72.90 -19.39
N VAL D 94 -32.22 -73.83 -19.08
CA VAL D 94 -31.94 -75.25 -19.08
C VAL D 94 -32.88 -75.96 -20.04
N ALA D 95 -32.32 -76.89 -20.83
CA ALA D 95 -33.09 -77.73 -21.76
C ALA D 95 -33.00 -79.21 -21.38
N TRP D 96 -34.14 -79.87 -21.30
CA TRP D 96 -34.19 -81.27 -20.92
C TRP D 96 -35.31 -82.05 -21.60
N ASP D 97 -34.98 -83.27 -22.01
CA ASP D 97 -35.94 -84.23 -22.58
C ASP D 97 -36.80 -84.75 -21.43
N ARG D 98 -38.12 -84.81 -21.65
CA ARG D 98 -39.10 -85.14 -20.59
C ARG D 98 -39.34 -86.65 -20.33
N VAL D 99 -38.71 -87.56 -21.08
CA VAL D 99 -38.76 -89.02 -20.78
C VAL D 99 -37.45 -89.58 -20.21
N THR D 100 -36.29 -89.08 -20.70
CA THR D 100 -35.01 -89.27 -19.98
C THR D 100 -35.05 -88.48 -18.66
N LYS D 101 -35.64 -87.27 -18.71
CA LYS D 101 -35.81 -86.36 -17.56
C LYS D 101 -34.44 -85.80 -17.16
N GLU D 102 -33.65 -85.49 -18.20
CA GLU D 102 -32.21 -85.28 -18.09
C GLU D 102 -31.82 -84.17 -19.03
N PRO D 103 -30.82 -83.34 -18.64
CA PRO D 103 -30.45 -82.26 -19.57
C PRO D 103 -29.88 -82.72 -20.91
N LEU D 104 -30.11 -81.94 -21.95
CA LEU D 104 -29.54 -82.18 -23.26
C LEU D 104 -28.20 -81.49 -23.42
N CYS D 105 -27.95 -80.45 -22.64
CA CYS D 105 -26.64 -79.81 -22.57
C CYS D 105 -26.51 -78.95 -21.33
N TYR D 106 -25.35 -78.35 -21.15
CA TYR D 106 -25.12 -77.38 -20.09
C TYR D 106 -25.96 -76.09 -20.30
N ALA D 107 -26.24 -75.40 -19.20
CA ALA D 107 -27.16 -74.27 -19.19
C ALA D 107 -26.40 -72.96 -19.39
N PRO D 108 -26.67 -72.24 -20.49
CA PRO D 108 -26.05 -70.92 -20.59
C PRO D 108 -26.59 -69.95 -19.54
N VAL D 109 -25.70 -69.14 -18.99
CA VAL D 109 -25.96 -68.36 -17.78
C VAL D 109 -26.33 -66.91 -18.15
N TRP D 110 -27.09 -66.23 -17.27
CA TRP D 110 -27.54 -64.86 -17.54
C TRP D 110 -26.53 -63.96 -18.25
N ASN D 111 -25.32 -63.86 -17.72
CA ASN D 111 -24.31 -62.92 -18.22
C ASN D 111 -23.43 -63.42 -19.37
N ASP D 112 -23.76 -64.60 -19.91
CA ASP D 112 -23.08 -65.17 -21.07
C ASP D 112 -23.32 -64.30 -22.32
N LEU D 113 -22.34 -64.31 -23.23
CA LEU D 113 -22.38 -63.51 -24.46
C LEU D 113 -22.39 -64.33 -25.79
N ARG D 114 -22.79 -65.61 -25.74
CA ARG D 114 -22.84 -66.47 -26.94
C ARG D 114 -24.04 -66.16 -27.82
N THR D 115 -25.09 -65.58 -27.23
CA THR D 115 -26.30 -65.18 -27.96
C THR D 115 -26.15 -63.84 -28.71
N TYR D 116 -24.93 -63.28 -28.78
CA TYR D 116 -24.66 -61.98 -29.41
C TYR D 116 -25.01 -61.92 -30.90
N ASP D 117 -24.86 -63.03 -31.62
CA ASP D 117 -25.26 -63.08 -33.03
C ASP D 117 -26.78 -63.06 -33.11
N ILE D 118 -27.43 -63.97 -32.39
CA ILE D 118 -28.88 -64.04 -32.38
C ILE D 118 -29.52 -62.76 -31.83
N THR D 119 -28.86 -62.10 -30.87
CA THR D 119 -29.35 -60.83 -30.37
C THR D 119 -29.37 -59.75 -31.47
N LYS D 120 -28.41 -59.80 -32.41
CA LYS D 120 -28.35 -58.88 -33.57
C LYS D 120 -29.32 -59.26 -34.70
N LYS D 121 -29.46 -60.58 -34.94
CA LYS D 121 -30.46 -61.11 -35.89
C LYS D 121 -31.93 -60.92 -35.43
N VAL D 122 -32.13 -60.42 -34.21
CA VAL D 122 -33.46 -60.03 -33.72
C VAL D 122 -33.60 -58.50 -33.68
N THR D 123 -32.61 -57.79 -33.15
CA THR D 123 -32.59 -56.32 -33.14
C THR D 123 -32.95 -55.74 -34.51
N ALA D 124 -32.15 -56.07 -35.53
CA ALA D 124 -32.36 -55.58 -36.91
C ALA D 124 -33.56 -56.25 -37.63
N GLU D 125 -33.57 -57.59 -37.65
CA GLU D 125 -34.49 -58.37 -38.51
C GLU D 125 -35.97 -58.35 -38.10
N LEU D 126 -36.29 -58.06 -36.83
CA LEU D 126 -37.71 -57.99 -36.39
C LEU D 126 -38.11 -56.63 -35.86
N GLY D 127 -37.21 -55.96 -35.13
CA GLY D 127 -37.51 -54.66 -34.54
C GLY D 127 -37.10 -53.48 -35.38
N GLY D 128 -36.72 -53.71 -36.64
CA GLY D 128 -36.14 -52.65 -37.48
C GLY D 128 -34.98 -51.94 -36.81
N GLY D 129 -34.15 -52.72 -36.11
CA GLY D 129 -32.98 -52.24 -35.36
C GLY D 129 -33.27 -51.30 -34.20
N ASP D 130 -34.48 -51.43 -33.66
CA ASP D 130 -34.86 -50.83 -32.38
C ASP D 130 -34.85 -52.01 -31.39
N SER D 131 -33.83 -52.03 -30.51
CA SER D 131 -33.72 -53.07 -29.48
C SER D 131 -34.93 -53.02 -28.55
N MET D 132 -35.37 -51.80 -28.23
CA MET D 132 -36.54 -51.56 -27.40
C MET D 132 -37.92 -51.89 -28.04
N PHE D 133 -37.96 -52.65 -29.14
CA PHE D 133 -39.21 -52.79 -29.92
C PHE D 133 -40.32 -53.49 -29.14
N ALA D 134 -40.01 -54.62 -28.52
CA ALA D 134 -41.02 -55.41 -27.80
C ALA D 134 -41.26 -54.93 -26.35
N SER D 135 -40.59 -53.86 -25.92
CA SER D 135 -40.58 -53.45 -24.50
C SER D 135 -41.94 -53.11 -23.86
N LYS D 136 -42.96 -52.82 -24.66
CA LYS D 136 -44.33 -52.73 -24.14
C LYS D 136 -44.95 -54.12 -23.88
N ILE D 137 -44.54 -55.14 -24.63
CA ILE D 137 -44.98 -56.54 -24.36
C ILE D 137 -44.19 -57.25 -23.23
N THR D 138 -42.86 -57.21 -23.31
CA THR D 138 -41.97 -57.98 -22.41
C THR D 138 -41.54 -57.22 -21.17
N GLY D 139 -41.22 -55.93 -21.37
CA GLY D 139 -40.70 -55.03 -20.34
C GLY D 139 -39.23 -54.70 -20.54
N LEU D 140 -38.61 -55.33 -21.56
CA LEU D 140 -37.14 -55.48 -21.63
C LEU D 140 -36.62 -55.15 -23.03
N PRO D 141 -35.34 -54.71 -23.13
CA PRO D 141 -34.74 -54.54 -24.44
C PRO D 141 -34.30 -55.89 -24.98
N VAL D 142 -33.92 -55.92 -26.25
CA VAL D 142 -33.18 -57.03 -26.81
C VAL D 142 -31.81 -57.01 -26.11
N SER D 143 -31.51 -58.09 -25.40
CA SER D 143 -30.18 -58.28 -24.78
C SER D 143 -29.78 -59.75 -24.77
N THR D 144 -28.48 -59.99 -24.59
CA THR D 144 -27.94 -61.35 -24.51
C THR D 144 -28.45 -62.11 -23.27
N TYR D 145 -28.83 -61.36 -22.23
CA TYR D 145 -29.28 -61.90 -20.96
C TYR D 145 -30.52 -62.81 -21.03
N PHE D 146 -31.55 -62.43 -21.79
CA PHE D 146 -32.90 -63.04 -21.61
C PHE D 146 -33.06 -64.43 -22.24
N ALA D 147 -33.98 -65.20 -21.65
CA ALA D 147 -34.07 -66.64 -21.91
C ALA D 147 -34.36 -67.04 -23.36
N ALA D 148 -35.18 -66.26 -24.05
CA ALA D 148 -35.61 -66.59 -25.43
C ALA D 148 -34.41 -66.78 -26.34
N PHE D 149 -33.49 -65.82 -26.24
CA PHE D 149 -32.28 -65.81 -27.03
C PHE D 149 -31.39 -67.05 -26.77
N LYS D 150 -31.37 -67.55 -25.54
CA LYS D 150 -30.63 -68.77 -25.20
C LYS D 150 -31.35 -70.04 -25.67
N MET D 151 -32.68 -70.06 -25.56
CA MET D 151 -33.49 -71.16 -26.10
C MET D 151 -33.30 -71.26 -27.61
N ARG D 152 -33.24 -70.10 -28.27
CA ARG D 152 -33.01 -70.04 -29.71
C ARG D 152 -31.62 -70.60 -29.99
N TRP D 153 -30.61 -70.02 -29.36
CA TRP D 153 -29.21 -70.46 -29.49
C TRP D 153 -29.05 -71.96 -29.42
N MET D 154 -29.67 -72.59 -28.44
CA MET D 154 -29.53 -74.04 -28.24
C MET D 154 -30.22 -74.84 -29.35
N LEU D 155 -31.34 -74.32 -29.86
CA LEU D 155 -32.06 -74.99 -30.96
C LEU D 155 -31.26 -74.93 -32.28
N GLU D 156 -30.71 -73.75 -32.58
CA GLU D 156 -29.83 -73.58 -33.75
C GLU D 156 -28.49 -74.35 -33.64
N ASN D 157 -27.86 -74.39 -32.47
CA ASN D 157 -26.46 -74.85 -32.34
C ASN D 157 -26.19 -76.18 -31.63
N VAL D 158 -27.18 -76.79 -30.99
CA VAL D 158 -26.94 -78.02 -30.22
C VAL D 158 -27.82 -79.16 -30.76
N PRO D 159 -27.19 -80.18 -31.40
CA PRO D 159 -27.90 -81.34 -31.95
C PRO D 159 -29.07 -81.88 -31.13
N ALA D 160 -28.81 -82.49 -29.96
CA ALA D 160 -29.85 -83.24 -29.23
C ALA D 160 -31.01 -82.37 -28.72
N VAL D 161 -30.77 -81.05 -28.63
CA VAL D 161 -31.82 -80.07 -28.33
C VAL D 161 -32.72 -79.87 -29.54
N ALA D 162 -32.12 -79.63 -30.71
CA ALA D 162 -32.88 -79.50 -31.96
C ALA D 162 -33.58 -80.82 -32.34
N ASP D 163 -32.93 -81.94 -32.04
CA ASP D 163 -33.58 -83.24 -32.14
C ASP D 163 -34.82 -83.30 -31.27
N ALA D 164 -34.64 -83.07 -29.96
CA ALA D 164 -35.74 -83.21 -29.00
C ALA D 164 -36.93 -82.28 -29.26
N CYS D 165 -36.68 -81.13 -29.88
CA CYS D 165 -37.75 -80.24 -30.35
C CYS D 165 -38.49 -80.83 -31.54
N ARG D 166 -37.75 -81.53 -32.41
CA ARG D 166 -38.31 -82.31 -33.52
C ARG D 166 -39.17 -83.47 -33.01
N ARG D 167 -38.66 -84.20 -32.02
CA ARG D 167 -39.34 -85.39 -31.51
C ARG D 167 -40.49 -85.08 -30.54
N GLY D 168 -40.74 -83.80 -30.26
CA GLY D 168 -41.80 -83.42 -29.34
C GLY D 168 -41.50 -83.83 -27.90
N THR D 169 -40.25 -83.66 -27.49
CA THR D 169 -39.77 -84.01 -26.13
C THR D 169 -39.18 -82.84 -25.31
N LEU D 170 -38.84 -81.74 -25.98
CA LEU D 170 -38.05 -80.69 -25.36
C LEU D 170 -38.85 -79.88 -24.35
N CYS D 171 -38.36 -79.85 -23.11
CA CYS D 171 -38.74 -78.82 -22.15
C CYS D 171 -37.65 -77.75 -22.08
N PHE D 172 -38.04 -76.49 -22.01
CA PHE D 172 -37.16 -75.41 -21.58
C PHE D 172 -37.61 -74.98 -20.20
N GLY D 173 -36.76 -74.24 -19.51
CA GLY D 173 -37.06 -73.80 -18.17
C GLY D 173 -35.94 -73.01 -17.54
N THR D 174 -36.31 -71.93 -16.84
CA THR D 174 -35.38 -71.21 -15.99
C THR D 174 -35.11 -72.07 -14.71
N ILE D 175 -34.20 -71.62 -13.85
CA ILE D 175 -33.68 -72.47 -12.76
C ILE D 175 -34.79 -72.87 -11.79
N ASP D 176 -35.72 -71.96 -11.51
CA ASP D 176 -36.97 -72.33 -10.80
C ASP D 176 -37.62 -73.54 -11.46
N THR D 177 -37.91 -73.42 -12.75
CA THR D 177 -38.55 -74.47 -13.52
C THR D 177 -37.74 -75.76 -13.40
N TRP D 178 -36.44 -75.67 -13.64
CA TRP D 178 -35.56 -76.85 -13.61
C TRP D 178 -35.53 -77.50 -12.24
N LEU D 179 -35.38 -76.69 -11.21
CA LEU D 179 -35.36 -77.16 -9.82
C LEU D 179 -36.67 -77.82 -9.44
N MET D 180 -37.80 -77.15 -9.71
CA MET D 180 -39.14 -77.69 -9.38
C MET D 180 -39.51 -78.95 -10.16
N TYR D 181 -38.99 -79.07 -11.38
CA TYR D 181 -39.19 -80.26 -12.20
C TYR D 181 -38.54 -81.48 -11.56
N LYS D 182 -37.24 -81.36 -11.23
CA LYS D 182 -36.48 -82.50 -10.69
C LYS D 182 -36.86 -82.85 -9.26
N LEU D 183 -37.10 -81.84 -8.43
CA LEU D 183 -37.59 -82.03 -7.05
C LEU D 183 -38.88 -82.85 -7.04
N SER D 184 -39.76 -82.55 -7.99
CA SER D 184 -41.07 -83.21 -8.12
C SER D 184 -41.04 -84.60 -8.77
N GLY D 185 -39.89 -85.01 -9.28
CA GLY D 185 -39.75 -86.29 -9.96
C GLY D 185 -40.26 -86.22 -11.38
N GLY D 186 -40.20 -85.04 -11.99
CA GLY D 186 -40.77 -84.82 -13.32
C GLY D 186 -42.27 -84.55 -13.37
N LYS D 187 -42.92 -84.43 -12.20
CA LYS D 187 -44.39 -84.28 -12.11
C LYS D 187 -44.94 -82.83 -12.04
N ALA D 188 -44.09 -81.82 -12.23
CA ALA D 188 -44.53 -80.41 -12.21
C ALA D 188 -43.66 -79.57 -13.13
N PHE D 189 -44.30 -78.99 -14.15
CA PHE D 189 -43.60 -78.18 -15.13
C PHE D 189 -44.15 -76.76 -15.03
N VAL D 190 -43.58 -75.99 -14.11
CA VAL D 190 -44.09 -74.64 -13.74
C VAL D 190 -42.99 -73.59 -13.61
N THR D 191 -43.38 -72.34 -13.74
CA THR D 191 -42.50 -71.19 -13.49
C THR D 191 -43.31 -70.09 -12.83
N ASP D 192 -42.66 -69.27 -12.02
CA ASP D 192 -43.32 -68.18 -11.33
C ASP D 192 -43.28 -66.96 -12.23
N VAL D 193 -44.18 -66.01 -11.97
CA VAL D 193 -44.29 -64.79 -12.79
C VAL D 193 -43.00 -64.00 -12.90
N THR D 194 -42.26 -63.86 -11.80
CA THR D 194 -41.05 -63.02 -11.81
C THR D 194 -39.98 -63.57 -12.76
N ASN D 195 -39.75 -64.88 -12.69
CA ASN D 195 -38.83 -65.53 -13.63
C ASN D 195 -39.31 -65.42 -15.06
N ALA D 196 -40.57 -65.79 -15.29
CA ALA D 196 -41.20 -65.71 -16.60
C ALA D 196 -41.08 -64.33 -17.25
N SER D 197 -41.09 -63.27 -16.43
CA SER D 197 -40.90 -61.91 -16.93
C SER D 197 -39.50 -61.61 -17.42
N ARG D 198 -38.60 -62.60 -17.33
CA ARG D 198 -37.23 -62.50 -17.83
C ARG D 198 -36.97 -63.31 -19.09
N THR D 199 -38.00 -64.01 -19.60
CA THR D 199 -37.83 -64.89 -20.76
C THR D 199 -37.75 -64.13 -22.09
N PHE D 200 -38.23 -62.89 -22.11
CA PHE D 200 -38.57 -62.15 -23.34
C PHE D 200 -39.76 -62.74 -24.11
N LEU D 201 -40.55 -63.59 -23.45
CA LEU D 201 -41.68 -64.26 -24.08
C LEU D 201 -42.97 -64.14 -23.24
N MET D 202 -43.01 -63.20 -22.30
CA MET D 202 -44.18 -63.04 -21.44
C MET D 202 -44.74 -61.62 -21.54
N ASP D 203 -46.06 -61.53 -21.45
CA ASP D 203 -46.72 -60.24 -21.39
C ASP D 203 -46.65 -59.72 -19.94
N LEU D 204 -45.86 -58.68 -19.71
CA LEU D 204 -45.78 -58.03 -18.40
C LEU D 204 -47.15 -57.79 -17.79
N ARG D 205 -48.03 -57.19 -18.59
CA ARG D 205 -49.31 -56.67 -18.12
C ARG D 205 -50.26 -57.79 -17.71
N THR D 206 -50.37 -58.82 -18.55
CA THR D 206 -51.31 -59.92 -18.27
C THR D 206 -50.71 -61.09 -17.51
N ARG D 207 -49.38 -61.22 -17.55
CA ARG D 207 -48.65 -62.40 -16.98
C ARG D 207 -49.06 -63.73 -17.62
N LYS D 208 -49.10 -63.73 -18.95
CA LYS D 208 -49.42 -64.91 -19.76
C LYS D 208 -48.43 -64.93 -20.91
N TRP D 209 -48.16 -66.11 -21.45
CA TRP D 209 -47.23 -66.25 -22.57
C TRP D 209 -47.75 -65.51 -23.81
N SER D 210 -46.86 -64.80 -24.51
CA SER D 210 -47.17 -64.12 -25.77
C SER D 210 -46.99 -65.07 -26.99
N PRO D 211 -48.10 -65.61 -27.57
CA PRO D 211 -47.93 -66.53 -28.72
C PRO D 211 -47.42 -65.85 -30.00
N GLU D 212 -47.53 -64.52 -30.08
CA GLU D 212 -46.89 -63.72 -31.11
C GLU D 212 -45.37 -63.93 -31.05
N LEU D 213 -44.74 -63.47 -29.95
CA LEU D 213 -43.27 -63.49 -29.80
C LEU D 213 -42.65 -64.88 -29.82
N CYS D 214 -43.34 -65.86 -29.23
CA CYS D 214 -42.94 -67.27 -29.32
C CYS D 214 -42.75 -67.70 -30.78
N GLU D 215 -43.80 -67.56 -31.56
CA GLU D 215 -43.81 -67.96 -32.96
C GLU D 215 -42.94 -67.01 -33.82
N LYS D 216 -42.89 -65.72 -33.48
CA LYS D 216 -41.93 -64.82 -34.12
C LYS D 216 -40.46 -65.23 -33.91
N LEU D 217 -40.05 -65.42 -32.65
CA LEU D 217 -38.69 -65.89 -32.30
C LEU D 217 -38.47 -67.41 -32.50
N LYS D 218 -39.53 -68.12 -32.88
CA LYS D 218 -39.48 -69.53 -33.35
C LYS D 218 -39.16 -70.52 -32.21
N ILE D 219 -39.77 -70.24 -31.06
CA ILE D 219 -39.71 -71.13 -29.92
C ILE D 219 -41.12 -71.68 -29.82
N PRO D 220 -41.29 -73.00 -30.05
CA PRO D 220 -42.61 -73.64 -29.86
C PRO D 220 -43.16 -73.39 -28.45
N MET D 221 -44.47 -73.21 -28.35
CA MET D 221 -45.11 -73.04 -27.05
C MET D 221 -45.24 -74.33 -26.24
N GLU D 222 -45.07 -75.47 -26.90
CA GLU D 222 -45.12 -76.77 -26.21
C GLU D 222 -43.94 -76.90 -25.26
N THR D 223 -42.82 -76.27 -25.62
CA THR D 223 -41.59 -76.31 -24.83
C THR D 223 -41.65 -75.52 -23.53
N LEU D 224 -42.63 -74.63 -23.36
CA LEU D 224 -42.70 -73.73 -22.19
C LEU D 224 -43.59 -74.24 -21.04
N PRO D 225 -43.18 -73.95 -19.78
CA PRO D 225 -43.99 -74.31 -18.59
C PRO D 225 -45.21 -73.43 -18.33
N GLU D 226 -46.04 -73.88 -17.39
CA GLU D 226 -47.21 -73.12 -16.94
C GLU D 226 -46.80 -71.99 -16.00
N ILE D 227 -47.34 -70.80 -16.23
CA ILE D 227 -47.07 -69.65 -15.37
C ILE D 227 -48.00 -69.68 -14.17
N ARG D 228 -47.44 -69.40 -12.99
CA ARG D 228 -48.19 -69.26 -11.74
C ARG D 228 -47.69 -68.07 -10.98
N SER D 229 -48.30 -67.80 -9.83
CA SER D 229 -47.83 -66.73 -8.93
C SER D 229 -46.56 -67.16 -8.15
N ASN D 230 -46.06 -66.26 -7.32
CA ASN D 230 -44.90 -66.58 -6.48
C ASN D 230 -45.22 -67.38 -5.22
N SER D 231 -46.52 -67.60 -4.96
CA SER D 231 -46.97 -68.08 -3.66
C SER D 231 -48.25 -68.91 -3.81
N GLU D 232 -48.08 -70.22 -3.98
CA GLU D 232 -49.15 -71.20 -4.17
C GLU D 232 -48.55 -72.62 -4.36
N LEU D 233 -49.37 -73.66 -4.30
CA LEU D 233 -48.90 -75.03 -4.56
C LEU D 233 -48.39 -75.20 -6.00
N PHE D 234 -47.07 -75.37 -6.15
CA PHE D 234 -46.45 -75.74 -7.43
C PHE D 234 -46.25 -77.25 -7.55
N GLY D 235 -46.09 -77.94 -6.44
CA GLY D 235 -45.83 -79.38 -6.48
C GLY D 235 -45.33 -79.88 -5.15
N TYR D 236 -44.97 -81.16 -5.10
CA TYR D 236 -44.38 -81.79 -3.91
C TYR D 236 -42.96 -82.25 -4.21
N VAL D 237 -42.14 -82.38 -3.17
CA VAL D 237 -40.77 -82.87 -3.35
C VAL D 237 -40.84 -84.39 -3.21
N GLU D 238 -40.57 -85.07 -4.33
CA GLU D 238 -40.64 -86.54 -4.40
C GLU D 238 -39.30 -87.27 -4.59
N THR D 239 -38.29 -86.62 -5.17
CA THR D 239 -37.01 -87.29 -5.47
C THR D 239 -36.30 -87.82 -4.23
N ASP D 240 -35.42 -88.79 -4.46
CA ASP D 240 -34.61 -89.35 -3.39
C ASP D 240 -33.11 -89.16 -3.69
N GLU D 241 -32.75 -88.07 -4.36
CA GLU D 241 -31.36 -87.86 -4.84
C GLU D 241 -30.27 -87.93 -3.77
N CYS D 242 -30.48 -87.31 -2.60
CA CYS D 242 -29.54 -87.46 -1.48
C CYS D 242 -30.32 -87.85 -0.23
N GLY D 243 -31.27 -88.77 -0.42
CA GLY D 243 -32.27 -89.10 0.60
C GLY D 243 -33.12 -87.90 1.03
N VAL D 244 -33.29 -86.96 0.10
CA VAL D 244 -33.89 -85.65 0.39
C VAL D 244 -35.36 -85.77 0.79
N ALA D 245 -36.09 -86.67 0.13
CA ALA D 245 -37.46 -87.01 0.54
C ALA D 245 -37.47 -87.72 1.89
N ALA D 246 -36.53 -88.65 2.10
CA ALA D 246 -36.38 -89.34 3.38
C ALA D 246 -36.09 -88.40 4.56
N ALA D 247 -35.25 -87.38 4.33
CA ALA D 247 -34.87 -86.40 5.37
C ALA D 247 -35.98 -85.41 5.69
N LEU D 248 -36.80 -85.11 4.69
CA LEU D 248 -37.99 -84.29 4.87
C LEU D 248 -39.09 -84.95 5.69
N ASN D 249 -39.05 -86.28 5.81
CA ASN D 249 -40.03 -87.07 6.57
C ASN D 249 -41.44 -87.03 5.93
N GLU D 250 -42.23 -85.98 6.18
CA GLU D 250 -43.61 -85.92 5.63
C GLU D 250 -43.47 -85.47 4.18
N ARG D 251 -44.53 -85.63 3.41
CA ARG D 251 -44.54 -85.10 2.06
C ARG D 251 -44.54 -83.58 2.17
N THR D 252 -43.74 -82.92 1.33
CA THR D 252 -43.39 -81.51 1.50
C THR D 252 -43.72 -80.70 0.24
N PRO D 253 -44.68 -79.76 0.35
CA PRO D 253 -45.04 -78.99 -0.83
C PRO D 253 -44.03 -77.87 -1.13
N ILE D 254 -43.86 -77.61 -2.42
CA ILE D 254 -43.08 -76.51 -2.93
C ILE D 254 -44.11 -75.44 -3.18
N MET D 255 -44.23 -74.50 -2.25
CA MET D 255 -45.25 -73.46 -2.31
C MET D 255 -44.71 -72.04 -2.55
N GLY D 256 -43.44 -71.92 -2.97
CA GLY D 256 -42.83 -70.61 -3.24
C GLY D 256 -41.85 -70.66 -4.39
N SER D 257 -41.85 -69.63 -5.23
CA SER D 257 -40.83 -69.50 -6.28
C SER D 257 -40.73 -68.04 -6.66
N ILE D 258 -39.50 -67.53 -6.75
CA ILE D 258 -39.26 -66.11 -6.99
C ILE D 258 -37.79 -65.84 -7.41
N GLY D 259 -37.58 -65.13 -8.51
CA GLY D 259 -36.24 -64.79 -8.97
C GLY D 259 -35.49 -64.00 -7.92
N ASP D 260 -34.15 -64.11 -7.94
CA ASP D 260 -33.35 -63.70 -6.76
C ASP D 260 -33.44 -62.23 -6.40
N GLN D 261 -33.51 -61.36 -7.40
CA GLN D 261 -33.60 -59.90 -7.15
C GLN D 261 -34.95 -59.51 -6.59
N GLN D 262 -36.01 -60.11 -7.17
CA GLN D 262 -37.37 -59.93 -6.67
C GLN D 262 -37.53 -60.49 -5.28
N SER D 263 -36.81 -61.58 -5.02
CA SER D 263 -36.81 -62.19 -3.69
C SER D 263 -36.16 -61.28 -2.66
N ALA D 264 -35.12 -60.57 -3.07
CA ALA D 264 -34.45 -59.62 -2.19
C ALA D 264 -35.38 -58.43 -1.90
N LEU D 265 -36.05 -57.91 -2.92
CA LEU D 265 -37.11 -56.91 -2.73
C LEU D 265 -38.12 -57.37 -1.66
N PHE D 266 -38.70 -58.53 -1.91
CA PHE D 266 -39.73 -59.11 -1.05
C PHE D 266 -39.25 -59.46 0.36
N GLY D 267 -38.01 -59.91 0.46
CA GLY D 267 -37.45 -60.30 1.76
C GLY D 267 -37.00 -59.14 2.62
N ASN D 268 -36.88 -57.97 2.02
CA ASN D 268 -36.61 -56.72 2.74
C ASN D 268 -37.88 -55.89 2.99
N MET D 269 -39.06 -56.46 2.76
CA MET D 269 -40.34 -55.83 3.10
C MET D 269 -40.55 -54.55 2.28
N CYS D 270 -40.26 -54.61 0.98
CA CYS D 270 -40.46 -53.50 0.06
C CYS D 270 -41.78 -53.72 -0.64
N PHE D 271 -42.87 -53.64 0.14
CA PHE D 271 -44.22 -53.94 -0.33
C PHE D 271 -44.97 -52.73 -0.87
N GLU D 272 -44.70 -51.54 -0.31
CA GLU D 272 -45.29 -50.30 -0.78
C GLU D 272 -44.52 -49.81 -2.01
N LYS D 273 -45.22 -49.14 -2.92
CA LYS D 273 -44.58 -48.42 -4.02
C LYS D 273 -43.63 -47.35 -3.46
N GLY D 274 -42.50 -47.17 -4.12
CA GLY D 274 -41.46 -46.26 -3.64
C GLY D 274 -40.34 -46.91 -2.83
N GLU D 275 -40.56 -48.14 -2.38
CA GLU D 275 -39.58 -48.89 -1.58
C GLU D 275 -38.61 -49.67 -2.50
N ALA D 276 -37.35 -49.76 -2.08
CA ALA D 276 -36.29 -50.19 -2.98
C ALA D 276 -35.18 -51.03 -2.31
N LYS D 277 -34.58 -51.93 -3.10
CA LYS D 277 -33.48 -52.78 -2.66
C LYS D 277 -32.30 -52.59 -3.59
N ASN D 278 -31.10 -52.47 -3.02
CA ASN D 278 -29.82 -52.55 -3.76
C ASN D 278 -29.04 -53.82 -3.33
N THR D 279 -28.89 -54.78 -4.23
CA THR D 279 -28.25 -56.06 -3.90
C THR D 279 -26.84 -56.14 -4.46
N TYR D 280 -25.85 -56.47 -3.62
CA TYR D 280 -24.47 -56.72 -4.07
C TYR D 280 -24.26 -58.24 -4.15
N GLY D 281 -23.75 -58.71 -5.28
CA GLY D 281 -23.50 -60.15 -5.53
C GLY D 281 -22.62 -60.35 -6.76
N THR D 282 -22.86 -61.42 -7.51
CA THR D 282 -22.10 -61.64 -8.75
C THR D 282 -22.42 -60.45 -9.67
N GLY D 283 -23.71 -60.24 -9.92
CA GLY D 283 -24.20 -58.96 -10.46
C GLY D 283 -24.67 -58.08 -9.30
N CYS D 284 -24.81 -56.78 -9.54
CA CYS D 284 -25.30 -55.84 -8.51
C CYS D 284 -26.46 -55.01 -9.07
N PHE D 285 -27.58 -54.97 -8.34
CA PHE D 285 -28.88 -54.52 -8.89
C PHE D 285 -29.70 -53.68 -7.90
N LEU D 286 -30.25 -52.56 -8.40
CA LEU D 286 -31.25 -51.77 -7.69
C LEU D 286 -32.64 -52.04 -8.25
N LEU D 287 -33.56 -52.50 -7.42
CA LEU D 287 -34.98 -52.66 -7.78
C LEU D 287 -35.87 -51.79 -6.87
N MET D 288 -36.92 -51.22 -7.45
CA MET D 288 -37.86 -50.32 -6.76
C MET D 288 -39.28 -50.76 -7.05
N ASN D 289 -40.07 -50.96 -6.01
CA ASN D 289 -41.51 -51.25 -6.15
C ASN D 289 -42.23 -50.04 -6.73
N VAL D 290 -42.95 -50.22 -7.84
CA VAL D 290 -43.69 -49.11 -8.47
C VAL D 290 -45.21 -49.17 -8.35
N GLY D 291 -45.75 -50.32 -7.95
CA GLY D 291 -47.16 -50.40 -7.55
C GLY D 291 -47.93 -51.41 -8.36
N GLU D 292 -49.25 -51.27 -8.33
CA GLU D 292 -50.14 -52.26 -8.92
C GLU D 292 -50.13 -52.25 -10.45
N GLU D 293 -49.61 -51.19 -11.07
CA GLU D 293 -49.61 -51.04 -12.54
C GLU D 293 -48.21 -51.02 -13.15
N ALA D 294 -48.05 -51.74 -14.28
CA ALA D 294 -46.78 -51.82 -14.97
C ALA D 294 -46.30 -50.44 -15.39
N ARG D 295 -45.06 -50.11 -15.05
CA ARG D 295 -44.39 -48.90 -15.53
C ARG D 295 -43.36 -49.30 -16.57
N PHE D 296 -43.18 -48.44 -17.56
CA PHE D 296 -42.22 -48.63 -18.65
C PHE D 296 -41.25 -47.46 -18.62
N SER D 297 -40.20 -47.53 -19.43
CA SER D 297 -39.02 -46.69 -19.21
C SER D 297 -38.28 -46.27 -20.50
N LYS D 298 -37.93 -44.98 -20.56
CA LYS D 298 -37.14 -44.42 -21.65
C LYS D 298 -35.69 -44.78 -21.36
N HIS D 299 -35.31 -44.59 -20.10
CA HIS D 299 -33.92 -44.38 -19.69
C HIS D 299 -33.15 -45.69 -19.51
N GLY D 300 -33.38 -46.65 -20.42
CA GLY D 300 -32.68 -47.94 -20.41
C GLY D 300 -32.97 -48.93 -19.28
N LEU D 301 -33.75 -48.53 -18.27
CA LEU D 301 -34.10 -49.41 -17.14
C LEU D 301 -35.05 -50.50 -17.59
N LEU D 302 -35.15 -51.57 -16.80
CA LEU D 302 -35.98 -52.72 -17.12
C LEU D 302 -37.30 -52.62 -16.40
N SER D 303 -38.34 -53.20 -16.98
CA SER D 303 -39.65 -53.30 -16.37
C SER D 303 -39.94 -54.76 -16.16
N THR D 304 -40.33 -55.11 -14.95
CA THR D 304 -40.50 -56.51 -14.57
C THR D 304 -41.50 -56.62 -13.42
N VAL D 305 -41.94 -57.85 -13.14
CA VAL D 305 -42.77 -58.13 -11.94
C VAL D 305 -41.94 -57.93 -10.68
N GLY D 306 -42.56 -57.34 -9.65
CA GLY D 306 -41.98 -57.27 -8.32
C GLY D 306 -42.33 -58.57 -7.60
N PHE D 307 -43.64 -58.78 -7.41
CA PHE D 307 -44.18 -60.01 -6.82
C PHE D 307 -45.72 -60.15 -7.00
N GLN D 308 -46.25 -61.34 -6.75
CA GLN D 308 -47.68 -61.60 -6.81
C GLN D 308 -47.97 -62.73 -5.83
N VAL D 309 -48.51 -62.39 -4.67
CA VAL D 309 -48.83 -63.40 -3.66
C VAL D 309 -50.19 -64.07 -3.96
N GLY D 310 -50.16 -65.30 -4.43
CA GLY D 310 -51.37 -66.10 -4.54
C GLY D 310 -51.91 -66.09 -5.94
N ARG D 311 -52.61 -67.19 -6.28
CA ARG D 311 -53.31 -67.34 -7.56
C ARG D 311 -54.18 -66.09 -7.75
N ASP D 312 -53.63 -65.14 -8.49
CA ASP D 312 -54.20 -63.81 -8.66
C ASP D 312 -54.79 -63.22 -7.36
N GLY D 313 -53.88 -62.90 -6.45
CA GLY D 313 -54.00 -61.73 -5.58
C GLY D 313 -53.36 -60.59 -6.37
N PRO D 314 -53.16 -59.42 -5.74
CA PRO D 314 -52.62 -58.27 -6.49
C PRO D 314 -51.18 -58.48 -6.98
N CYS D 315 -50.93 -58.30 -8.28
CA CYS D 315 -49.55 -58.32 -8.80
C CYS D 315 -48.91 -56.93 -8.73
N TYR D 316 -47.89 -56.78 -7.88
CA TYR D 316 -47.03 -55.60 -7.88
C TYR D 316 -45.94 -55.70 -8.96
N TYR D 317 -45.40 -54.55 -9.33
CA TYR D 317 -44.48 -54.37 -10.45
C TYR D 317 -43.26 -53.60 -9.99
N ALA D 318 -42.24 -53.56 -10.82
CA ALA D 318 -41.01 -52.86 -10.45
C ALA D 318 -40.16 -52.46 -11.63
N LEU D 319 -39.21 -51.58 -11.33
CA LEU D 319 -38.18 -51.14 -12.28
C LEU D 319 -36.83 -51.61 -11.78
N GLU D 320 -35.95 -52.01 -12.70
CA GLU D 320 -34.66 -52.63 -12.36
C GLU D 320 -33.44 -52.02 -13.08
N GLY D 321 -32.47 -51.53 -12.30
CA GLY D 321 -31.17 -51.05 -12.82
C GLY D 321 -29.99 -51.98 -12.48
N ALA D 322 -29.19 -52.35 -13.48
CA ALA D 322 -27.93 -53.07 -13.25
C ALA D 322 -26.81 -52.07 -12.94
N ILE D 323 -26.34 -52.08 -11.68
CA ILE D 323 -25.37 -51.11 -11.16
C ILE D 323 -23.94 -51.63 -11.42
N ALA D 324 -22.94 -50.92 -10.92
CA ALA D 324 -21.54 -51.40 -10.88
C ALA D 324 -21.24 -51.94 -9.47
N CYS D 325 -20.64 -53.12 -9.40
CA CYS D 325 -20.42 -53.78 -8.12
C CYS D 325 -19.31 -53.10 -7.32
N ALA D 326 -19.66 -52.57 -6.14
CA ALA D 326 -18.65 -52.11 -5.19
C ALA D 326 -17.68 -53.20 -4.79
N GLY D 327 -18.14 -54.45 -4.78
CA GLY D 327 -17.28 -55.58 -4.50
C GLY D 327 -16.16 -55.66 -5.52
N ALA D 328 -16.52 -55.95 -6.76
CA ALA D 328 -15.53 -56.15 -7.84
C ALA D 328 -14.53 -55.00 -7.93
N THR D 329 -15.04 -53.77 -7.90
CA THR D 329 -14.19 -52.57 -7.97
C THR D 329 -13.18 -52.51 -6.81
N VAL D 330 -13.67 -52.71 -5.59
CA VAL D 330 -12.82 -52.75 -4.38
C VAL D 330 -11.82 -53.91 -4.44
N GLU D 331 -12.29 -55.09 -4.84
CA GLU D 331 -11.41 -56.25 -4.96
C GLU D 331 -10.36 -56.01 -6.05
N TRP D 332 -10.74 -55.32 -7.13
CA TRP D 332 -9.83 -54.96 -8.21
C TRP D 332 -8.69 -54.09 -7.69
N MET D 333 -9.02 -53.01 -7.00
CA MET D 333 -8.00 -52.14 -6.41
C MET D 333 -7.04 -52.91 -5.47
N ARG D 334 -7.59 -53.88 -4.75
CA ARG D 334 -6.82 -54.69 -3.79
C ARG D 334 -5.93 -55.65 -4.55
N ARG D 335 -6.51 -56.60 -5.29
CA ARG D 335 -5.71 -57.69 -5.89
C ARG D 335 -5.07 -57.37 -7.24
N ASN D 336 -5.58 -56.38 -7.97
CA ASN D 336 -4.94 -55.99 -9.23
C ASN D 336 -3.93 -54.87 -9.07
N MET D 337 -4.26 -53.88 -8.24
CA MET D 337 -3.47 -52.63 -8.14
C MET D 337 -2.66 -52.46 -6.85
N ASN D 338 -2.96 -53.27 -5.83
CA ASN D 338 -2.20 -53.29 -4.59
C ASN D 338 -2.29 -51.99 -3.81
N LEU D 339 -3.43 -51.32 -3.91
CA LEU D 339 -3.65 -50.06 -3.18
C LEU D 339 -3.89 -50.27 -1.68
N PHE D 340 -4.16 -51.53 -1.31
CA PHE D 340 -4.18 -52.00 0.08
C PHE D 340 -4.20 -53.53 0.07
N SER D 341 -3.91 -54.15 1.22
CA SER D 341 -3.89 -55.64 1.31
C SER D 341 -5.16 -56.24 1.93
N HIS D 342 -5.66 -55.73 3.06
CA HIS D 342 -6.95 -56.22 3.63
C HIS D 342 -8.03 -55.14 3.64
N ILE D 343 -9.27 -55.58 3.42
CA ILE D 343 -10.43 -54.70 3.16
C ILE D 343 -10.81 -53.73 4.30
N THR D 344 -10.32 -53.98 5.50
CA THR D 344 -10.33 -52.98 6.58
C THR D 344 -9.68 -51.64 6.20
N GLU D 345 -8.59 -51.71 5.41
CA GLU D 345 -7.79 -50.52 5.05
C GLU D 345 -8.46 -49.66 3.99
N CYS D 346 -9.19 -50.29 3.08
CA CYS D 346 -9.91 -49.59 2.01
C CYS D 346 -10.63 -48.36 2.53
N GLU D 347 -11.35 -48.54 3.65
CA GLU D 347 -12.15 -47.48 4.25
C GLU D 347 -11.34 -46.51 5.11
N LYS D 348 -10.25 -46.98 5.72
CA LYS D 348 -9.35 -46.11 6.48
C LYS D 348 -8.74 -45.04 5.57
N LEU D 349 -8.14 -45.46 4.45
CA LEU D 349 -7.55 -44.54 3.46
C LEU D 349 -8.60 -43.62 2.83
N ALA D 350 -9.78 -44.15 2.53
CA ALA D 350 -10.88 -43.34 1.99
C ALA D 350 -11.27 -42.22 2.93
N ARG D 351 -11.42 -42.54 4.22
CA ARG D 351 -11.72 -41.53 5.24
C ARG D 351 -10.56 -40.55 5.46
N SER D 352 -9.33 -41.07 5.42
CA SER D 352 -8.11 -40.26 5.65
C SER D 352 -7.94 -38.99 4.79
N VAL D 353 -8.66 -38.88 3.68
CA VAL D 353 -8.74 -37.63 2.89
C VAL D 353 -10.15 -37.04 3.00
N PRO D 354 -10.27 -35.70 2.88
CA PRO D 354 -11.57 -35.04 2.94
C PRO D 354 -12.40 -35.09 1.67
N GLY D 355 -11.75 -35.25 0.51
CA GLY D 355 -12.45 -35.33 -0.77
C GLY D 355 -11.58 -35.93 -1.87
N THR D 356 -12.16 -36.02 -3.07
CA THR D 356 -11.41 -36.48 -4.25
C THR D 356 -10.43 -35.40 -4.74
N GLN D 357 -10.78 -34.14 -4.49
CA GLN D 357 -10.02 -32.96 -4.95
C GLN D 357 -9.46 -33.07 -6.37
N GLY D 358 -10.39 -33.04 -7.32
CA GLY D 358 -10.09 -32.99 -8.74
C GLY D 358 -10.48 -34.24 -9.48
N ILE D 359 -10.10 -35.41 -8.94
CA ILE D 359 -10.15 -36.65 -9.71
C ILE D 359 -11.54 -37.29 -9.74
N VAL D 360 -11.90 -37.81 -10.91
CA VAL D 360 -13.01 -38.73 -11.01
C VAL D 360 -12.42 -40.05 -11.50
N PHE D 361 -13.01 -41.14 -11.03
CA PHE D 361 -12.65 -42.50 -11.39
C PHE D 361 -13.98 -43.18 -11.78
N VAL D 362 -14.16 -43.47 -13.05
CA VAL D 362 -15.37 -44.13 -13.57
C VAL D 362 -15.06 -45.63 -13.71
N PRO D 363 -15.53 -46.48 -12.76
CA PRO D 363 -15.14 -47.89 -12.76
C PRO D 363 -15.95 -48.76 -13.76
N ALA D 364 -15.96 -48.36 -15.02
CA ALA D 364 -16.69 -49.06 -16.09
C ALA D 364 -15.79 -50.09 -16.78
N PHE D 365 -15.28 -51.04 -15.99
CA PHE D 365 -14.22 -51.98 -16.42
C PHE D 365 -14.61 -52.84 -17.62
N SER D 366 -15.75 -53.51 -17.51
CA SER D 366 -16.53 -53.96 -18.65
C SER D 366 -17.74 -53.08 -18.58
N GLY D 367 -18.12 -52.51 -19.72
CA GLY D 367 -19.23 -51.59 -19.87
C GLY D 367 -19.58 -50.48 -18.88
N LEU D 368 -20.36 -49.52 -19.39
CA LEU D 368 -21.13 -48.59 -18.59
C LEU D 368 -22.54 -49.15 -18.61
N LEU D 369 -23.04 -49.57 -17.44
CA LEU D 369 -24.34 -50.26 -17.32
C LEU D 369 -25.51 -49.23 -17.10
N ALA D 370 -26.35 -49.40 -16.06
CA ALA D 370 -27.10 -48.27 -15.45
C ALA D 370 -28.01 -47.54 -16.48
N PRO D 371 -28.23 -46.19 -16.40
CA PRO D 371 -29.13 -45.68 -17.48
C PRO D 371 -28.44 -45.39 -18.81
N TYR D 372 -27.28 -44.76 -18.75
CA TYR D 372 -26.39 -44.58 -19.92
C TYR D 372 -25.81 -45.94 -20.36
N TRP D 373 -26.30 -46.50 -21.47
CA TRP D 373 -25.89 -47.85 -21.86
C TRP D 373 -24.83 -47.78 -22.95
N ASP D 374 -23.59 -48.12 -22.59
CA ASP D 374 -22.43 -47.92 -23.47
C ASP D 374 -21.36 -49.03 -23.26
N PRO D 375 -21.42 -50.11 -24.08
CA PRO D 375 -20.43 -51.18 -23.93
C PRO D 375 -19.01 -50.80 -24.38
N SER D 376 -18.85 -49.62 -24.99
CA SER D 376 -17.53 -49.12 -25.38
C SER D 376 -16.79 -48.36 -24.28
N ALA D 377 -17.44 -48.10 -23.14
CA ALA D 377 -16.76 -47.42 -22.01
C ALA D 377 -15.90 -48.39 -21.24
N ARG D 378 -14.75 -47.88 -20.79
CA ARG D 378 -13.80 -48.65 -20.00
C ARG D 378 -13.44 -47.90 -18.71
N GLY D 379 -12.67 -48.56 -17.85
CA GLY D 379 -12.24 -47.94 -16.59
C GLY D 379 -11.37 -46.73 -16.83
N THR D 380 -11.82 -45.56 -16.40
CA THR D 380 -11.09 -44.32 -16.65
C THR D 380 -10.89 -43.48 -15.39
N ILE D 381 -9.69 -42.89 -15.25
CA ILE D 381 -9.37 -41.92 -14.19
C ILE D 381 -8.96 -40.61 -14.87
N VAL D 382 -9.49 -39.48 -14.41
CA VAL D 382 -9.16 -38.16 -14.98
C VAL D 382 -8.89 -37.14 -13.87
N GLY D 383 -8.04 -36.17 -14.17
CA GLY D 383 -7.81 -35.04 -13.26
C GLY D 383 -6.75 -35.20 -12.21
N MET D 384 -5.79 -36.11 -12.39
CA MET D 384 -4.77 -36.38 -11.35
C MET D 384 -3.61 -35.37 -11.38
N THR D 385 -3.05 -35.09 -10.21
CA THR D 385 -1.81 -34.32 -10.05
C THR D 385 -0.87 -35.15 -9.17
N LEU D 386 0.32 -34.62 -8.90
CA LEU D 386 1.27 -35.30 -8.02
C LEU D 386 0.77 -35.41 -6.58
N LYS D 387 -0.15 -34.52 -6.18
CA LYS D 387 -0.88 -34.64 -4.90
C LYS D 387 -1.70 -35.94 -4.78
N THR D 388 -2.29 -36.41 -5.89
CA THR D 388 -3.20 -37.55 -5.84
C THR D 388 -2.53 -38.79 -5.25
N THR D 389 -3.31 -39.54 -4.48
CA THR D 389 -2.84 -40.79 -3.87
C THR D 389 -3.93 -41.84 -3.92
N ARG D 390 -3.52 -43.07 -3.64
CA ARG D 390 -4.44 -44.19 -3.51
C ARG D 390 -5.66 -43.88 -2.64
N ALA D 391 -5.45 -43.13 -1.55
CA ALA D 391 -6.54 -42.65 -0.69
C ALA D 391 -7.62 -41.88 -1.47
N HIS D 392 -7.19 -40.99 -2.35
CA HIS D 392 -8.08 -40.18 -3.18
C HIS D 392 -8.76 -41.05 -4.25
N VAL D 393 -8.01 -42.01 -4.80
CA VAL D 393 -8.55 -42.91 -5.82
C VAL D 393 -9.55 -43.91 -5.22
N ILE D 394 -9.29 -44.40 -4.01
CA ILE D 394 -10.21 -45.32 -3.34
C ILE D 394 -11.49 -44.61 -2.95
N ARG D 395 -11.39 -43.39 -2.45
CA ARG D 395 -12.58 -42.60 -2.19
C ARG D 395 -13.34 -42.31 -3.47
N ALA D 396 -12.59 -41.92 -4.50
CA ALA D 396 -13.18 -41.64 -5.81
C ALA D 396 -13.98 -42.83 -6.33
N ALA D 397 -13.45 -44.03 -6.16
CA ALA D 397 -14.15 -45.27 -6.57
C ALA D 397 -15.49 -45.46 -5.82
N LEU D 398 -15.50 -45.16 -4.51
CA LEU D 398 -16.71 -45.23 -3.68
C LEU D 398 -17.75 -44.15 -4.04
N GLN D 399 -17.29 -42.93 -4.29
CA GLN D 399 -18.16 -41.88 -4.83
C GLN D 399 -18.80 -42.29 -6.16
N ALA D 400 -18.02 -42.96 -7.00
CA ALA D 400 -18.46 -43.38 -8.33
C ALA D 400 -19.62 -44.37 -8.29
N ILE D 401 -19.60 -45.29 -7.33
CA ILE D 401 -20.71 -46.25 -7.18
C ILE D 401 -21.96 -45.55 -6.65
N ALA D 402 -21.78 -44.64 -5.68
CA ALA D 402 -22.89 -43.78 -5.26
C ALA D 402 -23.43 -42.94 -6.42
N LEU D 403 -22.53 -42.39 -7.24
CA LEU D 403 -22.94 -41.59 -8.39
C LEU D 403 -23.65 -42.40 -9.48
N GLN D 404 -23.21 -43.65 -9.69
CA GLN D 404 -23.90 -44.56 -10.60
C GLN D 404 -25.30 -44.84 -10.04
N LEU D 405 -25.38 -45.01 -8.72
CA LEU D 405 -26.62 -45.26 -7.98
C LEU D 405 -27.61 -44.11 -8.13
N ASN D 406 -27.13 -42.87 -8.00
CA ASN D 406 -27.97 -41.67 -8.13
C ASN D 406 -28.54 -41.56 -9.52
N ASP D 407 -27.67 -41.61 -10.53
CA ASP D 407 -28.12 -41.60 -11.93
C ASP D 407 -29.23 -42.64 -12.21
N VAL D 408 -29.11 -43.84 -11.61
CA VAL D 408 -30.15 -44.87 -11.73
C VAL D 408 -31.46 -44.49 -11.04
N VAL D 409 -31.37 -43.92 -9.84
CA VAL D 409 -32.56 -43.47 -9.09
C VAL D 409 -33.22 -42.29 -9.81
N GLY D 410 -32.38 -41.38 -10.34
CA GLY D 410 -32.82 -40.30 -11.22
C GLY D 410 -33.68 -40.78 -12.38
N SER D 411 -33.29 -41.88 -13.01
CA SER D 411 -34.07 -42.49 -14.08
C SER D 411 -35.37 -43.13 -13.58
N MET D 412 -35.32 -43.79 -12.43
CA MET D 412 -36.50 -44.41 -11.82
C MET D 412 -37.59 -43.40 -11.45
N LYS D 413 -37.18 -42.19 -11.07
CA LYS D 413 -38.13 -41.11 -10.79
C LYS D 413 -38.84 -40.56 -12.06
N ARG D 414 -38.10 -40.34 -13.14
CA ARG D 414 -38.69 -39.90 -14.44
C ARG D 414 -39.64 -40.95 -15.08
N ASP D 415 -39.42 -42.23 -14.80
CA ASP D 415 -40.18 -43.35 -15.43
C ASP D 415 -41.29 -43.96 -14.58
N ALA D 416 -41.11 -43.99 -13.27
CA ALA D 416 -42.14 -44.51 -12.37
C ALA D 416 -43.21 -43.47 -12.16
N GLY D 417 -42.80 -42.23 -11.95
CA GLY D 417 -43.71 -41.16 -11.53
C GLY D 417 -43.93 -41.27 -10.04
N LEU D 418 -42.81 -41.24 -9.30
CA LEU D 418 -42.75 -41.27 -7.82
C LEU D 418 -41.28 -41.30 -7.40
N ASN D 419 -41.01 -41.08 -6.12
CA ASN D 419 -39.62 -40.96 -5.65
C ASN D 419 -39.19 -42.10 -4.73
N LEU D 420 -37.90 -42.11 -4.43
CA LEU D 420 -37.30 -43.14 -3.60
C LEU D 420 -37.61 -42.85 -2.14
N SER D 421 -38.63 -43.53 -1.61
CA SER D 421 -39.03 -43.41 -0.21
C SER D 421 -37.87 -43.79 0.72
N SER D 422 -37.53 -45.08 0.77
CA SER D 422 -36.37 -45.60 1.48
C SER D 422 -35.57 -46.46 0.50
N LEU D 423 -34.32 -46.73 0.86
CA LEU D 423 -33.47 -47.70 0.17
C LEU D 423 -32.81 -48.61 1.18
N ARG D 424 -33.09 -49.92 1.09
CA ARG D 424 -32.39 -50.90 1.94
C ARG D 424 -31.36 -51.67 1.11
N VAL D 425 -30.24 -52.01 1.75
CA VAL D 425 -29.07 -52.55 1.08
C VAL D 425 -28.42 -53.68 1.89
N ASP D 426 -27.58 -54.47 1.24
CA ASP D 426 -26.75 -55.55 1.87
C ASP D 426 -26.20 -56.38 0.71
N GLY D 427 -25.03 -57.00 0.94
CA GLY D 427 -24.45 -57.93 -0.04
C GLY D 427 -22.96 -58.17 0.08
N GLY D 428 -22.16 -57.09 0.03
CA GLY D 428 -20.71 -57.16 0.27
C GLY D 428 -20.42 -56.90 1.74
N LEU D 429 -21.16 -57.59 2.62
CA LEU D 429 -21.18 -57.37 4.08
C LEU D 429 -21.85 -56.05 4.56
N SER D 430 -21.79 -54.98 3.74
CA SER D 430 -22.14 -53.60 4.12
C SER D 430 -21.42 -53.09 5.38
N LYS D 431 -20.15 -53.49 5.53
CA LYS D 431 -19.24 -52.91 6.53
C LYS D 431 -18.60 -51.63 6.00
N ASN D 432 -18.87 -51.28 4.74
CA ASN D 432 -18.46 -50.00 4.17
C ASN D 432 -19.42 -48.91 4.66
N GLY D 433 -19.08 -48.31 5.81
CA GLY D 433 -19.83 -47.18 6.36
C GLY D 433 -19.80 -45.93 5.50
N LEU D 434 -18.69 -45.68 4.81
CA LEU D 434 -18.51 -44.45 4.01
C LEU D 434 -19.29 -44.48 2.69
N LEU D 435 -19.32 -45.62 2.02
CA LEU D 435 -20.17 -45.76 0.83
C LEU D 435 -21.63 -45.49 1.19
N MET D 436 -22.09 -45.97 2.35
CA MET D 436 -23.50 -45.83 2.76
C MET D 436 -23.86 -44.38 3.06
N GLU D 437 -22.95 -43.66 3.74
CA GLU D 437 -23.11 -42.21 3.97
C GLU D 437 -23.12 -41.42 2.67
N ILE D 438 -22.15 -41.68 1.79
CA ILE D 438 -22.08 -41.02 0.49
C ILE D 438 -23.36 -41.32 -0.29
N GLN D 439 -23.77 -42.59 -0.33
CA GLN D 439 -25.01 -42.98 -1.03
C GLN D 439 -26.22 -42.22 -0.50
N ALA D 440 -26.38 -42.19 0.83
CA ALA D 440 -27.54 -41.55 1.48
C ALA D 440 -27.58 -40.07 1.15
N SER D 441 -26.42 -39.41 1.27
CA SER D 441 -26.27 -37.98 0.97
C SER D 441 -26.71 -37.62 -0.45
N LEU D 442 -26.18 -38.33 -1.42
CA LEU D 442 -26.50 -38.04 -2.82
C LEU D 442 -27.96 -38.21 -3.12
N LEU D 443 -28.53 -39.29 -2.61
CA LEU D 443 -29.91 -39.66 -2.91
C LEU D 443 -30.86 -38.90 -2.01
N GLY D 444 -30.34 -38.41 -0.87
CA GLY D 444 -31.12 -37.68 0.10
C GLY D 444 -32.18 -38.53 0.75
N VAL D 445 -31.85 -39.80 1.00
CA VAL D 445 -32.80 -40.73 1.62
C VAL D 445 -32.11 -41.63 2.62
N ASP D 446 -32.91 -42.30 3.42
CA ASP D 446 -32.41 -43.19 4.44
C ASP D 446 -31.92 -44.49 3.82
N ILE D 447 -30.82 -45.01 4.37
CA ILE D 447 -30.25 -46.28 3.92
C ILE D 447 -30.37 -47.29 5.05
N LEU D 448 -31.24 -48.29 4.82
CA LEU D 448 -31.54 -49.33 5.79
C LEU D 448 -30.64 -50.56 5.53
N VAL D 449 -30.08 -51.12 6.59
CA VAL D 449 -29.13 -52.20 6.49
C VAL D 449 -29.59 -53.32 7.38
N PRO D 450 -30.13 -54.43 6.81
CA PRO D 450 -30.54 -55.56 7.67
C PRO D 450 -29.34 -56.24 8.34
N SER D 451 -29.44 -56.50 9.64
CA SER D 451 -28.44 -57.29 10.35
C SER D 451 -28.73 -58.81 10.24
N MET D 452 -29.94 -59.19 9.81
CA MET D 452 -30.18 -60.56 9.33
C MET D 452 -29.76 -60.61 7.85
N HIS D 453 -28.66 -61.33 7.58
CA HIS D 453 -27.97 -61.36 6.28
C HIS D 453 -28.49 -62.42 5.32
N GLU D 454 -29.77 -62.74 5.39
CA GLU D 454 -30.32 -63.84 4.61
C GLU D 454 -31.64 -63.43 3.96
N THR D 455 -31.75 -62.15 3.65
CA THR D 455 -33.00 -61.59 3.19
C THR D 455 -33.42 -62.08 1.81
N THR D 456 -32.46 -62.40 0.93
CA THR D 456 -32.80 -62.96 -0.39
C THR D 456 -33.48 -64.32 -0.27
N ALA D 457 -32.85 -65.24 0.45
CA ALA D 457 -33.45 -66.52 0.80
C ALA D 457 -34.78 -66.36 1.56
N LEU D 458 -34.87 -65.34 2.44
CA LEU D 458 -36.12 -65.04 3.16
C LEU D 458 -37.32 -64.77 2.22
N GLY D 459 -37.09 -63.99 1.17
CA GLY D 459 -38.12 -63.79 0.15
C GLY D 459 -38.89 -65.07 -0.24
N ALA D 460 -38.19 -66.08 -0.72
CA ALA D 460 -38.88 -67.30 -1.15
C ALA D 460 -39.55 -68.02 0.01
N ALA D 461 -38.95 -67.99 1.20
CA ALA D 461 -39.55 -68.58 2.40
C ALA D 461 -40.85 -67.86 2.78
N LEU D 462 -40.85 -66.53 2.72
CA LEU D 462 -42.07 -65.74 2.98
C LEU D 462 -43.23 -66.15 2.03
N CYS D 463 -42.97 -66.19 0.72
CA CYS D 463 -43.97 -66.65 -0.25
C CYS D 463 -44.51 -68.04 0.07
N ALA D 464 -43.60 -68.98 0.36
CA ALA D 464 -43.98 -70.34 0.73
C ALA D 464 -44.70 -70.42 2.07
N GLY D 465 -44.26 -69.63 3.04
CA GLY D 465 -44.91 -69.56 4.34
C GLY D 465 -46.31 -68.95 4.29
N LEU D 466 -46.51 -67.96 3.44
CA LEU D 466 -47.82 -67.33 3.28
C LEU D 466 -48.84 -68.32 2.71
N ALA D 467 -48.41 -69.14 1.76
CA ALA D 467 -49.28 -70.11 1.11
C ALA D 467 -49.61 -71.28 2.02
N ALA D 468 -48.71 -71.60 2.95
CA ALA D 468 -48.90 -72.71 3.88
C ALA D 468 -49.44 -72.27 5.26
N GLY D 469 -49.80 -71.00 5.40
CA GLY D 469 -50.38 -70.48 6.63
C GLY D 469 -49.46 -70.30 7.83
N VAL D 470 -48.14 -70.32 7.62
CA VAL D 470 -47.19 -70.09 8.73
C VAL D 470 -47.30 -68.63 9.17
N TRP D 471 -47.40 -67.73 8.19
CA TRP D 471 -47.86 -66.35 8.34
C TRP D 471 -49.14 -66.15 7.50
N THR D 472 -49.95 -65.15 7.88
CA THR D 472 -51.32 -64.97 7.30
C THR D 472 -51.46 -63.73 6.39
N SER D 473 -50.74 -62.67 6.74
CA SER D 473 -50.76 -61.41 6.01
C SER D 473 -49.37 -60.77 5.93
N LEU D 474 -49.21 -59.82 5.00
CA LEU D 474 -48.01 -58.99 4.97
C LEU D 474 -47.89 -58.16 6.26
N GLU D 475 -49.03 -57.82 6.85
CA GLU D 475 -49.10 -57.19 8.18
C GLU D 475 -48.28 -58.02 9.19
N GLU D 476 -48.68 -59.28 9.37
CA GLU D 476 -48.00 -60.19 10.31
C GLU D 476 -46.53 -60.33 9.93
N VAL D 477 -46.27 -60.58 8.64
CA VAL D 477 -44.91 -60.68 8.10
C VAL D 477 -44.07 -59.48 8.55
N LYS D 478 -44.56 -58.26 8.26
CA LYS D 478 -43.88 -57.03 8.70
C LYS D 478 -43.68 -56.94 10.22
N ALA D 479 -44.71 -57.32 10.99
CA ALA D 479 -44.66 -57.21 12.46
C ALA D 479 -43.59 -58.09 13.07
N VAL D 480 -43.62 -59.37 12.69
CA VAL D 480 -42.62 -60.33 13.16
C VAL D 480 -41.24 -59.83 12.79
N SER D 481 -41.10 -59.35 11.54
CA SER D 481 -39.84 -58.78 11.06
C SER D 481 -39.30 -57.72 12.02
N ARG D 482 -40.09 -56.65 12.26
CA ARG D 482 -39.68 -55.55 13.16
C ARG D 482 -39.32 -56.05 14.55
N ARG D 483 -40.11 -56.99 15.07
CA ARG D 483 -39.84 -57.58 16.38
C ARG D 483 -38.53 -58.41 16.44
N GLU D 484 -38.28 -59.24 15.43
CA GLU D 484 -37.17 -60.21 15.47
C GLU D 484 -35.85 -59.75 14.84
N ASN D 485 -35.92 -59.00 13.74
CA ASN D 485 -34.71 -58.64 12.95
C ASN D 485 -34.55 -57.15 12.76
N SER D 486 -33.41 -56.61 13.18
CA SER D 486 -33.24 -55.15 13.28
C SER D 486 -32.60 -54.49 12.06
N TRP D 487 -33.10 -53.29 11.73
CA TRP D 487 -32.46 -52.40 10.76
C TRP D 487 -31.26 -51.76 11.44
N LYS D 488 -30.29 -51.34 10.64
CA LYS D 488 -29.29 -50.34 11.05
C LYS D 488 -29.49 -49.25 10.02
N THR D 489 -29.78 -48.04 10.47
CA THR D 489 -30.24 -46.95 9.57
C THR D 489 -29.15 -45.89 9.47
N VAL D 490 -28.93 -45.33 8.28
CA VAL D 490 -27.87 -44.34 8.02
C VAL D 490 -28.47 -43.13 7.30
N SER D 491 -28.23 -41.94 7.87
CA SER D 491 -28.94 -40.74 7.46
C SER D 491 -28.17 -39.95 6.40
N PRO D 492 -28.88 -39.22 5.53
CA PRO D 492 -28.20 -38.28 4.66
C PRO D 492 -27.63 -37.13 5.47
N SER D 493 -26.37 -36.79 5.23
CA SER D 493 -25.75 -35.61 5.85
C SER D 493 -24.80 -34.92 4.86
N GLY D 494 -25.34 -33.92 4.16
CA GLY D 494 -24.55 -33.12 3.22
C GLY D 494 -25.27 -31.86 2.76
N SER D 495 -25.16 -31.56 1.47
CA SER D 495 -25.74 -30.34 0.89
C SER D 495 -25.95 -30.49 -0.61
N ALA D 496 -26.88 -29.72 -1.16
CA ALA D 496 -27.09 -29.65 -2.61
C ALA D 496 -25.89 -28.99 -3.35
N MET D 497 -25.14 -28.14 -2.65
CA MET D 497 -23.93 -27.50 -3.22
C MET D 497 -22.83 -28.51 -3.56
N GLU D 498 -22.49 -29.41 -2.61
CA GLU D 498 -21.42 -30.40 -2.79
C GLU D 498 -21.95 -31.63 -3.49
N ARG D 499 -23.28 -31.82 -3.46
CA ARG D 499 -23.96 -32.80 -4.31
C ARG D 499 -23.75 -32.42 -5.78
N GLU D 500 -24.20 -31.23 -6.17
CA GLU D 500 -24.19 -30.84 -7.58
C GLU D 500 -22.79 -30.64 -8.20
N ALA D 501 -21.80 -30.31 -7.36
CA ALA D 501 -20.41 -30.21 -7.85
C ALA D 501 -19.84 -31.60 -8.12
N MET D 502 -20.15 -32.53 -7.22
CA MET D 502 -19.77 -33.93 -7.34
C MET D 502 -20.42 -34.60 -8.56
N ILE D 503 -21.70 -34.25 -8.82
CA ILE D 503 -22.42 -34.70 -10.00
C ILE D 503 -21.92 -33.99 -11.28
N ALA D 504 -21.57 -32.71 -11.18
CA ALA D 504 -21.00 -31.97 -12.32
C ALA D 504 -19.64 -32.56 -12.73
N GLU D 505 -18.75 -32.79 -11.76
CA GLU D 505 -17.53 -33.57 -11.99
C GLU D 505 -17.86 -34.89 -12.70
N TRP D 506 -18.80 -35.63 -12.12
CA TRP D 506 -19.17 -36.97 -12.62
C TRP D 506 -19.62 -36.92 -14.10
N ARG D 507 -20.53 -35.99 -14.40
CA ARG D 507 -21.16 -35.88 -15.73
C ARG D 507 -20.11 -35.63 -16.83
N GLU D 508 -19.14 -34.77 -16.52
CA GLU D 508 -18.04 -34.45 -17.44
C GLU D 508 -17.08 -35.63 -17.60
N ALA D 509 -16.70 -36.26 -16.49
CA ALA D 509 -15.82 -37.44 -16.52
C ALA D 509 -16.38 -38.56 -17.41
N LEU D 510 -17.67 -38.83 -17.28
CA LEU D 510 -18.35 -39.81 -18.13
C LEU D 510 -18.04 -39.67 -19.62
N LYS D 511 -17.93 -38.42 -20.09
CA LYS D 511 -17.70 -38.10 -21.51
C LYS D 511 -16.34 -38.58 -22.05
N ARG D 512 -15.36 -38.76 -21.18
CA ARG D 512 -14.03 -39.23 -21.56
C ARG D 512 -13.83 -40.75 -21.41
N THR D 513 -14.89 -41.49 -21.03
CA THR D 513 -14.80 -42.95 -20.82
C THR D 513 -14.77 -43.80 -22.07
N LYS D 514 -15.42 -43.34 -23.15
CA LYS D 514 -15.54 -44.13 -24.41
C LYS D 514 -14.20 -44.56 -25.00
N TRP D 515 -14.06 -45.87 -25.29
CA TRP D 515 -12.75 -46.45 -25.65
C TRP D 515 -12.73 -47.74 -26.52
N ALA D 516 -13.73 -48.60 -26.44
CA ALA D 516 -13.65 -49.92 -27.13
C ALA D 516 -13.82 -49.82 -28.64
N LYS D 517 -13.43 -50.90 -29.35
CA LYS D 517 -13.37 -50.96 -30.81
C LYS D 517 -12.29 -50.00 -31.36
#